data_4RPU
#
_entry.id   4RPU
#
_cell.length_a   245.624
_cell.length_b   85.490
_cell.length_c   158.214
_cell.angle_alpha   90.00
_cell.angle_beta   127.53
_cell.angle_gamma   90.00
#
_symmetry.space_group_name_H-M   'C 1 2 1'
#
loop_
_entity.id
_entity.type
_entity.pdbx_description
1 polymer 'Presequence protease, mitochondrial'
2 polymer 'Presequence protease, mitochondrial'
3 non-polymer 'ZINC ION'
4 non-polymer [4-(diphenylmethyl)piperazin-1-yl](3-methyl-4-nitrophenyl)methanone
5 non-polymer GLYCEROL
6 non-polymer 'ACETATE ION'
7 non-polymer 'CALCIUM ION'
8 water water
#
loop_
_entity_poly.entity_id
_entity_poly.type
_entity_poly.pdbx_seq_one_letter_code
_entity_poly.pdbx_strand_id
1 'polypeptide(L)'
;MHHHHHHAAACERALQYKLGDKIHGFTVNQVTSVPELFLTAV(MLZ)LTHDDTGARYLHLAREDTNNLFSVQFRTTPMDS
TGVPHILQHTVL(CAS)GSQ(MLY)YPCRDPFFKMLNRSLSTFMNAFTASDYTLYPFSTQNP(MLY)DFQNLLSVYLDAT
FFPCLRELDFWQEGWRLEHENPSDPQTPLVFKGVVFNEM(MLZ)GAFTDNERIFSQHLQNRLLPDHTYSVVSGGDPLCIP
ELTWEQL(MLY)QFHATHYHPSNARFFTYGNFPLEQHL(MLY)QIHEEALS(MLY)FQ(MLY)IEPSTVVPAQTPWDKPR
EFQITCGPDSFATDPSKQTTVSVSFLLPDITDTFEAFTLSLLSSLLTSGPNSPFY(MLY)ALIESGLGTDFSPDVGYNGY
TREAYFSVGLQGIVEKDIETVRSLIDRTIDEVVEKGFEDDRIEALLH(MLY)IEIQM(MLZ)HQSTSFGLMLTSYIASCW
NHDGDPVELL(MLY)LGNQLAKFRQCLQENPKFLQE(MLY)VKQYFKNNQHKLTLSMRPDDKYHE(MLY)QAQVEAT
(MLY)LKQ(MLZ)VEALSPGDRQQIYE(MLY)GLELRSQQS(MLZ)PQDASCLPALKVSDIEPTIPVTELDVVLTAGDIP
VQYCAQPTNGMVYFRAFSSLNTLPEELRPYVPLFCSVLTKLGCGLLDYREQAQQIEL(MLY)TGGMSASPHVLPDDSHMD
TYEQGVLFSSLCLDRNLPDMMQLWSEIFNNPCFEEEEHF(MLY)VLV(MLY)MTAQELANGIPDSGHLYASIRAGRTLTP
AGDLQETFSGMDQVRLM(MLY)RIAEMTDI(MLY)PILR(MLY)LPRI(MLZ)KHLLNGDNMRCSVNATPQQMPQTE
(MLY)AVEDFLRSIGRSKKERRPVRPHTVEKPVPSSSGGDAHVPHGSQVIRKLVMEPTFKPWQM(MLY)THFLMPFPVNY
VGECIRTVPYTDPDHASL(MLZ)ILARLMTAKFLHTEIRE(MLY)GGAYGGGA(MLY)LSHNGIFTLYSYRDPNTIETLQ
SFG(MLZ)AVDWA(MLZ)SG(MLY)FTQQDIDEA(MLY)LSVFSTVDAPVAPSD(MLZ)GMDHFLYGLSDEMKQAHREQL
FAVSHD(MLZ)LLAVSDRYLGTGKSTHGLAILGPENPKIAKDPSWIIR
;
A
2 'polypeptide(L)'
;MHHHHHHAAACERALQY(MLY)LGDKIHGFTVNQVTSVPELFLTAV(MLZ)LTHDDTGARYLHLAREDTNNLFSVQFRTT
PMDSTGVPHILQHTVL(CAS)GSQ(MLY)YPCRDPFF(MLZ)MLNRSLSTFMNAFTASDYTLYPFSTQNPKDFQNLLSVY
LDATFFPCLRELDFWQEGWRLEHENPSDPQTPLVF(MLZ)GVVFNEMKGAFTDNERIFSQHLQNRLLPDHTYSVVSGGDP
LCIPELTWEQLKQFHATHYHPSNARFFTYGNFPLEQHL(MLY)QIHEEALS(MLY)FQ(MLY)IEPSTVVPAQTPWDKPR
EFQITCGPDSFATDPS(MLZ)QTTVSVSFLLPDITDTFEAFTLSLLSSLLTSGPNSPFY(MLY)ALIESGLGTDFSPDVG
YNGYTREAYFSVGLQGIVEKDIETVRSLIDRTIDEVVEKGFEDDRIEALLH(MLY)IEIQMKHQSTSFGLMLTSYIASCW
NHDGDPVELL(MLY)LGNQLAKFRQCLQENPKFLQE(MLY)V(MLZ)QYF(MLZ)NNQH(MLY)LTLSMRPDDKYHE
(MLY)QAQVEATKLKQ(MLY)VEALSPGDRQQIYE(MLY)GLELRSQQS(MLY)PQDASCLPALKVSDIEPTIPVTELDV
VLTAGDIPVQYCAQPTNGMVYFRAFSSLNTLPEELRPYVPLFCSVLT(MLZ)LGCGLLDYREQAQQIEL(MLY)TGGMSA
SPHVLPDDSHMDTYEQGVLFSSLCLDRNLPDMMQLWSEIFNNPCFEEEEHFKVLVKMTAQELANGIPDSGHLYASIRAGR
TLTPAGDLQETFSGMDQVRLM(MLY)RIAEMTDI(MLZ)PILR(MLZ)LPRI(MLZ)KHLLNGDNMRCSVNATPQQMPQT
EKAVEDFLRSIGRSKKERRPVRPHTVEKPVPSSSGGDAHVPHGSQVIRKLVMEPTFKPWQM(MLZ)THFLMPFPVNYVGE
CIRTVPYTDPDHASL(MLZ)ILARLMTAKFLHTEIRE(MLZ)GGAYGGGA(MLY)LSHNGIFTLYSYRDPNTIETLQSFG
(MLZ)AVDWA(MLY)SG(MLY)FTQQDIDEA(MLZ)LSVFSTVDAPVAPSD(MLY)GMDHFLYGLSDEM(MLY)QAHREQ
LFAVSHD(MLZ)LLAVSDRYLGTG(MLZ)STHGLAILGPENPKIAKDPSWIIR
;
B
#
loop_
_chem_comp.id
_chem_comp.type
_chem_comp.name
_chem_comp.formula
3UE non-polymer [4-(diphenylmethyl)piperazin-1-yl](3-methyl-4-nitrophenyl)methanone 'C25 H25 N3 O3'
ACT non-polymer 'ACETATE ION' 'C2 H3 O2 -1'
CA non-polymer 'CALCIUM ION' 'Ca 2'
GOL non-polymer GLYCEROL 'C3 H8 O3'
ZN non-polymer 'ZINC ION' 'Zn 2'
#
# COMPACT_ATOMS: atom_id res chain seq x y z
N ALA A 9 28.98 41.04 10.68
CA ALA A 9 29.41 39.80 10.03
C ALA A 9 29.78 38.75 11.07
N ALA A 10 29.72 37.49 10.67
CA ALA A 10 29.99 36.39 11.58
C ALA A 10 31.45 36.36 11.96
N CYS A 11 32.32 36.59 10.98
CA CYS A 11 33.75 36.42 11.23
C CYS A 11 34.26 37.53 12.12
N GLU A 12 33.52 38.64 12.16
CA GLU A 12 33.93 39.74 13.02
C GLU A 12 33.46 39.51 14.44
N ARG A 13 32.29 38.91 14.62
CA ARG A 13 31.84 38.58 15.96
C ARG A 13 32.72 37.52 16.60
N ALA A 14 33.19 36.57 15.80
CA ALA A 14 34.04 35.50 16.32
C ALA A 14 35.37 36.06 16.80
N LEU A 15 35.76 37.21 16.25
CA LEU A 15 36.99 37.88 16.67
C LEU A 15 36.88 38.43 18.09
N GLN A 16 35.68 38.47 18.62
CA GLN A 16 35.46 38.89 20.00
C GLN A 16 35.68 37.78 21.01
N TYR A 17 35.83 36.55 20.54
CA TYR A 17 36.16 35.46 21.45
C TYR A 17 37.57 35.66 21.98
N LYS A 18 37.79 35.32 23.24
CA LYS A 18 39.10 35.46 23.87
C LYS A 18 39.63 34.10 24.30
N LEU A 19 40.95 33.95 24.27
CA LEU A 19 41.60 32.76 24.81
C LEU A 19 41.14 32.55 26.25
N GLY A 20 40.72 31.33 26.56
CA GLY A 20 40.31 31.01 27.92
C GLY A 20 38.83 31.15 28.15
N ASP A 21 38.10 31.65 27.16
CA ASP A 21 36.64 31.71 27.27
C ASP A 21 36.04 30.33 27.47
N LYS A 22 35.10 30.22 28.40
CA LYS A 22 34.41 28.97 28.65
C LYS A 22 33.02 29.04 28.06
N ILE A 23 32.71 28.11 27.16
CA ILE A 23 31.39 28.08 26.57
C ILE A 23 30.83 26.66 26.58
N HIS A 24 29.80 26.43 27.36
CA HIS A 24 29.09 25.15 27.37
C HIS A 24 30.02 23.95 27.41
N GLY A 25 30.99 23.99 28.31
CA GLY A 25 31.86 22.84 28.52
C GLY A 25 33.11 22.86 27.68
N PHE A 26 33.21 23.86 26.80
CA PHE A 26 34.38 24.03 25.95
C PHE A 26 35.20 25.22 26.39
N THR A 27 36.48 25.18 26.05
CA THR A 27 37.37 26.30 26.28
C THR A 27 37.98 26.72 24.95
N VAL A 28 37.92 28.01 24.66
CA VAL A 28 38.55 28.57 23.47
C VAL A 28 40.05 28.56 23.60
N ASN A 29 40.73 27.92 22.67
CA ASN A 29 42.20 27.84 22.72
C ASN A 29 42.88 28.76 21.71
N GLN A 30 42.21 29.11 20.63
CA GLN A 30 42.84 29.93 19.60
C GLN A 30 41.77 30.62 18.74
N VAL A 31 42.06 31.86 18.38
CA VAL A 31 41.17 32.65 17.53
C VAL A 31 42.01 33.24 16.42
N THR A 32 41.72 32.86 15.19
CA THR A 32 42.57 33.26 14.08
C THR A 32 41.81 33.83 12.91
N SER A 33 42.15 35.05 12.54
CA SER A 33 41.55 35.67 11.38
C SER A 33 42.21 35.11 10.11
N VAL A 34 41.40 34.72 9.13
CA VAL A 34 41.92 34.25 7.86
C VAL A 34 41.26 35.04 6.75
N PRO A 35 41.71 36.28 6.55
CA PRO A 35 41.00 37.17 5.63
C PRO A 35 41.04 36.72 4.18
N GLU A 36 42.03 35.93 3.77
CA GLU A 36 42.02 35.47 2.39
C GLU A 36 40.85 34.53 2.13
N LEU A 37 40.24 33.99 3.18
CA LEU A 37 39.06 33.15 3.01
C LEU A 37 37.82 33.75 3.67
N PHE A 38 37.93 35.03 4.06
CA PHE A 38 36.83 35.74 4.69
C PHE A 38 36.25 35.03 5.92
N LEU A 39 37.12 34.51 6.78
CA LEU A 39 36.60 33.76 7.92
C LEU A 39 37.47 33.89 9.15
N THR A 40 36.90 33.57 10.30
CA THR A 40 37.66 33.54 11.54
C THR A 40 37.62 32.13 12.05
N ALA A 41 38.77 31.55 12.29
CA ALA A 41 38.86 30.20 12.81
C ALA A 41 38.91 30.21 14.33
N VAL A 42 38.05 29.42 14.96
CA VAL A 42 38.04 29.30 16.40
C VAL A 42 38.31 27.85 16.83
N MLZ A 43 39.41 27.64 17.54
CA MLZ A 43 39.77 26.34 18.02
CB MLZ A 43 41.28 26.24 18.09
CG MLZ A 43 41.95 25.90 16.77
CD MLZ A 43 43.02 24.86 17.04
CE MLZ A 43 44.33 25.26 16.39
NZ MLZ A 43 45.43 24.70 17.12
CM MLZ A 43 45.54 23.30 16.90
C MLZ A 43 39.30 26.17 19.45
O MLZ A 43 39.60 27.04 20.30
N LEU A 44 38.59 25.10 19.75
CA LEU A 44 38.21 24.81 21.13
C LEU A 44 38.46 23.35 21.47
N THR A 45 38.45 23.04 22.76
CA THR A 45 38.53 21.69 23.25
C THR A 45 37.47 21.52 24.34
N HIS A 46 36.77 20.40 24.31
CA HIS A 46 35.79 20.08 25.35
C HIS A 46 36.55 19.69 26.61
N ASP A 47 36.25 20.36 27.72
CA ASP A 47 37.04 20.23 28.94
C ASP A 47 37.08 18.82 29.53
N ASP A 48 35.93 18.18 29.60
CA ASP A 48 35.89 16.87 30.26
C ASP A 48 36.38 15.73 29.37
N THR A 49 36.13 15.79 28.07
CA THR A 49 36.48 14.69 27.18
C THR A 49 37.75 14.94 26.37
N GLY A 50 38.11 16.22 26.21
CA GLY A 50 39.25 16.61 25.40
C GLY A 50 38.96 16.65 23.91
N ALA A 51 37.69 16.50 23.54
CA ALA A 51 37.30 16.50 22.14
C ALA A 51 37.68 17.81 21.45
N ARG A 52 38.24 17.70 20.25
CA ARG A 52 38.66 18.88 19.50
C ARG A 52 37.53 19.50 18.70
N TYR A 53 37.55 20.82 18.60
CA TYR A 53 36.52 21.56 17.89
C TYR A 53 37.11 22.64 16.99
N LEU A 54 36.58 22.75 15.79
CA LEU A 54 36.95 23.83 14.92
C LEU A 54 35.71 24.52 14.39
N HIS A 55 35.56 25.78 14.72
CA HIS A 55 34.48 26.57 14.15
C HIS A 55 35.06 27.60 13.18
N LEU A 56 34.50 27.63 11.98
CA LEU A 56 34.91 28.59 10.98
C LEU A 56 33.77 29.58 10.76
N ALA A 57 33.90 30.75 11.38
CA ALA A 57 32.89 31.77 11.26
C ALA A 57 33.01 32.55 9.94
N ARG A 58 31.95 32.52 9.14
CA ARG A 58 31.95 33.20 7.86
C ARG A 58 30.52 33.57 7.46
N GLU A 59 30.34 34.70 6.79
CA GLU A 59 29.00 35.12 6.38
C GLU A 59 28.49 34.26 5.25
N ASP A 60 28.07 33.06 5.59
CA ASP A 60 27.54 32.11 4.63
C ASP A 60 26.35 31.46 5.30
N THR A 61 25.17 31.62 4.70
CA THR A 61 23.94 31.07 5.26
C THR A 61 23.84 29.56 5.10
N ASN A 62 24.65 29.00 4.22
CA ASN A 62 24.71 27.55 4.09
C ASN A 62 25.67 26.96 5.10
N ASN A 63 25.16 26.71 6.31
CA ASN A 63 25.95 26.20 7.44
C ASN A 63 26.16 24.69 7.40
N LEU A 64 27.31 24.25 7.89
CA LEU A 64 27.61 22.84 7.90
C LEU A 64 28.10 22.36 9.26
N PHE A 65 27.67 21.16 9.61
CA PHE A 65 28.23 20.41 10.71
C PHE A 65 28.86 19.12 10.20
N SER A 66 29.95 18.71 10.84
CA SER A 66 30.45 17.36 10.67
C SER A 66 31.08 16.86 11.97
N VAL A 67 30.99 15.56 12.21
CA VAL A 67 31.80 14.91 13.22
C VAL A 67 32.67 13.86 12.54
N GLN A 68 33.91 13.73 13.00
CA GLN A 68 34.90 12.83 12.42
C GLN A 68 35.45 11.89 13.48
N PHE A 69 35.59 10.62 13.15
CA PHE A 69 36.18 9.64 14.06
C PHE A 69 37.40 8.99 13.41
N ARG A 70 38.47 8.79 14.18
CA ARG A 70 39.60 8.02 13.68
C ARG A 70 39.26 6.53 13.77
N THR A 71 39.11 5.91 12.61
CA THR A 71 38.67 4.53 12.52
C THR A 71 39.74 3.70 11.82
N THR A 72 40.33 2.75 12.54
CA THR A 72 41.50 2.05 12.04
C THR A 72 41.26 0.55 11.94
N PRO A 73 40.61 0.11 10.85
CA PRO A 73 40.33 -1.31 10.68
C PRO A 73 41.62 -2.11 10.53
N MET A 74 41.63 -3.32 11.07
CA MET A 74 42.78 -4.20 10.93
C MET A 74 42.46 -5.44 10.09
N ASP A 75 41.36 -5.37 9.34
CA ASP A 75 41.05 -6.40 8.35
C ASP A 75 40.20 -5.83 7.22
N SER A 76 39.87 -6.66 6.23
CA SER A 76 39.17 -6.17 5.06
C SER A 76 37.69 -6.50 5.10
N THR A 77 37.14 -6.64 6.29
CA THR A 77 35.72 -6.94 6.45
C THR A 77 34.88 -5.73 6.04
N GLY A 78 35.47 -4.56 6.08
CA GLY A 78 34.72 -3.34 5.82
C GLY A 78 33.94 -2.86 7.02
N VAL A 79 34.35 -3.28 8.21
CA VAL A 79 33.62 -3.00 9.43
C VAL A 79 33.40 -1.47 9.65
N PRO A 80 34.40 -0.62 9.33
CA PRO A 80 34.12 0.81 9.53
C PRO A 80 33.06 1.35 8.58
N HIS A 81 33.04 0.81 7.36
CA HIS A 81 32.08 1.19 6.36
C HIS A 81 30.69 0.70 6.72
N ILE A 82 30.61 -0.56 7.13
CA ILE A 82 29.33 -1.13 7.53
C ILE A 82 28.81 -0.49 8.83
N LEU A 83 29.69 -0.19 9.78
CA LEU A 83 29.25 0.51 10.98
C LEU A 83 28.67 1.90 10.67
N GLN A 84 29.31 2.59 9.73
CA GLN A 84 28.83 3.89 9.28
C GLN A 84 27.39 3.81 8.74
N HIS A 85 27.10 2.77 7.97
CA HIS A 85 25.72 2.55 7.50
C HIS A 85 24.77 2.25 8.64
N THR A 86 25.24 1.42 9.58
CA THR A 86 24.37 0.91 10.63
C THR A 86 24.03 1.92 11.73
N VAL A 87 24.92 2.85 12.05
CA VAL A 87 24.62 3.80 13.11
C VAL A 87 23.46 4.70 12.70
N LEU A 88 23.22 4.78 11.38
CA LEU A 88 22.16 5.63 10.84
C LEU A 88 20.82 4.93 10.80
N CAS A 89 20.76 3.74 11.40
CA CAS A 89 19.60 2.88 11.31
CB CAS A 89 20.10 1.48 11.20
C CAS A 89 18.67 2.96 12.53
O CAS A 89 17.59 2.28 12.53
SG CAS A 89 20.43 1.12 9.51
AS CAS A 89 18.41 1.29 8.44
CE1 CAS A 89 18.74 1.95 6.63
CE2 CAS A 89 17.62 -0.46 8.34
N GLY A 90 19.06 3.71 13.55
CA GLY A 90 18.23 3.90 14.74
C GLY A 90 19.13 4.16 15.92
N SER A 91 18.68 5.04 16.83
CA SER A 91 19.48 5.39 18.01
C SER A 91 18.60 5.50 19.26
N GLN A 92 19.24 5.70 20.41
CA GLN A 92 18.52 5.65 21.69
C GLN A 92 17.39 6.67 21.79
N MLY A 93 17.64 7.87 21.27
CA MLY A 93 16.64 8.94 21.28
CB MLY A 93 17.34 10.30 21.30
CG MLY A 93 16.44 11.51 21.40
CD MLY A 93 17.26 12.77 21.53
CE MLY A 93 16.43 14.02 21.54
NZ MLY A 93 17.28 15.25 21.45
CH1 MLY A 93 16.38 16.36 21.19
CH2 MLY A 93 17.86 15.48 22.78
C MLY A 93 15.70 8.84 20.09
O MLY A 93 14.58 9.30 20.14
N TYR A 94 16.19 8.25 18.99
CA TYR A 94 15.37 8.07 17.80
C TYR A 94 15.43 6.62 17.40
N PRO A 95 14.76 5.75 18.18
CA PRO A 95 14.84 4.29 18.05
C PRO A 95 14.04 3.71 16.89
N CYS A 96 13.27 4.54 16.22
CA CYS A 96 12.49 4.07 15.10
C CYS A 96 13.45 3.66 14.01
N ARG A 97 12.94 2.97 13.01
CA ARG A 97 13.78 2.46 11.95
C ARG A 97 14.24 3.57 10.99
N ASP A 98 15.54 3.56 10.71
CA ASP A 98 16.14 4.43 9.72
C ASP A 98 15.86 5.93 9.90
N PRO A 99 16.38 6.51 10.99
CA PRO A 99 16.26 7.95 11.24
C PRO A 99 16.86 8.80 10.12
N PHE A 100 18.00 8.37 9.59
CA PHE A 100 18.70 9.14 8.56
C PHE A 100 17.91 9.32 7.26
N PHE A 101 17.45 8.22 6.67
CA PHE A 101 16.72 8.32 5.41
C PHE A 101 15.40 9.05 5.62
N LYS A 102 14.79 8.86 6.77
CA LYS A 102 13.56 9.56 7.07
C LYS A 102 13.81 11.06 7.18
N MET A 103 14.89 11.46 7.84
CA MET A 103 15.19 12.88 7.98
C MET A 103 15.48 13.56 6.65
N LEU A 104 15.92 12.80 5.64
CA LEU A 104 16.11 13.33 4.29
C LEU A 104 14.84 13.99 3.77
N ASN A 105 13.69 13.49 4.21
CA ASN A 105 12.43 14.02 3.72
C ASN A 105 11.70 14.88 4.76
N ARG A 106 12.38 15.21 5.85
CA ARG A 106 11.80 16.06 6.89
C ARG A 106 12.64 17.32 7.11
N SER A 107 13.40 17.69 6.09
CA SER A 107 14.44 18.69 6.22
C SER A 107 14.49 19.53 4.97
N LEU A 108 15.16 20.69 5.05
CA LEU A 108 15.48 21.48 3.88
C LEU A 108 16.99 21.47 3.66
N SER A 109 17.63 20.36 4.00
CA SER A 109 19.08 20.28 3.95
C SER A 109 19.62 20.54 2.55
N THR A 110 20.83 21.10 2.49
CA THR A 110 21.53 21.26 1.23
C THR A 110 22.49 20.08 1.00
N PHE A 111 22.75 19.30 2.05
CA PHE A 111 23.60 18.11 1.95
C PHE A 111 23.45 17.26 3.21
N MET A 112 23.27 15.96 3.02
CA MET A 112 23.13 15.02 4.15
C MET A 112 23.77 13.71 3.73
N ASN A 113 24.84 13.31 4.40
CA ASN A 113 25.46 12.03 4.09
C ASN A 113 26.66 11.73 5.00
N ALA A 114 27.23 10.54 4.81
CA ALA A 114 28.37 10.09 5.56
C ALA A 114 29.28 9.32 4.64
N PHE A 115 30.56 9.25 4.98
CA PHE A 115 31.45 8.40 4.23
C PHE A 115 32.66 7.96 5.04
N THR A 116 33.29 6.90 4.53
CA THR A 116 34.38 6.21 5.20
C THR A 116 35.62 6.27 4.33
N ALA A 117 36.62 6.98 4.82
CA ALA A 117 37.94 6.98 4.22
C ALA A 117 38.71 5.80 4.81
N SER A 118 39.98 5.67 4.47
CA SER A 118 40.79 4.56 4.96
C SER A 118 40.87 4.49 6.50
N ASP A 119 41.03 5.63 7.16
CA ASP A 119 41.19 5.60 8.61
C ASP A 119 40.41 6.67 9.35
N TYR A 120 39.36 7.18 8.72
CA TYR A 120 38.40 8.02 9.41
C TYR A 120 37.04 7.90 8.77
N THR A 121 36.02 8.25 9.53
CA THR A 121 34.66 8.25 9.07
C THR A 121 34.11 9.63 9.37
N LEU A 122 33.43 10.21 8.40
CA LEU A 122 33.01 11.60 8.47
C LEU A 122 31.50 11.75 8.28
N TYR A 123 30.86 12.50 9.17
CA TYR A 123 29.41 12.67 9.15
C TYR A 123 28.98 14.13 8.97
N PRO A 124 28.86 14.59 7.73
CA PRO A 124 28.47 15.98 7.54
C PRO A 124 27.05 16.21 7.04
N PHE A 125 26.48 17.34 7.43
CA PHE A 125 25.26 17.85 6.83
C PHE A 125 25.34 19.36 6.74
N SER A 126 24.50 19.94 5.90
CA SER A 126 24.45 21.38 5.79
C SER A 126 23.03 21.84 5.50
N THR A 127 22.76 23.08 5.85
CA THR A 127 21.43 23.63 5.66
C THR A 127 21.47 25.14 5.83
N GLN A 128 20.51 25.83 5.23
CA GLN A 128 20.37 27.28 5.37
C GLN A 128 19.26 27.66 6.34
N ASN A 129 18.62 26.67 6.95
CA ASN A 129 17.61 26.90 7.96
C ASN A 129 18.17 26.55 9.33
N PRO A 130 18.18 27.52 10.26
CA PRO A 130 18.80 27.36 11.59
C PRO A 130 18.06 26.36 12.48
N MLY A 131 16.76 26.23 12.31
CA MLY A 131 16.01 25.25 13.06
CB MLY A 131 14.52 25.57 13.03
CG MLY A 131 13.64 24.52 13.67
CD MLY A 131 14.00 24.31 15.12
CE MLY A 131 13.20 23.17 15.72
NZ MLY A 131 13.40 23.04 17.19
CH1 MLY A 131 12.54 21.92 17.61
CH2 MLY A 131 14.79 22.62 17.41
C MLY A 131 16.28 23.83 12.53
O MLY A 131 16.48 22.89 13.29
N ASP A 132 16.28 23.70 11.21
CA ASP A 132 16.68 22.49 10.53
C ASP A 132 18.06 22.03 11.01
N PHE A 133 18.97 22.97 11.18
CA PHE A 133 20.33 22.68 11.61
C PHE A 133 20.33 22.02 13.00
N GLN A 134 19.54 22.56 13.93
CA GLN A 134 19.42 21.99 15.26
C GLN A 134 18.84 20.58 15.20
N ASN A 135 17.81 20.41 14.37
CA ASN A 135 17.18 19.11 14.22
C ASN A 135 18.17 18.06 13.76
N LEU A 136 18.93 18.39 12.72
CA LEU A 136 19.87 17.46 12.14
C LEU A 136 21.03 17.19 13.07
N LEU A 137 21.43 18.19 13.84
CA LEU A 137 22.50 18.02 14.79
C LEU A 137 22.10 16.98 15.84
N SER A 138 20.86 17.06 16.32
CA SER A 138 20.37 16.06 17.28
C SER A 138 20.37 14.65 16.71
N VAL A 139 19.85 14.49 15.51
CA VAL A 139 19.82 13.18 14.90
C VAL A 139 21.22 12.63 14.66
N TYR A 140 22.12 13.48 14.19
CA TYR A 140 23.50 13.08 13.91
C TYR A 140 24.27 12.72 15.18
N LEU A 141 24.11 13.52 16.24
CA LEU A 141 24.80 13.26 17.50
C LEU A 141 24.33 11.95 18.11
N ASP A 142 23.03 11.69 18.03
CA ASP A 142 22.50 10.48 18.60
C ASP A 142 22.90 9.21 17.81
N ALA A 143 22.90 9.31 16.49
CA ALA A 143 23.29 8.20 15.64
C ALA A 143 24.71 7.78 15.94
N THR A 144 25.60 8.76 15.97
CA THR A 144 27.01 8.44 16.06
C THR A 144 27.39 7.97 17.44
N PHE A 145 26.82 8.59 18.47
CA PHE A 145 27.23 8.27 19.83
C PHE A 145 26.36 7.26 20.55
N PHE A 146 25.08 7.18 20.21
CA PHE A 146 24.18 6.23 20.88
C PHE A 146 23.35 5.42 19.90
N PRO A 147 23.98 4.74 18.94
CA PRO A 147 23.21 3.94 17.98
C PRO A 147 22.62 2.69 18.62
N CYS A 148 21.51 2.20 18.07
CA CYS A 148 20.94 0.94 18.55
C CYS A 148 21.78 -0.26 18.10
N LEU A 149 22.36 -0.16 16.89
CA LEU A 149 23.13 -1.25 16.30
C LEU A 149 22.39 -2.59 16.41
N ARG A 150 21.15 -2.61 15.94
CA ARG A 150 20.34 -3.84 15.97
C ARG A 150 20.90 -4.90 15.02
N GLU A 151 20.79 -6.16 15.39
CA GLU A 151 21.37 -7.23 14.58
C GLU A 151 20.84 -7.22 13.16
N LEU A 152 19.55 -7.02 13.00
CA LEU A 152 18.91 -7.13 11.69
C LEU A 152 19.17 -5.92 10.81
N ASP A 153 19.54 -4.79 11.42
CA ASP A 153 19.92 -3.61 10.64
C ASP A 153 21.28 -3.86 10.01
N PHE A 154 22.15 -4.49 10.78
CA PHE A 154 23.45 -4.96 10.29
C PHE A 154 23.24 -6.00 9.18
N TRP A 155 22.27 -6.90 9.32
CA TRP A 155 21.99 -7.87 8.27
C TRP A 155 21.56 -7.18 6.97
N GLN A 156 20.81 -6.11 7.09
CA GLN A 156 20.38 -5.38 5.90
C GLN A 156 21.52 -4.62 5.23
N GLU A 157 22.26 -3.84 6.01
CA GLU A 157 23.24 -2.91 5.47
C GLU A 157 24.55 -3.59 5.12
N GLY A 158 24.91 -4.62 5.88
CA GLY A 158 26.20 -5.25 5.74
C GLY A 158 26.15 -6.49 4.88
N TRP A 159 25.91 -7.63 5.53
CA TRP A 159 25.73 -8.88 4.80
C TRP A 159 24.83 -9.83 5.61
N ARG A 160 24.22 -10.78 4.94
CA ARG A 160 23.40 -11.77 5.61
C ARG A 160 23.23 -12.98 4.72
N LEU A 161 22.91 -14.12 5.33
CA LEU A 161 22.40 -15.27 4.59
C LEU A 161 20.88 -15.16 4.52
N GLU A 162 20.33 -15.37 3.33
CA GLU A 162 18.90 -15.23 3.15
C GLU A 162 18.39 -16.21 2.10
N HIS A 163 17.26 -16.83 2.40
CA HIS A 163 16.56 -17.66 1.43
C HIS A 163 16.11 -16.79 0.26
N GLU A 164 16.22 -17.33 -0.95
CA GLU A 164 15.74 -16.65 -2.13
C GLU A 164 14.29 -16.23 -1.96
N ASN A 165 13.51 -17.07 -1.29
CA ASN A 165 12.19 -16.68 -0.79
C ASN A 165 12.18 -16.77 0.73
N PRO A 166 12.28 -15.61 1.41
CA PRO A 166 12.37 -15.52 2.87
C PRO A 166 11.28 -16.30 3.62
N SER A 167 10.11 -16.45 3.03
CA SER A 167 9.02 -17.18 3.70
C SER A 167 8.97 -18.66 3.30
N ASP A 168 9.93 -19.10 2.49
CA ASP A 168 10.02 -20.51 2.08
C ASP A 168 11.43 -20.83 2.60
N PRO A 169 11.51 -21.84 3.44
CA PRO A 169 12.80 -22.26 4.03
C PRO A 169 13.42 -23.35 3.19
N GLN A 170 12.72 -23.78 2.14
CA GLN A 170 13.24 -24.82 1.27
C GLN A 170 13.98 -24.23 0.07
N THR A 171 13.89 -22.91 -0.10
CA THR A 171 14.66 -22.24 -1.14
C THR A 171 16.11 -22.04 -0.68
N PRO A 172 17.05 -21.99 -1.62
CA PRO A 172 18.49 -21.89 -1.32
C PRO A 172 18.88 -20.59 -0.61
N LEU A 173 19.93 -20.67 0.20
CA LEU A 173 20.48 -19.54 0.91
C LEU A 173 21.49 -18.80 0.04
N VAL A 174 21.36 -17.48 -0.02
CA VAL A 174 22.31 -16.67 -0.77
C VAL A 174 22.85 -15.52 0.07
N PHE A 175 23.93 -14.91 -0.38
CA PHE A 175 24.46 -13.70 0.25
C PHE A 175 23.65 -12.48 -0.16
N LYS A 176 23.40 -11.60 0.79
CA LYS A 176 22.75 -10.32 0.52
C LYS A 176 23.34 -9.24 1.43
N GLY A 177 23.17 -7.97 1.03
CA GLY A 177 23.61 -6.84 1.83
C GLY A 177 23.84 -5.61 0.99
N VAL A 178 23.53 -4.43 1.52
CA VAL A 178 23.73 -3.21 0.77
C VAL A 178 25.22 -2.94 0.49
N VAL A 179 26.03 -2.89 1.54
CA VAL A 179 27.46 -2.61 1.36
C VAL A 179 28.14 -3.71 0.56
N PHE A 180 27.65 -4.93 0.75
CA PHE A 180 28.11 -6.08 -0.02
C PHE A 180 28.07 -5.78 -1.51
N ASN A 181 26.95 -5.26 -1.98
CA ASN A 181 26.83 -4.93 -3.38
C ASN A 181 27.46 -3.60 -3.74
N GLU A 182 27.49 -2.69 -2.76
CA GLU A 182 28.12 -1.40 -2.95
C GLU A 182 29.60 -1.59 -3.31
N MET A 183 30.27 -2.48 -2.60
CA MET A 183 31.69 -2.70 -2.82
C MET A 183 31.96 -3.55 -4.08
N MLZ A 184 31.07 -4.48 -4.39
CA MLZ A 184 31.16 -5.21 -5.61
CB MLZ A 184 29.97 -6.14 -5.77
CG MLZ A 184 30.20 -7.44 -5.03
CD MLZ A 184 28.91 -8.23 -4.98
CE MLZ A 184 29.13 -9.64 -5.51
NZ MLZ A 184 28.06 -10.47 -5.06
CM MLZ A 184 28.03 -11.67 -5.83
C MLZ A 184 31.15 -4.23 -6.77
O MLZ A 184 31.88 -4.41 -7.77
N GLY A 185 30.35 -3.17 -6.63
CA GLY A 185 30.23 -2.17 -7.67
C GLY A 185 31.41 -1.23 -7.71
N ALA A 186 31.92 -0.85 -6.54
CA ALA A 186 33.09 0.01 -6.47
C ALA A 186 34.28 -0.65 -7.17
N PHE A 187 34.44 -1.95 -6.96
CA PHE A 187 35.56 -2.66 -7.56
C PHE A 187 35.19 -3.23 -8.94
N THR A 188 34.08 -2.77 -9.50
CA THR A 188 33.81 -2.93 -10.93
C THR A 188 34.63 -1.89 -11.70
N ASP A 189 35.02 -0.83 -11.01
CA ASP A 189 35.92 0.19 -11.53
C ASP A 189 37.35 -0.32 -11.37
N ASN A 190 38.01 -0.65 -12.48
CA ASN A 190 39.35 -1.24 -12.42
C ASN A 190 40.41 -0.26 -11.90
N GLU A 191 40.18 1.04 -12.09
CA GLU A 191 41.08 2.05 -11.54
C GLU A 191 41.05 2.04 -10.02
N ARG A 192 39.87 1.75 -9.48
CA ARG A 192 39.66 1.63 -8.04
C ARG A 192 40.37 0.40 -7.46
N ILE A 193 40.39 -0.69 -8.23
CA ILE A 193 41.19 -1.85 -7.87
C ILE A 193 42.67 -1.53 -7.76
N PHE A 194 43.19 -0.87 -8.80
CA PHE A 194 44.61 -0.52 -8.86
C PHE A 194 44.96 0.41 -7.68
N SER A 195 44.10 1.39 -7.49
CA SER A 195 44.27 2.38 -6.45
C SER A 195 44.29 1.75 -5.06
N GLN A 196 43.38 0.81 -4.82
CA GLN A 196 43.32 0.11 -3.55
C GLN A 196 44.60 -0.67 -3.28
N HIS A 197 45.06 -1.43 -4.27
CA HIS A 197 46.27 -2.24 -4.13
C HIS A 197 47.51 -1.39 -3.96
N LEU A 198 47.56 -0.25 -4.63
CA LEU A 198 48.69 0.64 -4.52
C LEU A 198 48.89 1.02 -3.06
N GLN A 199 47.86 1.56 -2.44
CA GLN A 199 47.92 1.96 -1.05
C GLN A 199 48.25 0.78 -0.13
N ASN A 200 47.62 -0.37 -0.37
CA ASN A 200 47.80 -1.53 0.49
C ASN A 200 49.25 -2.04 0.46
N ARG A 201 49.86 -2.01 -0.72
CA ARG A 201 51.24 -2.47 -0.87
C ARG A 201 52.29 -1.46 -0.42
N LEU A 202 52.00 -0.17 -0.59
CA LEU A 202 52.96 0.87 -0.25
C LEU A 202 53.04 1.11 1.25
N LEU A 203 51.94 0.84 1.93
CA LEU A 203 51.81 1.07 3.36
C LEU A 203 51.37 -0.21 4.02
N PRO A 204 52.26 -1.22 4.04
CA PRO A 204 51.78 -2.55 4.39
C PRO A 204 51.71 -2.86 5.89
N ASP A 205 52.22 -1.97 6.74
CA ASP A 205 52.45 -2.34 8.13
C ASP A 205 51.35 -2.11 9.16
N HIS A 206 50.19 -1.64 8.73
CA HIS A 206 49.18 -1.23 9.70
C HIS A 206 47.88 -1.05 8.92
N THR A 207 46.92 -0.34 9.51
CA THR A 207 45.61 -0.17 8.91
C THR A 207 45.54 0.07 7.40
N TYR A 208 46.52 0.77 6.83
CA TYR A 208 46.47 1.11 5.42
C TYR A 208 46.67 -0.10 4.48
N SER A 209 47.00 -1.26 5.05
CA SER A 209 47.21 -2.46 4.26
C SER A 209 45.90 -3.21 3.95
N VAL A 210 44.80 -2.79 4.54
CA VAL A 210 43.53 -3.49 4.38
C VAL A 210 42.55 -2.72 3.49
N VAL A 211 41.45 -3.38 3.12
CA VAL A 211 40.41 -2.73 2.33
C VAL A 211 39.37 -2.15 3.27
N SER A 212 39.49 -0.86 3.55
CA SER A 212 38.67 -0.24 4.57
C SER A 212 37.18 -0.27 4.22
N GLY A 213 36.85 -0.15 2.94
CA GLY A 213 35.47 -0.16 2.50
C GLY A 213 34.84 -1.54 2.58
N GLY A 214 35.69 -2.57 2.58
CA GLY A 214 35.24 -3.95 2.55
C GLY A 214 35.59 -4.65 1.25
N ASP A 215 36.44 -5.66 1.36
CA ASP A 215 36.67 -6.59 0.26
C ASP A 215 35.49 -7.53 0.22
N PRO A 216 34.76 -7.54 -0.90
CA PRO A 216 33.55 -8.35 -0.98
C PRO A 216 33.76 -9.81 -0.55
N LEU A 217 34.92 -10.39 -0.82
CA LEU A 217 35.18 -11.78 -0.42
C LEU A 217 35.42 -11.92 1.08
N CYS A 218 35.66 -10.82 1.78
CA CYS A 218 35.95 -10.84 3.21
C CYS A 218 34.82 -10.32 4.08
N ILE A 219 33.89 -9.60 3.47
CA ILE A 219 32.80 -8.98 4.20
C ILE A 219 31.96 -9.97 5.01
N PRO A 220 31.70 -11.18 4.47
CA PRO A 220 30.96 -12.15 5.27
C PRO A 220 31.71 -12.70 6.48
N GLU A 221 32.95 -12.26 6.69
CA GLU A 221 33.67 -12.63 7.89
C GLU A 221 33.28 -11.72 9.06
N LEU A 222 32.56 -10.65 8.78
CA LEU A 222 32.21 -9.69 9.84
C LEU A 222 31.07 -10.22 10.71
N THR A 223 31.25 -10.18 12.02
CA THR A 223 30.20 -10.59 12.94
C THR A 223 29.58 -9.38 13.63
N TRP A 224 28.37 -9.58 14.14
CA TRP A 224 27.64 -8.55 14.87
C TRP A 224 28.43 -8.01 16.05
N GLU A 225 29.11 -8.90 16.78
CA GLU A 225 29.93 -8.50 17.92
C GLU A 225 31.15 -7.69 17.51
N GLN A 226 31.78 -8.07 16.40
CA GLN A 226 32.89 -7.29 15.87
C GLN A 226 32.45 -5.87 15.52
N LEU A 227 31.25 -5.76 14.94
CA LEU A 227 30.69 -4.45 14.61
C LEU A 227 30.50 -3.57 15.85
N MLY A 228 29.94 -4.13 16.93
CA MLY A 228 29.65 -3.39 18.14
CB MLY A 228 28.73 -4.18 19.07
CG MLY A 228 27.25 -4.20 18.64
CD MLY A 228 26.38 -4.81 19.73
CE MLY A 228 26.64 -6.31 19.85
NZ MLY A 228 25.81 -6.96 20.92
CH1 MLY A 228 25.92 -8.41 20.69
CH2 MLY A 228 26.49 -6.68 22.19
C MLY A 228 30.93 -3.00 18.87
O MLY A 228 31.03 -1.91 19.43
N GLN A 229 31.89 -3.91 18.88
CA GLN A 229 33.18 -3.65 19.50
C GLN A 229 33.89 -2.48 18.79
N PHE A 230 33.84 -2.48 17.47
CA PHE A 230 34.49 -1.45 16.69
C PHE A 230 33.86 -0.10 17.00
N HIS A 231 32.55 -0.07 17.25
CA HIS A 231 31.93 1.18 17.64
C HIS A 231 32.43 1.61 19.02
N ALA A 232 32.54 0.66 19.94
CA ALA A 232 32.97 0.97 21.30
C ALA A 232 34.38 1.55 21.33
N THR A 233 35.24 1.04 20.47
CA THR A 233 36.64 1.45 20.46
C THR A 233 36.87 2.79 19.77
N HIS A 234 36.02 3.13 18.80
CA HIS A 234 36.28 4.29 17.95
C HIS A 234 35.29 5.44 18.06
N TYR A 235 34.10 5.21 18.59
CA TYR A 235 33.10 6.27 18.59
C TYR A 235 32.96 7.11 19.86
N HIS A 236 34.04 7.13 20.64
CA HIS A 236 34.14 7.97 21.80
C HIS A 236 34.57 9.39 21.43
N PRO A 237 33.99 10.40 22.08
CA PRO A 237 34.30 11.79 21.72
C PRO A 237 35.80 12.17 21.85
N SER A 238 36.55 11.46 22.68
CA SER A 238 37.99 11.69 22.77
C SER A 238 38.70 11.28 21.48
N ASN A 239 38.00 10.50 20.65
CA ASN A 239 38.52 10.05 19.38
C ASN A 239 37.88 10.82 18.21
N ALA A 240 37.24 11.95 18.52
CA ALA A 240 36.46 12.69 17.53
C ALA A 240 36.99 14.11 17.24
N ARG A 241 36.63 14.63 16.08
CA ARG A 241 36.86 16.05 15.73
C ARG A 241 35.53 16.65 15.31
N PHE A 242 35.11 17.75 15.95
CA PHE A 242 33.86 18.41 15.61
C PHE A 242 34.11 19.67 14.79
N PHE A 243 33.28 19.87 13.78
CA PHE A 243 33.47 20.96 12.84
C PHE A 243 32.17 21.67 12.53
N THR A 244 32.16 23.00 12.65
CA THR A 244 31.03 23.78 12.14
C THR A 244 31.51 24.96 11.29
N TYR A 245 30.64 25.41 10.39
CA TYR A 245 30.98 26.45 9.46
C TYR A 245 29.76 27.29 9.15
N GLY A 246 29.94 28.60 9.05
CA GLY A 246 28.87 29.48 8.61
C GLY A 246 28.51 30.58 9.59
N ASN A 247 27.33 31.19 9.40
CA ASN A 247 26.96 32.36 10.18
C ASN A 247 26.02 32.08 11.34
N PHE A 248 25.53 30.85 11.48
CA PHE A 248 24.76 30.49 12.66
C PHE A 248 25.67 30.55 13.87
N PRO A 249 25.18 31.14 14.97
CA PRO A 249 25.95 31.30 16.21
C PRO A 249 26.50 29.99 16.79
N LEU A 250 27.78 30.04 17.15
CA LEU A 250 28.51 28.90 17.67
C LEU A 250 27.98 28.40 19.01
N GLU A 251 27.51 29.33 19.86
CA GLU A 251 27.06 28.98 21.21
C GLU A 251 26.01 27.89 21.21
N GLN A 252 25.04 28.01 20.31
CA GLN A 252 23.98 27.02 20.18
C GLN A 252 24.50 25.63 19.80
N HIS A 253 25.49 25.55 18.91
CA HIS A 253 26.07 24.26 18.51
C HIS A 253 26.71 23.60 19.70
N LEU A 254 27.56 24.36 20.39
CA LEU A 254 28.29 23.84 21.54
C LEU A 254 27.35 23.37 22.63
N MLY A 255 26.25 24.09 22.81
CA MLY A 255 25.26 23.74 23.83
CB MLY A 255 24.15 24.79 23.88
CG MLY A 255 23.07 24.50 24.91
CD MLY A 255 21.99 25.59 24.94
CE MLY A 255 21.16 25.52 26.21
NZ MLY A 255 20.41 24.25 26.33
CH1 MLY A 255 19.56 24.33 27.53
CH2 MLY A 255 19.53 24.16 25.16
C MLY A 255 24.68 22.36 23.58
O MLY A 255 24.64 21.52 24.47
N GLN A 256 24.21 22.12 22.34
CA GLN A 256 23.67 20.81 21.96
C GLN A 256 24.70 19.70 22.09
N ILE A 257 25.89 19.95 21.58
CA ILE A 257 26.92 18.93 21.52
C ILE A 257 27.30 18.50 22.93
N HIS A 258 27.41 19.46 23.85
CA HIS A 258 27.70 19.12 25.24
C HIS A 258 26.52 18.42 25.92
N GLU A 259 25.34 18.99 25.79
CA GLU A 259 24.18 18.53 26.55
C GLU A 259 23.56 17.24 26.02
N GLU A 260 23.65 17.02 24.72
CA GLU A 260 23.03 15.85 24.12
C GLU A 260 24.07 14.74 24.26
N ALA A 261 25.30 14.97 23.81
CA ALA A 261 26.29 13.88 23.75
C ALA A 261 27.44 13.83 24.77
N LEU A 262 28.23 14.88 24.86
CA LEU A 262 29.62 14.81 25.35
C LEU A 262 29.55 14.77 26.86
N SER A 263 28.48 15.30 27.45
CA SER A 263 28.35 15.31 28.90
C SER A 263 28.16 13.91 29.47
N MLY A 264 27.87 12.94 28.62
CA MLY A 264 27.68 11.57 29.07
CB MLY A 264 26.70 10.82 28.15
CG MLY A 264 25.25 11.25 28.27
CD MLY A 264 24.97 12.51 27.48
CE MLY A 264 23.50 12.61 27.11
NZ MLY A 264 22.62 12.62 28.30
CH1 MLY A 264 22.60 13.97 28.86
CH2 MLY A 264 21.26 12.32 27.83
C MLY A 264 29.00 10.79 29.13
O MLY A 264 29.02 9.64 29.58
N PHE A 265 30.09 11.41 28.69
CA PHE A 265 31.36 10.71 28.58
C PHE A 265 32.45 11.29 29.47
N GLN A 266 33.45 10.47 29.80
CA GLN A 266 34.67 10.95 30.43
C GLN A 266 35.83 10.79 29.46
N MLY A 267 36.98 11.38 29.77
CA MLY A 267 38.11 11.33 28.86
CB MLY A 267 39.15 12.39 29.22
CG MLY A 267 40.43 12.31 28.43
CD MLY A 267 41.41 13.43 28.80
CE MLY A 267 40.88 14.80 28.38
NZ MLY A 267 41.75 15.96 28.78
CH1 MLY A 267 41.58 16.17 30.21
CH2 MLY A 267 43.14 15.57 28.56
C MLY A 267 38.77 9.95 28.85
O MLY A 267 38.93 9.33 29.89
N ILE A 268 39.16 9.51 27.67
CA ILE A 268 39.99 8.32 27.52
C ILE A 268 41.14 8.59 26.56
N GLU A 269 42.10 7.67 26.54
CA GLU A 269 43.15 7.63 25.50
C GLU A 269 42.77 6.58 24.47
N PRO A 270 42.20 7.00 23.34
CA PRO A 270 41.68 6.03 22.37
C PRO A 270 42.76 5.10 21.82
N SER A 271 42.42 3.83 21.66
CA SER A 271 43.35 2.87 21.12
C SER A 271 43.27 2.88 19.61
N THR A 272 43.53 4.05 19.02
CA THR A 272 43.23 4.26 17.61
C THR A 272 44.37 4.90 16.84
N VAL A 273 45.53 5.00 17.47
CA VAL A 273 46.65 5.68 16.84
C VAL A 273 47.16 4.92 15.62
N VAL A 274 47.45 5.65 14.54
CA VAL A 274 48.09 5.06 13.39
C VAL A 274 49.58 5.35 13.45
N PRO A 275 50.40 4.31 13.66
CA PRO A 275 51.84 4.48 13.74
C PRO A 275 52.46 4.86 12.41
N ALA A 276 53.66 5.43 12.44
CA ALA A 276 54.39 5.74 11.21
C ALA A 276 54.79 4.47 10.47
N GLN A 277 54.71 4.53 9.15
CA GLN A 277 55.22 3.47 8.31
C GLN A 277 56.74 3.45 8.38
N THR A 278 57.33 2.31 8.74
CA THR A 278 58.79 2.23 8.69
C THR A 278 59.25 2.15 7.24
N PRO A 279 60.13 3.07 6.83
CA PRO A 279 60.60 3.14 5.44
C PRO A 279 61.37 1.89 5.02
N TRP A 280 61.12 1.44 3.80
CA TRP A 280 61.84 0.30 3.24
C TRP A 280 63.32 0.59 3.02
N ASP A 281 64.12 -0.46 3.03
CA ASP A 281 65.55 -0.37 2.74
C ASP A 281 65.81 -0.53 1.25
N LYS A 282 64.86 -1.16 0.58
CA LYS A 282 64.94 -1.41 -0.85
C LYS A 282 63.55 -1.37 -1.50
N PRO A 283 63.50 -0.99 -2.78
CA PRO A 283 62.25 -0.93 -3.54
C PRO A 283 61.54 -2.27 -3.64
N ARG A 284 60.23 -2.24 -3.82
CA ARG A 284 59.43 -3.45 -4.01
C ARG A 284 58.65 -3.40 -5.32
N GLU A 285 58.27 -4.56 -5.84
CA GLU A 285 57.46 -4.69 -7.04
C GLU A 285 56.35 -5.70 -6.83
N PHE A 286 55.18 -5.44 -7.40
CA PHE A 286 54.08 -6.39 -7.33
C PHE A 286 53.27 -6.35 -8.61
N GLN A 287 52.62 -7.46 -8.92
CA GLN A 287 51.76 -7.56 -10.08
C GLN A 287 50.39 -8.03 -9.62
N ILE A 288 49.35 -7.42 -10.17
CA ILE A 288 47.99 -7.78 -9.85
C ILE A 288 47.17 -7.90 -11.12
N THR A 289 45.93 -8.35 -10.99
CA THR A 289 45.01 -8.42 -12.10
C THR A 289 43.74 -7.59 -11.86
N CYS A 290 42.94 -7.43 -12.91
CA CYS A 290 41.67 -6.74 -12.83
C CYS A 290 40.73 -7.32 -13.86
N GLY A 291 39.53 -6.75 -13.96
CA GLY A 291 38.56 -7.19 -14.93
C GLY A 291 38.90 -6.72 -16.33
N PRO A 292 38.32 -7.37 -17.34
CA PRO A 292 38.48 -6.92 -18.72
C PRO A 292 37.66 -5.67 -18.92
N ASP A 293 37.97 -4.90 -19.96
CA ASP A 293 37.14 -3.73 -20.24
C ASP A 293 35.90 -4.21 -21.00
N SER A 294 34.99 -3.28 -21.28
CA SER A 294 33.71 -3.62 -21.90
C SER A 294 33.83 -3.92 -23.39
N PHE A 295 35.03 -3.77 -23.94
CA PHE A 295 35.22 -3.81 -25.38
C PHE A 295 36.07 -5.01 -25.77
N ALA A 296 36.15 -5.99 -24.88
CA ALA A 296 36.93 -7.20 -25.12
C ALA A 296 38.34 -6.88 -25.60
N THR A 297 38.92 -5.80 -25.08
CA THR A 297 40.27 -5.40 -25.46
C THR A 297 41.27 -6.45 -25.03
N ASP A 298 42.24 -6.74 -25.88
CA ASP A 298 43.29 -7.70 -25.55
C ASP A 298 44.06 -7.25 -24.32
N PRO A 299 44.25 -8.18 -23.38
CA PRO A 299 44.96 -7.88 -22.13
C PRO A 299 46.39 -7.39 -22.31
N SER A 300 47.02 -7.75 -23.42
CA SER A 300 48.41 -7.37 -23.66
C SER A 300 48.49 -5.94 -24.19
N LYS A 301 47.32 -5.34 -24.39
CA LYS A 301 47.22 -3.95 -24.83
C LYS A 301 46.69 -3.05 -23.71
N GLN A 302 46.55 -3.63 -22.53
CA GLN A 302 45.82 -3.02 -21.43
C GLN A 302 46.56 -3.14 -20.11
N THR A 303 47.86 -2.93 -20.14
CA THR A 303 48.66 -2.99 -18.92
C THR A 303 48.74 -1.64 -18.24
N THR A 304 48.64 -1.64 -16.93
CA THR A 304 48.84 -0.43 -16.16
C THR A 304 50.05 -0.61 -15.27
N VAL A 305 50.92 0.38 -15.24
CA VAL A 305 52.08 0.33 -14.37
C VAL A 305 52.33 1.70 -13.78
N SER A 306 52.64 1.73 -12.49
CA SER A 306 53.00 3.00 -11.88
C SER A 306 54.12 2.82 -10.87
N VAL A 307 54.81 3.92 -10.60
CA VAL A 307 55.89 3.96 -9.63
C VAL A 307 55.57 5.00 -8.55
N SER A 308 55.55 4.55 -7.30
CA SER A 308 55.12 5.37 -6.18
C SER A 308 56.21 5.53 -5.11
N PHE A 309 56.26 6.70 -4.50
CA PHE A 309 57.28 7.03 -3.49
C PHE A 309 56.67 7.47 -2.18
N LEU A 310 57.19 6.97 -1.07
CA LEU A 310 56.68 7.41 0.23
C LEU A 310 57.19 8.80 0.59
N LEU A 311 56.29 9.65 1.06
CA LEU A 311 56.61 11.00 1.42
C LEU A 311 56.40 11.20 2.92
N PRO A 312 56.82 12.35 3.47
CA PRO A 312 56.74 12.59 4.91
C PRO A 312 55.31 12.66 5.48
N ASP A 313 55.22 12.65 6.81
CA ASP A 313 53.97 12.90 7.52
C ASP A 313 53.29 14.17 7.01
N ILE A 314 51.99 14.09 6.80
CA ILE A 314 51.24 15.23 6.31
C ILE A 314 51.09 16.30 7.40
N THR A 315 51.37 15.94 8.64
CA THR A 315 51.25 16.89 9.74
C THR A 315 52.36 17.96 9.71
N ASP A 316 53.42 17.70 8.95
CA ASP A 316 54.39 18.74 8.58
C ASP A 316 53.82 19.54 7.42
N THR A 317 53.02 20.54 7.73
CA THR A 317 52.17 21.15 6.71
C THR A 317 52.92 21.84 5.59
N PHE A 318 53.96 22.62 5.91
CA PHE A 318 54.64 23.36 4.84
C PHE A 318 55.39 22.43 3.89
N GLU A 319 55.95 21.35 4.43
CA GLU A 319 56.62 20.38 3.57
C GLU A 319 55.56 19.71 2.70
N ALA A 320 54.37 19.52 3.25
CA ALA A 320 53.27 18.91 2.51
C ALA A 320 52.78 19.85 1.43
N PHE A 321 52.78 21.13 1.72
CA PHE A 321 52.43 22.16 0.73
C PHE A 321 53.46 22.17 -0.39
N THR A 322 54.72 22.06 -0.02
CA THR A 322 55.82 22.01 -0.98
C THR A 322 55.70 20.82 -1.93
N LEU A 323 55.47 19.64 -1.37
CA LEU A 323 55.42 18.42 -2.15
C LEU A 323 54.19 18.37 -3.05
N SER A 324 53.07 18.93 -2.59
CA SER A 324 51.87 18.99 -3.41
C SER A 324 52.08 19.85 -4.66
N LEU A 325 52.60 21.05 -4.46
CA LEU A 325 52.86 21.93 -5.61
C LEU A 325 53.90 21.28 -6.53
N LEU A 326 54.88 20.61 -5.93
CA LEU A 326 55.92 19.95 -6.70
C LEU A 326 55.35 18.85 -7.57
N SER A 327 54.40 18.10 -7.02
CA SER A 327 53.76 17.00 -7.73
C SER A 327 52.96 17.51 -8.91
N SER A 328 52.30 18.64 -8.72
CA SER A 328 51.57 19.27 -9.80
C SER A 328 52.52 19.70 -10.94
N LEU A 329 53.63 20.34 -10.59
CA LEU A 329 54.59 20.77 -11.60
C LEU A 329 55.14 19.56 -12.38
N LEU A 330 55.21 18.42 -11.71
CA LEU A 330 55.74 17.22 -12.33
C LEU A 330 54.74 16.55 -13.28
N THR A 331 53.44 16.64 -12.99
CA THR A 331 52.47 15.80 -13.67
C THR A 331 51.32 16.51 -14.36
N SER A 332 51.08 17.78 -14.04
CA SER A 332 49.89 18.43 -14.56
C SER A 332 50.10 19.04 -15.94
N GLY A 333 49.33 18.57 -16.92
CA GLY A 333 49.33 19.19 -18.23
C GLY A 333 50.48 18.79 -19.13
N PRO A 334 50.34 19.10 -20.43
CA PRO A 334 51.27 18.74 -21.51
C PRO A 334 52.63 19.42 -21.42
N ASN A 335 52.84 20.31 -20.46
CA ASN A 335 54.16 20.92 -20.28
C ASN A 335 54.91 20.28 -19.14
N SER A 336 54.24 19.42 -18.38
CA SER A 336 54.88 18.77 -17.26
C SER A 336 55.81 17.71 -17.79
N PRO A 337 56.93 17.49 -17.10
CA PRO A 337 57.94 16.54 -17.59
C PRO A 337 57.41 15.10 -17.73
N PHE A 338 56.54 14.64 -16.83
CA PHE A 338 56.05 13.27 -16.94
C PHE A 338 55.00 13.10 -18.04
N TYR A 339 54.19 14.13 -18.24
CA TYR A 339 53.26 14.14 -19.36
C TYR A 339 54.03 14.02 -20.68
N MLY A 340 55.07 14.84 -20.83
CA MLY A 340 55.90 14.84 -22.03
CB MLY A 340 56.93 15.96 -21.98
CG MLY A 340 56.34 17.35 -22.19
CD MLY A 340 57.40 18.42 -22.34
CE MLY A 340 58.11 18.71 -21.05
NZ MLY A 340 58.81 20.04 -21.14
CH1 MLY A 340 59.69 20.16 -19.97
CH2 MLY A 340 59.64 20.04 -22.35
C MLY A 340 56.60 13.50 -22.27
O MLY A 340 56.58 12.97 -23.38
N ALA A 341 57.20 12.94 -21.23
CA ALA A 341 57.94 11.71 -21.36
C ALA A 341 57.03 10.48 -21.58
N LEU A 342 55.88 10.47 -20.90
CA LEU A 342 55.06 9.27 -20.84
C LEU A 342 53.82 9.34 -21.74
N ILE A 343 53.06 10.42 -21.66
CA ILE A 343 51.87 10.56 -22.48
C ILE A 343 52.12 10.90 -23.95
N GLU A 344 52.95 11.90 -24.25
CA GLU A 344 53.13 12.33 -25.63
C GLU A 344 54.03 11.38 -26.38
N SER A 345 54.69 10.49 -25.64
CA SER A 345 55.54 9.49 -26.24
C SER A 345 54.71 8.39 -26.91
N GLY A 346 53.42 8.34 -26.62
CA GLY A 346 52.57 7.29 -27.16
C GLY A 346 52.76 5.93 -26.49
N LEU A 347 53.35 5.93 -25.31
CA LEU A 347 53.60 4.69 -24.58
C LEU A 347 52.36 4.09 -23.92
N GLY A 348 51.43 4.95 -23.47
CA GLY A 348 50.17 4.51 -22.91
C GLY A 348 49.03 5.35 -23.44
N THR A 349 47.86 5.25 -22.81
CA THR A 349 46.71 6.04 -23.21
C THR A 349 46.47 7.21 -22.25
N ASP A 350 46.87 7.04 -20.99
CA ASP A 350 46.62 8.06 -19.98
C ASP A 350 47.47 7.75 -18.77
N PHE A 351 47.56 8.71 -17.85
CA PHE A 351 48.22 8.49 -16.58
C PHE A 351 47.56 7.34 -15.84
N SER A 352 48.32 6.62 -15.02
CA SER A 352 47.74 5.63 -14.16
C SER A 352 46.95 6.30 -13.05
N PRO A 353 46.05 5.56 -12.40
CA PRO A 353 45.21 6.10 -11.33
C PRO A 353 46.04 6.69 -10.18
N ASP A 354 45.51 7.74 -9.56
CA ASP A 354 46.13 8.43 -8.43
C ASP A 354 47.50 9.03 -8.74
N VAL A 355 47.68 9.42 -9.98
CA VAL A 355 48.89 10.15 -10.36
C VAL A 355 48.98 11.47 -9.58
N GLY A 356 50.16 11.79 -9.07
CA GLY A 356 50.36 13.04 -8.36
C GLY A 356 50.50 12.82 -6.87
N TYR A 357 50.08 13.81 -6.09
CA TYR A 357 50.21 13.80 -4.64
C TYR A 357 48.98 13.19 -3.95
N ASN A 358 49.22 12.27 -3.03
CA ASN A 358 48.14 11.64 -2.28
C ASN A 358 48.34 11.87 -0.80
N GLY A 359 47.48 12.69 -0.20
CA GLY A 359 47.69 13.10 1.18
C GLY A 359 46.54 12.75 2.11
N TYR A 360 45.86 11.65 1.84
CA TYR A 360 44.77 11.24 2.69
C TYR A 360 45.26 10.26 3.76
N THR A 361 46.50 9.83 3.64
CA THR A 361 47.11 8.91 4.60
C THR A 361 48.14 9.62 5.46
N ARG A 362 48.47 9.05 6.62
CA ARG A 362 49.39 9.70 7.55
C ARG A 362 50.69 10.12 6.85
N GLU A 363 51.32 9.20 6.13
CA GLU A 363 52.40 9.56 5.21
C GLU A 363 51.81 9.73 3.82
N ALA A 364 52.09 10.85 3.19
CA ALA A 364 51.64 11.08 1.83
C ALA A 364 52.46 10.23 0.88
N TYR A 365 52.04 10.17 -0.36
CA TYR A 365 52.86 9.54 -1.36
C TYR A 365 52.63 10.14 -2.74
N PHE A 366 53.66 10.07 -3.56
CA PHE A 366 53.57 10.49 -4.94
C PHE A 366 53.52 9.26 -5.84
N SER A 367 52.71 9.33 -6.90
CA SER A 367 52.65 8.23 -7.84
C SER A 367 52.66 8.74 -9.27
N VAL A 368 53.28 7.96 -10.17
CA VAL A 368 53.27 8.30 -11.58
C VAL A 368 53.40 7.06 -12.45
N GLY A 369 52.76 7.07 -13.62
CA GLY A 369 52.79 5.94 -14.51
C GLY A 369 51.75 6.03 -15.60
N LEU A 370 51.48 4.92 -16.26
CA LEU A 370 50.56 4.87 -17.39
C LEU A 370 49.57 3.72 -17.30
N GLN A 371 48.43 3.89 -17.97
CA GLN A 371 47.54 2.79 -18.31
C GLN A 371 47.47 2.69 -19.84
N GLY A 372 46.97 1.58 -20.35
CA GLY A 372 46.87 1.39 -21.79
C GLY A 372 48.22 1.10 -22.43
N ILE A 373 49.09 0.43 -21.68
CA ILE A 373 50.41 0.13 -22.18
C ILE A 373 50.39 -1.25 -22.83
N VAL A 374 51.06 -1.37 -23.97
CA VAL A 374 51.28 -2.69 -24.54
C VAL A 374 52.37 -3.29 -23.67
N GLU A 375 52.17 -4.54 -23.29
CA GLU A 375 53.01 -5.18 -22.29
C GLU A 375 54.50 -5.10 -22.66
N LYS A 376 54.80 -5.04 -23.95
CA LYS A 376 56.19 -5.01 -24.39
C LYS A 376 56.85 -3.65 -24.07
N ASP A 377 56.05 -2.62 -23.81
CA ASP A 377 56.62 -1.31 -23.53
C ASP A 377 56.76 -1.05 -22.05
N ILE A 378 56.49 -2.07 -21.24
CA ILE A 378 56.48 -1.87 -19.80
C ILE A 378 57.83 -1.45 -19.24
N GLU A 379 58.90 -2.10 -19.68
CA GLU A 379 60.20 -1.80 -19.14
C GLU A 379 60.69 -0.43 -19.65
N THR A 380 60.21 -0.04 -20.82
CA THR A 380 60.51 1.30 -21.32
C THR A 380 59.85 2.39 -20.46
N VAL A 381 58.61 2.16 -20.06
CA VAL A 381 57.90 3.11 -19.20
C VAL A 381 58.63 3.29 -17.87
N ARG A 382 59.12 2.20 -17.29
CA ARG A 382 59.84 2.27 -16.04
C ARG A 382 61.15 3.02 -16.20
N SER A 383 61.81 2.79 -17.32
CA SER A 383 63.06 3.45 -17.64
C SER A 383 62.89 4.96 -17.75
N LEU A 384 61.86 5.36 -18.46
CA LEU A 384 61.54 6.76 -18.70
C LEU A 384 61.17 7.52 -17.42
N ILE A 385 60.48 6.84 -16.50
CA ILE A 385 60.18 7.46 -15.23
C ILE A 385 61.48 7.83 -14.52
N ASP A 386 62.44 6.92 -14.51
CA ASP A 386 63.74 7.15 -13.88
C ASP A 386 64.52 8.26 -14.57
N ARG A 387 64.55 8.22 -15.90
CA ARG A 387 65.28 9.22 -16.68
C ARG A 387 64.68 10.61 -16.49
N THR A 388 63.36 10.69 -16.42
CA THR A 388 62.67 11.97 -16.25
C THR A 388 63.02 12.57 -14.90
N ILE A 389 63.04 11.74 -13.86
CA ILE A 389 63.45 12.20 -12.53
C ILE A 389 64.88 12.76 -12.54
N ASP A 390 65.78 12.10 -13.26
CA ASP A 390 67.16 12.58 -13.38
C ASP A 390 67.24 13.91 -14.11
N GLU A 391 66.45 14.07 -15.16
CA GLU A 391 66.46 15.33 -15.89
C GLU A 391 65.95 16.48 -15.04
N VAL A 392 64.88 16.25 -14.28
CA VAL A 392 64.30 17.31 -13.46
C VAL A 392 65.28 17.77 -12.38
N VAL A 393 65.97 16.80 -11.77
CA VAL A 393 66.97 17.09 -10.76
C VAL A 393 68.06 17.97 -11.37
N GLU A 394 68.40 17.73 -12.61
CA GLU A 394 69.44 18.48 -13.29
C GLU A 394 68.98 19.84 -13.78
N LYS A 395 67.77 19.91 -14.33
CA LYS A 395 67.33 21.13 -15.00
C LYS A 395 66.27 21.95 -14.25
N GLY A 396 65.50 21.31 -13.36
CA GLY A 396 64.48 22.02 -12.60
C GLY A 396 63.27 22.37 -13.43
N PHE A 397 62.55 23.43 -13.07
CA PHE A 397 61.31 23.78 -13.77
C PHE A 397 61.34 25.17 -14.42
N GLU A 398 60.52 25.37 -15.44
CA GLU A 398 60.45 26.66 -16.11
C GLU A 398 59.85 27.68 -15.14
N ASP A 399 60.32 28.92 -15.17
CA ASP A 399 59.81 29.91 -14.24
C ASP A 399 58.36 30.25 -14.51
N ASP A 400 57.97 30.27 -15.78
CA ASP A 400 56.62 30.66 -16.15
C ASP A 400 55.60 29.60 -15.76
N ARG A 401 56.05 28.35 -15.59
CA ARG A 401 55.19 27.27 -15.11
C ARG A 401 54.90 27.44 -13.63
N ILE A 402 55.91 27.88 -12.89
CA ILE A 402 55.74 28.16 -11.48
C ILE A 402 54.73 29.30 -11.28
N GLU A 403 54.82 30.34 -12.11
CA GLU A 403 53.86 31.44 -12.08
C GLU A 403 52.46 30.98 -12.45
N ALA A 404 52.35 30.08 -13.42
CA ALA A 404 51.06 29.56 -13.81
C ALA A 404 50.44 28.82 -12.64
N LEU A 405 51.28 28.09 -11.90
CA LEU A 405 50.83 27.31 -10.76
C LEU A 405 50.29 28.20 -9.63
N LEU A 406 51.01 29.26 -9.30
CA LEU A 406 50.58 30.14 -8.24
C LEU A 406 49.32 30.90 -8.67
N HIS A 407 49.20 31.15 -9.97
CA HIS A 407 47.99 31.76 -10.49
C HIS A 407 46.81 30.80 -10.34
N MLY A 408 47.06 29.52 -10.57
CA MLY A 408 46.01 28.51 -10.48
CB MLY A 408 46.55 27.15 -10.94
CG MLY A 408 45.51 26.05 -11.15
CD MLY A 408 46.11 24.87 -11.90
CE MLY A 408 45.27 23.61 -11.78
NZ MLY A 408 45.89 22.44 -12.51
CH1 MLY A 408 46.29 22.94 -13.84
CH2 MLY A 408 47.14 22.13 -11.81
C MLY A 408 45.47 28.44 -9.06
O MLY A 408 44.27 28.34 -8.82
N ILE A 409 46.38 28.52 -8.10
CA ILE A 409 45.99 28.51 -6.70
C ILE A 409 45.17 29.77 -6.34
N GLU A 410 45.57 30.92 -6.85
CA GLU A 410 44.84 32.17 -6.61
C GLU A 410 43.40 32.05 -7.08
N ILE A 411 43.20 31.41 -8.23
CA ILE A 411 41.86 31.23 -8.76
C ILE A 411 41.03 30.31 -7.86
N GLN A 412 41.64 29.27 -7.33
CA GLN A 412 40.94 28.40 -6.39
C GLN A 412 40.55 29.16 -5.13
N MET A 413 41.42 30.04 -4.66
CA MET A 413 41.15 30.73 -3.41
C MET A 413 40.04 31.76 -3.54
N MLZ A 414 39.90 32.33 -4.73
CA MLZ A 414 39.02 33.44 -4.93
CB MLZ A 414 39.61 34.41 -5.93
CG MLZ A 414 40.79 35.10 -5.28
CD MLZ A 414 40.84 36.55 -5.69
CE MLZ A 414 42.04 37.21 -5.03
NZ MLZ A 414 42.53 38.27 -5.86
CM MLZ A 414 43.92 38.46 -5.60
C MLZ A 414 37.64 33.01 -5.40
O MLZ A 414 36.63 33.70 -5.09
N HIS A 415 37.56 31.93 -6.16
CA HIS A 415 36.30 31.43 -6.68
C HIS A 415 35.30 31.13 -5.55
N GLN A 416 34.06 31.56 -5.73
CA GLN A 416 33.03 31.38 -4.73
C GLN A 416 32.15 30.19 -5.06
N SER A 417 32.15 29.17 -4.22
CA SER A 417 31.30 28.00 -4.44
C SER A 417 30.21 27.99 -3.39
N THR A 418 29.20 27.15 -3.58
CA THR A 418 28.05 27.10 -2.69
C THR A 418 28.19 26.07 -1.58
N SER A 419 29.19 25.21 -1.67
CA SER A 419 29.41 24.17 -0.66
C SER A 419 30.76 24.27 0.01
N PHE A 420 31.09 25.45 0.49
CA PHE A 420 32.42 25.73 1.02
C PHE A 420 32.71 24.96 2.31
N GLY A 421 31.71 24.85 3.18
CA GLY A 421 31.84 24.08 4.41
C GLY A 421 32.12 22.60 4.20
N LEU A 422 31.41 21.98 3.27
CA LEU A 422 31.63 20.58 2.95
C LEU A 422 33.03 20.36 2.41
N MET A 423 33.43 21.28 1.54
CA MET A 423 34.76 21.22 0.95
C MET A 423 35.83 21.36 2.03
N LEU A 424 35.65 22.32 2.93
CA LEU A 424 36.66 22.58 3.96
C LEU A 424 36.84 21.41 4.95
N THR A 425 35.74 20.84 5.43
CA THR A 425 35.86 19.77 6.38
C THR A 425 36.48 18.53 5.72
N SER A 426 36.14 18.25 4.47
CA SER A 426 36.75 17.10 3.78
C SER A 426 38.23 17.34 3.57
N TYR A 427 38.56 18.58 3.26
CA TYR A 427 39.94 19.01 3.01
C TYR A 427 40.86 18.88 4.22
N ILE A 428 40.38 19.22 5.41
CA ILE A 428 41.24 19.18 6.60
C ILE A 428 41.24 17.84 7.34
N ALA A 429 40.40 16.91 6.92
CA ALA A 429 40.15 15.67 7.68
C ALA A 429 41.39 14.82 7.97
N SER A 430 42.16 14.46 6.95
CA SER A 430 43.29 13.54 7.15
C SER A 430 44.37 14.16 8.02
N CYS A 431 44.61 15.46 7.85
CA CYS A 431 45.59 16.17 8.66
C CYS A 431 45.16 16.22 10.13
N TRP A 432 43.90 16.56 10.35
CA TRP A 432 43.30 16.57 11.68
C TRP A 432 43.34 15.18 12.30
N ASN A 433 43.13 14.16 11.47
CA ASN A 433 43.06 12.78 11.93
C ASN A 433 44.34 12.35 12.64
N HIS A 434 45.46 12.92 12.24
CA HIS A 434 46.74 12.56 12.83
C HIS A 434 47.30 13.69 13.70
N ASP A 435 46.37 14.42 14.32
CA ASP A 435 46.68 15.43 15.31
C ASP A 435 47.41 16.61 14.70
N GLY A 436 47.18 16.86 13.42
CA GLY A 436 47.73 18.02 12.78
C GLY A 436 46.90 19.25 13.10
N ASP A 437 47.38 20.41 12.68
CA ASP A 437 46.68 21.66 12.96
C ASP A 437 45.96 22.11 11.71
N PRO A 438 44.64 21.90 11.66
CA PRO A 438 43.85 22.21 10.49
C PRO A 438 43.85 23.70 10.12
N VAL A 439 44.11 24.55 11.10
CA VAL A 439 44.13 25.98 10.87
C VAL A 439 45.28 26.37 9.95
N GLU A 440 46.39 25.65 10.01
CA GLU A 440 47.52 25.91 9.14
C GLU A 440 47.22 25.59 7.66
N LEU A 441 46.19 24.78 7.41
CA LEU A 441 45.76 24.51 6.04
C LEU A 441 44.86 25.61 5.52
N LEU A 442 44.39 26.48 6.40
CA LEU A 442 43.58 27.62 5.99
C LEU A 442 44.43 28.86 5.72
N MLY A 443 45.62 28.91 6.31
CA MLY A 443 46.51 30.07 6.17
CB MLY A 443 47.48 30.15 7.35
CG MLY A 443 46.85 30.45 8.71
CD MLY A 443 47.93 30.83 9.72
CE MLY A 443 47.43 30.79 11.15
NZ MLY A 443 48.57 30.56 12.10
CH1 MLY A 443 49.65 31.46 11.71
CH2 MLY A 443 48.10 30.95 13.43
C MLY A 443 47.29 30.00 4.87
O MLY A 443 48.50 29.79 4.88
N LEU A 444 46.59 30.17 3.76
CA LEU A 444 47.19 29.95 2.46
C LEU A 444 48.15 31.07 2.07
N GLY A 445 47.83 32.30 2.48
CA GLY A 445 48.73 33.41 2.25
C GLY A 445 50.10 33.15 2.85
N ASN A 446 50.12 32.64 4.07
CA ASN A 446 51.37 32.24 4.70
C ASN A 446 52.12 31.16 3.96
N GLN A 447 51.41 30.12 3.51
CA GLN A 447 52.04 29.00 2.84
C GLN A 447 52.66 29.46 1.53
N LEU A 448 51.90 30.24 0.79
CA LEU A 448 52.36 30.76 -0.49
C LEU A 448 53.60 31.65 -0.31
N ALA A 449 53.53 32.57 0.65
CA ALA A 449 54.63 33.49 0.92
C ALA A 449 55.90 32.74 1.28
N LYS A 450 55.80 31.74 2.14
CA LYS A 450 56.97 30.97 2.51
C LYS A 450 57.48 30.17 1.32
N PHE A 451 56.57 29.68 0.49
CA PHE A 451 56.97 28.94 -0.71
C PHE A 451 57.72 29.88 -1.67
N ARG A 452 57.21 31.08 -1.88
CA ARG A 452 57.88 32.04 -2.74
C ARG A 452 59.24 32.44 -2.19
N GLN A 453 59.32 32.58 -0.87
CA GLN A 453 60.56 32.94 -0.22
C GLN A 453 61.61 31.83 -0.38
N CYS A 454 61.18 30.58 -0.26
CA CYS A 454 62.10 29.45 -0.44
C CYS A 454 62.67 29.42 -1.84
N LEU A 455 61.85 29.76 -2.82
CA LEU A 455 62.29 29.78 -4.20
C LEU A 455 63.34 30.85 -4.44
N GLN A 456 63.16 32.00 -3.78
CA GLN A 456 64.04 33.12 -3.95
C GLN A 456 65.38 32.91 -3.25
N GLU A 457 65.34 32.29 -2.08
CA GLU A 457 66.56 32.12 -1.29
C GLU A 457 67.37 30.95 -1.78
N ASN A 458 66.75 30.07 -2.56
CA ASN A 458 67.43 28.88 -3.04
C ASN A 458 66.95 28.47 -4.43
N PRO A 459 67.74 28.82 -5.44
CA PRO A 459 67.37 28.54 -6.84
C PRO A 459 67.29 27.05 -7.17
N LYS A 460 67.87 26.18 -6.35
CA LYS A 460 67.78 24.75 -6.60
C LYS A 460 66.89 24.04 -5.58
N PHE A 461 65.98 24.79 -4.99
CA PHE A 461 65.10 24.31 -3.94
C PHE A 461 64.28 23.09 -4.39
N LEU A 462 63.57 23.23 -5.49
CA LEU A 462 62.70 22.16 -5.97
C LEU A 462 63.51 20.98 -6.50
N GLN A 463 64.67 21.25 -7.11
CA GLN A 463 65.55 20.20 -7.60
C GLN A 463 66.04 19.35 -6.44
N GLU A 464 66.38 20.00 -5.34
CA GLU A 464 66.83 19.30 -4.14
C GLU A 464 65.74 18.44 -3.55
N MLY A 465 64.51 18.94 -3.57
CA MLY A 465 63.38 18.17 -3.07
CB MLY A 465 62.10 19.01 -3.03
CG MLY A 465 62.07 20.06 -1.92
CD MLY A 465 62.32 19.46 -0.56
CE MLY A 465 62.15 20.51 0.54
NZ MLY A 465 63.14 20.41 1.64
CH1 MLY A 465 62.58 21.12 2.79
CH2 MLY A 465 63.30 18.99 2.01
C MLY A 465 63.14 16.94 -3.94
O MLY A 465 62.82 15.88 -3.44
N VAL A 466 63.30 17.09 -5.25
CA VAL A 466 63.09 15.99 -6.15
C VAL A 466 64.15 14.92 -5.93
N LYS A 467 65.37 15.34 -5.65
CA LYS A 467 66.46 14.40 -5.43
C LYS A 467 66.25 13.65 -4.12
N GLN A 468 65.87 14.37 -3.09
CA GLN A 468 65.65 13.75 -1.78
C GLN A 468 64.50 12.75 -1.76
N TYR A 469 63.38 13.11 -2.36
CA TYR A 469 62.19 12.29 -2.21
C TYR A 469 61.93 11.35 -3.39
N PHE A 470 62.64 11.53 -4.50
CA PHE A 470 62.38 10.70 -5.68
C PHE A 470 63.60 10.00 -6.25
N LYS A 471 64.80 10.48 -5.94
CA LYS A 471 65.99 9.83 -6.47
C LYS A 471 66.66 8.98 -5.40
N ASN A 472 66.68 9.46 -4.17
CA ASN A 472 67.40 8.76 -3.11
C ASN A 472 66.49 7.92 -2.23
N ASN A 473 65.20 8.03 -2.47
CA ASN A 473 64.18 7.38 -1.68
C ASN A 473 64.02 5.88 -2.00
N GLN A 474 64.37 5.03 -1.05
CA GLN A 474 64.31 3.58 -1.26
C GLN A 474 62.92 3.00 -1.08
N HIS A 475 62.02 3.77 -0.46
CA HIS A 475 60.65 3.32 -0.30
C HIS A 475 59.89 3.58 -1.58
N LYS A 476 60.14 2.74 -2.57
CA LYS A 476 59.60 2.92 -3.92
C LYS A 476 58.83 1.66 -4.34
N LEU A 477 57.63 1.82 -4.87
CA LEU A 477 56.82 0.69 -5.25
C LEU A 477 56.50 0.72 -6.74
N THR A 478 56.80 -0.37 -7.43
CA THR A 478 56.34 -0.55 -8.79
C THR A 478 55.18 -1.53 -8.77
N LEU A 479 54.04 -1.08 -9.27
CA LEU A 479 52.85 -1.89 -9.31
C LEU A 479 52.40 -2.04 -10.75
N SER A 480 52.16 -3.28 -11.17
CA SER A 480 51.64 -3.49 -12.51
C SER A 480 50.39 -4.33 -12.45
N MET A 481 49.47 -4.00 -13.34
CA MET A 481 48.16 -4.62 -13.38
C MET A 481 47.86 -5.04 -14.82
N ARG A 482 47.35 -6.25 -14.99
CA ARG A 482 46.92 -6.73 -16.29
C ARG A 482 45.53 -7.29 -16.16
N PRO A 483 44.66 -7.02 -17.14
CA PRO A 483 43.30 -7.55 -17.06
C PRO A 483 43.24 -9.07 -17.14
N ASP A 484 42.31 -9.67 -16.40
CA ASP A 484 42.02 -11.09 -16.46
C ASP A 484 40.61 -11.25 -17.00
N ASP A 485 40.47 -11.94 -18.12
CA ASP A 485 39.17 -12.06 -18.78
C ASP A 485 38.12 -12.81 -17.95
N LYS A 486 38.57 -13.57 -16.96
CA LYS A 486 37.66 -14.28 -16.07
C LYS A 486 37.78 -13.78 -14.64
N TYR A 487 38.15 -12.52 -14.47
CA TYR A 487 38.38 -11.96 -13.14
C TYR A 487 37.17 -12.09 -12.23
N HIS A 488 36.02 -11.66 -12.70
CA HIS A 488 34.82 -11.69 -11.88
C HIS A 488 34.21 -13.10 -11.77
N GLU A 489 34.41 -13.93 -12.79
CA GLU A 489 33.97 -15.32 -12.72
C GLU A 489 34.75 -16.04 -11.65
N MLY A 490 36.03 -15.70 -11.55
CA MLY A 490 36.88 -16.30 -10.54
CB MLY A 490 38.34 -15.96 -10.79
CG MLY A 490 38.98 -16.83 -11.86
CD MLY A 490 40.33 -16.29 -12.30
CE MLY A 490 40.97 -17.19 -13.33
NZ MLY A 490 42.19 -16.59 -13.92
CH1 MLY A 490 43.28 -16.71 -12.94
CH2 MLY A 490 42.54 -17.42 -15.07
C MLY A 490 36.43 -15.85 -9.16
O MLY A 490 36.45 -16.62 -8.21
N GLN A 491 36.00 -14.59 -9.07
CA GLN A 491 35.56 -14.06 -7.79
C GLN A 491 34.29 -14.78 -7.35
N ALA A 492 33.37 -14.94 -8.29
CA ALA A 492 32.09 -15.56 -7.99
C ALA A 492 32.23 -17.03 -7.58
N GLN A 493 33.17 -17.75 -8.17
CA GLN A 493 33.38 -19.15 -7.82
C GLN A 493 33.95 -19.29 -6.42
N VAL A 494 34.87 -18.40 -6.06
CA VAL A 494 35.41 -18.37 -4.71
C VAL A 494 34.28 -18.10 -3.73
N GLU A 495 33.41 -17.15 -4.06
CA GLU A 495 32.27 -16.83 -3.21
C GLU A 495 31.29 -18.00 -3.12
N ALA A 496 31.04 -18.64 -4.26
CA ALA A 496 30.13 -19.78 -4.31
C ALA A 496 30.67 -20.88 -3.42
N THR A 497 31.99 -21.01 -3.40
CA THR A 497 32.64 -21.97 -2.53
C THR A 497 32.51 -21.54 -1.07
N MLY A 498 32.88 -20.30 -0.77
CA MLY A 498 32.78 -19.80 0.59
CB MLY A 498 33.25 -18.35 0.67
CG MLY A 498 34.69 -18.11 0.25
CD MLY A 498 35.64 -18.01 1.43
CE MLY A 498 36.93 -17.29 1.06
NZ MLY A 498 37.66 -16.77 2.25
CH1 MLY A 498 36.91 -15.61 2.75
CH2 MLY A 498 37.56 -17.81 3.30
C MLY A 498 31.36 -19.93 1.12
O MLY A 498 31.15 -20.35 2.27
N LEU A 499 30.38 -19.59 0.29
CA LEU A 499 28.98 -19.73 0.65
C LEU A 499 28.65 -21.18 1.03
N LYS A 500 29.07 -22.12 0.18
CA LYS A 500 28.79 -23.53 0.41
C LYS A 500 29.35 -24.02 1.73
N GLN A 501 30.56 -23.59 2.05
CA GLN A 501 31.18 -23.96 3.31
C GLN A 501 30.40 -23.41 4.50
N MLZ A 502 30.00 -22.15 4.42
CA MLZ A 502 29.24 -21.55 5.47
CB MLZ A 502 28.91 -20.12 5.11
CG MLZ A 502 28.69 -19.34 6.39
CD MLZ A 502 28.69 -17.86 6.09
CE MLZ A 502 30.12 -17.34 6.13
NZ MLZ A 502 30.52 -17.09 7.46
CM MLZ A 502 31.89 -16.69 7.44
C MLZ A 502 27.97 -22.34 5.69
O MLZ A 502 27.63 -22.71 6.85
N VAL A 503 27.27 -22.65 4.61
CA VAL A 503 25.96 -23.26 4.71
C VAL A 503 26.01 -24.69 5.25
N GLU A 504 26.93 -25.48 4.74
CA GLU A 504 27.07 -26.86 5.17
C GLU A 504 27.49 -26.94 6.64
N ALA A 505 28.01 -25.84 7.17
CA ALA A 505 28.46 -25.77 8.56
C ALA A 505 27.32 -25.49 9.53
N LEU A 506 26.14 -25.15 8.99
CA LEU A 506 25.01 -24.77 9.83
C LEU A 506 24.34 -25.95 10.50
N SER A 507 24.12 -25.83 11.80
CA SER A 507 23.30 -26.80 12.51
C SER A 507 21.83 -26.57 12.20
N PRO A 508 20.97 -27.55 12.51
CA PRO A 508 19.54 -27.36 12.31
C PRO A 508 19.00 -26.15 13.05
N GLY A 509 19.58 -25.84 14.21
CA GLY A 509 19.18 -24.69 14.99
C GLY A 509 19.58 -23.39 14.33
N ASP A 510 20.76 -23.39 13.70
CA ASP A 510 21.22 -22.22 12.97
C ASP A 510 20.29 -21.92 11.81
N ARG A 511 19.97 -22.95 11.05
CA ARG A 511 19.13 -22.81 9.86
C ARG A 511 17.77 -22.28 10.24
N GLN A 512 17.32 -22.63 11.43
CA GLN A 512 16.00 -22.23 11.87
C GLN A 512 16.04 -20.77 12.29
N GLN A 513 17.12 -20.37 12.95
CA GLN A 513 17.29 -18.98 13.34
C GLN A 513 17.50 -18.09 12.14
N ILE A 514 18.16 -18.60 11.11
CA ILE A 514 18.33 -17.82 9.90
C ILE A 514 16.99 -17.61 9.22
N TYR A 515 16.14 -18.62 9.23
CA TYR A 515 14.80 -18.52 8.64
C TYR A 515 13.93 -17.52 9.41
N GLU A 516 13.89 -17.65 10.73
CA GLU A 516 13.08 -16.75 11.54
C GLU A 516 13.53 -15.28 11.47
N MLY A 517 14.84 -15.04 11.54
CA MLY A 517 15.37 -13.67 11.48
CB MLY A 517 16.86 -13.66 11.85
CG MLY A 517 17.08 -13.84 13.36
CD MLY A 517 18.50 -14.22 13.73
CE MLY A 517 18.76 -13.93 15.20
NZ MLY A 517 19.84 -14.75 15.87
CH1 MLY A 517 21.01 -14.88 15.00
CH2 MLY A 517 20.26 -14.02 17.05
C MLY A 517 15.12 -13.04 10.11
O MLY A 517 14.79 -11.86 10.02
N GLY A 518 15.25 -13.83 9.06
CA GLY A 518 14.95 -13.35 7.73
C GLY A 518 13.51 -12.87 7.59
N LEU A 519 12.57 -13.63 8.13
CA LEU A 519 11.17 -13.19 8.13
C LEU A 519 10.95 -11.98 9.02
N GLU A 520 11.66 -11.93 10.14
CA GLU A 520 11.59 -10.76 11.01
C GLU A 520 12.11 -9.49 10.30
N LEU A 521 13.21 -9.62 9.58
CA LEU A 521 13.78 -8.51 8.81
C LEU A 521 12.82 -8.03 7.72
N ARG A 522 12.26 -8.98 6.96
CA ARG A 522 11.32 -8.64 5.91
C ARG A 522 10.10 -7.95 6.49
N SER A 523 9.68 -8.40 7.66
CA SER A 523 8.57 -7.78 8.37
C SER A 523 8.87 -6.34 8.79
N GLN A 524 10.04 -6.13 9.39
N GLN A 524 10.05 -6.14 9.39
CA GLN A 524 10.46 -4.79 9.77
CA GLN A 524 10.50 -4.81 9.76
C GLN A 524 10.60 -3.88 8.55
C GLN A 524 10.56 -3.89 8.54
N GLN A 525 10.99 -4.45 7.41
CA GLN A 525 11.11 -3.69 6.17
C GLN A 525 9.75 -3.36 5.54
N SER A 526 8.69 -4.03 6.00
CA SER A 526 7.38 -3.90 5.35
C SER A 526 6.39 -3.12 6.16
N MLZ A 527 6.42 -3.30 7.48
CA MLZ A 527 5.41 -2.78 8.35
CB MLZ A 527 5.57 -3.47 9.68
CG MLZ A 527 4.59 -2.96 10.71
CD MLZ A 527 4.68 -3.84 11.94
CE MLZ A 527 5.64 -3.23 12.93
NZ MLZ A 527 6.37 -4.24 13.61
CM MLZ A 527 5.53 -4.85 14.58
C MLZ A 527 5.58 -1.29 8.55
O MLZ A 527 6.61 -0.87 9.13
N PRO A 528 4.59 -0.49 8.12
CA PRO A 528 4.65 0.95 8.34
C PRO A 528 4.81 1.27 9.82
N GLN A 529 5.72 2.18 10.14
CA GLN A 529 5.98 2.53 11.52
C GLN A 529 5.92 4.03 11.74
N ASP A 530 5.67 4.41 12.99
CA ASP A 530 5.53 5.80 13.36
C ASP A 530 6.89 6.50 13.37
N ALA A 531 6.94 7.70 12.83
CA ALA A 531 8.19 8.44 12.77
C ALA A 531 8.10 9.73 13.56
N SER A 532 7.05 9.84 14.36
CA SER A 532 6.75 11.08 15.06
C SER A 532 7.82 11.45 16.08
N CYS A 533 8.62 10.48 16.53
CA CYS A 533 9.70 10.80 17.44
C CYS A 533 10.76 11.69 16.75
N LEU A 534 10.79 11.67 15.42
CA LEU A 534 11.78 12.45 14.68
C LEU A 534 11.36 13.90 14.56
N PRO A 535 12.35 14.83 14.57
CA PRO A 535 12.03 16.23 14.28
C PRO A 535 11.64 16.40 12.81
N ALA A 536 11.05 17.53 12.48
CA ALA A 536 10.67 17.80 11.11
C ALA A 536 10.42 19.29 10.90
N LEU A 537 10.73 19.78 9.70
CA LEU A 537 10.25 21.07 9.25
C LEU A 537 8.86 20.88 8.67
N LYS A 538 8.18 21.99 8.37
CA LYS A 538 6.88 21.92 7.77
C LYS A 538 6.95 22.60 6.40
N VAL A 539 5.94 22.37 5.57
CA VAL A 539 5.91 22.99 4.25
C VAL A 539 5.83 24.49 4.37
N SER A 540 5.29 24.98 5.49
CA SER A 540 5.18 26.41 5.71
C SER A 540 6.55 27.05 5.94
N ASP A 541 7.55 26.21 6.16
CA ASP A 541 8.92 26.70 6.35
C ASP A 541 9.60 26.97 5.01
N ILE A 542 8.98 26.51 3.94
CA ILE A 542 9.48 26.74 2.59
C ILE A 542 9.10 28.15 2.18
N GLU A 543 10.06 28.89 1.62
CA GLU A 543 9.80 30.24 1.14
C GLU A 543 8.78 30.23 0.00
N PRO A 544 7.80 31.11 0.07
CA PRO A 544 6.76 31.30 -0.94
C PRO A 544 7.29 31.76 -2.30
N THR A 545 8.31 32.60 -2.28
CA THR A 545 8.90 33.14 -3.51
C THR A 545 10.41 33.12 -3.46
N ILE A 546 11.03 33.29 -4.62
CA ILE A 546 12.49 33.35 -4.69
C ILE A 546 12.94 34.76 -5.02
N PRO A 547 14.17 35.10 -4.62
CA PRO A 547 14.76 36.39 -4.97
C PRO A 547 14.95 36.50 -6.48
N VAL A 548 14.47 37.58 -7.07
CA VAL A 548 14.59 37.76 -8.51
C VAL A 548 16.05 37.88 -8.92
N THR A 549 16.37 37.37 -10.10
CA THR A 549 17.71 37.52 -10.65
C THR A 549 17.76 38.74 -11.57
N GLU A 550 18.63 39.69 -11.25
CA GLU A 550 18.75 40.89 -12.06
C GLU A 550 19.79 40.70 -13.16
N LEU A 551 19.33 40.71 -14.40
CA LEU A 551 20.26 40.63 -15.51
C LEU A 551 19.94 41.71 -16.53
N ASP A 552 20.89 41.95 -17.42
CA ASP A 552 20.80 43.01 -18.40
C ASP A 552 21.29 42.48 -19.73
N VAL A 553 20.39 42.38 -20.70
CA VAL A 553 20.75 41.90 -22.03
C VAL A 553 21.09 43.05 -22.96
N VAL A 554 22.29 42.98 -23.55
CA VAL A 554 22.73 44.04 -24.46
C VAL A 554 23.06 43.45 -25.82
N LEU A 555 22.42 43.98 -26.86
CA LEU A 555 22.77 43.62 -28.23
C LEU A 555 24.14 44.17 -28.55
N THR A 556 25.01 43.30 -29.03
CA THR A 556 26.42 43.60 -29.17
C THR A 556 26.91 43.18 -30.54
N ALA A 557 27.92 43.89 -31.05
CA ALA A 557 28.53 43.56 -32.33
C ALA A 557 27.44 43.41 -33.37
N GLY A 558 26.49 44.33 -33.32
CA GLY A 558 25.36 44.25 -34.21
C GLY A 558 24.15 43.67 -33.51
N ASP A 559 23.95 42.38 -33.70
CA ASP A 559 22.73 41.71 -33.28
C ASP A 559 22.93 40.56 -32.31
N ILE A 560 24.13 40.44 -31.73
CA ILE A 560 24.41 39.35 -30.81
C ILE A 560 24.11 39.71 -29.36
N PRO A 561 23.12 39.03 -28.76
CA PRO A 561 22.71 39.28 -27.39
C PRO A 561 23.73 38.79 -26.37
N VAL A 562 24.06 39.67 -25.42
CA VAL A 562 24.92 39.33 -24.30
C VAL A 562 24.19 39.62 -23.01
N GLN A 563 24.10 38.61 -22.16
CA GLN A 563 23.48 38.70 -20.86
C GLN A 563 24.49 39.08 -19.78
N TYR A 564 24.25 40.19 -19.10
CA TYR A 564 25.13 40.60 -18.01
C TYR A 564 24.47 40.44 -16.65
N CYS A 565 25.19 39.80 -15.74
CA CYS A 565 24.68 39.54 -14.42
C CYS A 565 25.69 39.95 -13.35
N ALA A 566 25.41 41.07 -12.69
CA ALA A 566 26.31 41.58 -11.65
C ALA A 566 26.16 40.72 -10.42
N GLN A 567 27.29 40.21 -9.91
CA GLN A 567 27.27 39.29 -8.78
C GLN A 567 28.53 39.48 -7.95
N PRO A 568 28.47 39.08 -6.67
CA PRO A 568 29.67 39.11 -5.83
C PRO A 568 30.62 37.94 -6.12
N THR A 569 31.36 38.03 -7.22
CA THR A 569 32.25 36.94 -7.67
C THR A 569 33.65 37.00 -7.07
N ASN A 570 33.91 37.99 -6.24
CA ASN A 570 35.22 38.14 -5.61
C ASN A 570 36.38 38.32 -6.60
N GLY A 571 36.21 39.24 -7.55
CA GLY A 571 37.26 39.53 -8.52
C GLY A 571 37.44 38.51 -9.64
N MET A 572 36.38 37.77 -9.95
CA MET A 572 36.42 36.74 -10.99
C MET A 572 35.44 37.06 -12.11
N VAL A 573 35.77 36.65 -13.31
CA VAL A 573 34.88 36.85 -14.44
C VAL A 573 34.53 35.52 -15.11
N TYR A 574 33.24 35.26 -15.33
CA TYR A 574 32.78 34.02 -15.95
C TYR A 574 32.10 34.31 -17.27
N PHE A 575 32.65 33.77 -18.36
CA PHE A 575 32.15 34.03 -19.70
C PHE A 575 31.60 32.76 -20.36
N ARG A 576 30.44 32.87 -20.99
CA ARG A 576 29.89 31.79 -21.77
C ARG A 576 29.45 32.30 -23.12
N ALA A 577 29.65 31.47 -24.14
CA ALA A 577 29.05 31.69 -25.44
C ALA A 577 28.31 30.44 -25.86
N PHE A 578 27.16 30.62 -26.49
CA PHE A 578 26.41 29.48 -26.99
C PHE A 578 26.16 29.64 -28.48
N SER A 579 26.71 28.70 -29.25
CA SER A 579 26.60 28.75 -30.70
C SER A 579 25.78 27.56 -31.22
N SER A 580 24.79 27.86 -32.05
CA SER A 580 23.85 26.87 -32.58
C SER A 580 24.46 25.81 -33.48
N LEU A 581 23.86 24.62 -33.44
CA LEU A 581 24.29 23.54 -34.30
C LEU A 581 23.35 23.37 -35.49
N ASN A 582 22.45 24.33 -35.69
CA ASN A 582 21.39 24.14 -36.68
C ASN A 582 21.83 24.07 -38.13
N THR A 583 23.01 24.58 -38.47
CA THR A 583 23.46 24.50 -39.87
C THR A 583 24.42 23.34 -40.14
N LEU A 584 24.90 22.68 -39.09
CA LEU A 584 25.85 21.58 -39.25
C LEU A 584 25.20 20.36 -39.91
N PRO A 585 25.84 19.83 -40.97
CA PRO A 585 25.40 18.58 -41.61
C PRO A 585 25.29 17.48 -40.58
N GLU A 586 24.15 16.80 -40.54
CA GLU A 586 23.86 15.88 -39.44
C GLU A 586 24.86 14.72 -39.38
N GLU A 587 25.58 14.47 -40.46
CA GLU A 587 26.56 13.40 -40.48
C GLU A 587 27.77 13.74 -39.59
N LEU A 588 27.92 15.03 -39.27
CA LEU A 588 29.04 15.48 -38.47
C LEU A 588 28.71 15.50 -36.99
N ARG A 589 27.42 15.38 -36.65
CA ARG A 589 26.96 15.39 -35.26
C ARG A 589 27.73 14.49 -34.29
N PRO A 590 27.98 13.24 -34.68
CA PRO A 590 28.70 12.33 -33.79
C PRO A 590 30.09 12.81 -33.46
N TYR A 591 30.65 13.72 -34.25
CA TYR A 591 32.04 14.14 -34.06
C TYR A 591 32.18 15.49 -33.34
N VAL A 592 31.06 16.07 -32.97
CA VAL A 592 31.04 17.33 -32.24
C VAL A 592 31.63 17.26 -30.82
N PRO A 593 31.31 16.19 -30.06
CA PRO A 593 31.95 16.09 -28.74
C PRO A 593 33.47 16.02 -28.83
N LEU A 594 33.98 15.29 -29.81
CA LEU A 594 35.41 15.19 -30.00
C LEU A 594 35.99 16.55 -30.41
N PHE A 595 35.32 17.20 -31.35
CA PHE A 595 35.64 18.57 -31.72
C PHE A 595 35.74 19.46 -30.48
N CYS A 596 34.74 19.38 -29.61
CA CYS A 596 34.69 20.20 -28.41
C CYS A 596 35.83 19.90 -27.43
N SER A 597 36.19 18.63 -27.29
CA SER A 597 37.22 18.30 -26.31
C SER A 597 38.63 18.69 -26.77
N VAL A 598 38.85 18.80 -28.08
CA VAL A 598 40.20 19.14 -28.53
C VAL A 598 40.35 20.60 -28.94
N LEU A 599 39.24 21.31 -29.10
CA LEU A 599 39.25 22.68 -29.65
C LEU A 599 40.18 23.63 -28.92
N THR A 600 40.22 23.55 -27.60
CA THR A 600 41.01 24.48 -26.80
C THR A 600 42.37 23.89 -26.45
N LYS A 601 42.76 22.84 -27.17
CA LYS A 601 43.94 22.09 -26.78
C LYS A 601 44.91 21.75 -27.91
N LEU A 602 44.57 22.09 -29.15
CA LEU A 602 45.45 21.73 -30.27
C LEU A 602 46.41 22.85 -30.68
N GLY A 603 46.32 23.99 -30.02
CA GLY A 603 47.07 25.16 -30.42
C GLY A 603 46.16 26.15 -31.14
N CYS A 604 46.56 27.42 -31.15
CA CYS A 604 45.82 28.44 -31.88
C CYS A 604 46.78 29.52 -32.37
N GLY A 605 46.68 29.83 -33.65
CA GLY A 605 47.55 30.81 -34.30
C GLY A 605 49.00 30.39 -34.16
N LEU A 606 49.81 31.28 -33.59
CA LEU A 606 51.24 31.05 -33.43
C LEU A 606 51.61 30.30 -32.17
N LEU A 607 50.61 30.00 -31.34
CA LEU A 607 50.87 29.21 -30.13
C LEU A 607 50.61 27.75 -30.46
N ASP A 608 51.64 26.91 -30.36
CA ASP A 608 51.42 25.49 -30.53
C ASP A 608 50.68 24.97 -29.30
N TYR A 609 50.36 23.68 -29.27
CA TYR A 609 49.50 23.15 -28.21
C TYR A 609 50.16 23.33 -26.82
N ARG A 610 51.48 23.35 -26.78
CA ARG A 610 52.18 23.56 -25.51
C ARG A 610 52.13 25.02 -25.04
N GLU A 611 52.35 25.94 -25.97
CA GLU A 611 52.27 27.35 -25.66
C GLU A 611 50.86 27.75 -25.26
N GLN A 612 49.88 27.19 -25.95
CA GLN A 612 48.49 27.47 -25.66
C GLN A 612 48.11 26.97 -24.27
N ALA A 613 48.60 25.80 -23.90
CA ALA A 613 48.31 25.25 -22.59
C ALA A 613 48.87 26.12 -21.49
N GLN A 614 50.09 26.61 -21.69
CA GLN A 614 50.73 27.49 -20.73
C GLN A 614 49.96 28.79 -20.58
N GLN A 615 49.50 29.34 -21.70
CA GLN A 615 48.77 30.61 -21.65
C GLN A 615 47.46 30.44 -20.93
N ILE A 616 46.75 29.37 -21.25
CA ILE A 616 45.49 29.08 -20.63
C ILE A 616 45.64 28.93 -19.12
N GLU A 617 46.67 28.23 -18.69
CA GLU A 617 46.90 28.02 -17.27
C GLU A 617 47.38 29.30 -16.54
N LEU A 618 48.15 30.13 -17.23
CA LEU A 618 48.63 31.37 -16.62
C LEU A 618 47.56 32.48 -16.58
N MLY A 619 46.62 32.47 -17.54
CA MLY A 619 45.67 33.57 -17.69
CB MLY A 619 45.73 34.16 -19.10
CG MLY A 619 47.09 34.66 -19.54
CD MLY A 619 47.63 35.74 -18.61
CE MLY A 619 48.84 36.44 -19.22
NZ MLY A 619 49.52 37.34 -18.27
CH1 MLY A 619 50.77 37.75 -18.95
CH2 MLY A 619 48.71 38.56 -18.19
C MLY A 619 44.21 33.23 -17.37
O MLY A 619 43.38 34.13 -17.30
N THR A 620 43.89 31.96 -17.20
CA THR A 620 42.51 31.55 -16.98
C THR A 620 42.41 30.49 -15.92
N GLY A 621 41.19 30.17 -15.51
CA GLY A 621 40.96 29.03 -14.63
C GLY A 621 40.43 27.85 -15.44
N GLY A 622 40.52 27.97 -16.76
CA GLY A 622 40.01 26.94 -17.66
C GLY A 622 39.25 27.50 -18.86
N MET A 623 39.36 26.81 -19.99
CA MET A 623 38.59 27.14 -21.18
C MET A 623 38.09 25.86 -21.81
N SER A 624 36.77 25.75 -21.94
CA SER A 624 36.21 24.50 -22.46
C SER A 624 35.03 24.73 -23.39
N ALA A 625 34.77 23.71 -24.19
CA ALA A 625 33.59 23.63 -25.04
C ALA A 625 32.87 22.31 -24.78
N SER A 626 31.56 22.30 -24.85
CA SER A 626 30.80 21.07 -24.66
C SER A 626 29.51 21.15 -25.43
N PRO A 627 29.06 20.02 -25.99
CA PRO A 627 27.82 19.99 -26.77
C PRO A 627 26.59 19.87 -25.87
N HIS A 628 25.51 20.54 -26.24
CA HIS A 628 24.30 20.51 -25.43
C HIS A 628 23.04 20.40 -26.27
N VAL A 629 22.12 19.58 -25.77
CA VAL A 629 20.75 19.52 -26.24
C VAL A 629 19.87 20.09 -25.15
N LEU A 630 19.17 21.18 -25.44
CA LEU A 630 18.35 21.86 -24.44
C LEU A 630 16.88 21.69 -24.80
N PRO A 631 16.16 20.88 -24.03
CA PRO A 631 14.74 20.62 -24.29
C PRO A 631 13.87 21.85 -24.13
N ASP A 632 12.85 21.98 -24.96
CA ASP A 632 11.92 23.09 -24.87
C ASP A 632 11.08 22.93 -23.61
N ASP A 633 10.62 24.04 -23.07
CA ASP A 633 9.86 24.03 -21.83
C ASP A 633 8.40 23.62 -22.03
N SER A 634 7.94 23.66 -23.28
CA SER A 634 6.51 23.46 -23.54
C SER A 634 6.16 22.43 -24.61
N HIS A 635 7.16 21.98 -25.35
N HIS A 635 7.15 22.00 -25.37
CA HIS A 635 6.92 20.99 -26.41
CA HIS A 635 6.91 21.00 -26.41
C HIS A 635 7.96 19.89 -26.37
C HIS A 635 7.95 19.88 -26.36
N MET A 636 7.49 18.65 -26.17
CA MET A 636 8.38 17.50 -26.01
C MET A 636 9.27 17.25 -27.20
N ASP A 637 8.80 17.62 -28.39
CA ASP A 637 9.54 17.31 -29.60
C ASP A 637 10.24 18.52 -30.18
N THR A 638 10.51 19.50 -29.33
CA THR A 638 11.26 20.68 -29.73
C THR A 638 12.46 20.83 -28.83
N TYR A 639 13.61 21.16 -29.41
CA TYR A 639 14.83 21.36 -28.62
C TYR A 639 15.77 22.36 -29.27
N GLU A 640 16.73 22.85 -28.49
CA GLU A 640 17.81 23.65 -29.01
C GLU A 640 19.09 22.85 -28.93
N GLN A 641 19.90 22.93 -29.98
CA GLN A 641 21.17 22.25 -30.04
C GLN A 641 22.29 23.25 -30.32
N GLY A 642 23.40 23.10 -29.63
CA GLY A 642 24.53 23.98 -29.82
C GLY A 642 25.74 23.58 -29.00
N VAL A 643 26.80 24.36 -29.11
CA VAL A 643 27.97 24.16 -28.29
C VAL A 643 28.13 25.30 -27.30
N LEU A 644 28.38 24.93 -26.05
CA LEU A 644 28.62 25.89 -25.00
C LEU A 644 30.12 26.12 -24.79
N PHE A 645 30.55 27.36 -24.99
CA PHE A 645 31.92 27.75 -24.71
C PHE A 645 31.99 28.43 -23.35
N SER A 646 32.85 27.94 -22.49
N SER A 646 32.85 27.94 -22.47
CA SER A 646 32.89 28.42 -21.10
CA SER A 646 32.89 28.44 -21.11
C SER A 646 34.31 28.72 -20.63
C SER A 646 34.30 28.71 -20.62
N SER A 647 34.46 29.79 -19.87
CA SER A 647 35.75 30.12 -19.29
C SER A 647 35.57 31.01 -18.05
N LEU A 648 36.64 31.14 -17.27
CA LEU A 648 36.68 32.02 -16.11
C LEU A 648 38.09 32.57 -15.96
N CYS A 649 38.21 33.72 -15.30
CA CYS A 649 39.51 34.32 -15.05
C CYS A 649 39.44 35.37 -13.93
N LEU A 650 40.60 35.78 -13.44
CA LEU A 650 40.69 36.96 -12.58
C LEU A 650 40.37 38.22 -13.38
N ASP A 651 39.86 39.25 -12.69
CA ASP A 651 39.52 40.53 -13.33
C ASP A 651 40.63 41.03 -14.26
N ARG A 652 41.87 41.03 -13.75
CA ARG A 652 42.97 41.64 -14.49
C ARG A 652 43.36 40.88 -15.75
N ASN A 653 42.95 39.62 -15.87
CA ASN A 653 43.32 38.80 -17.03
C ASN A 653 42.19 38.64 -18.05
N LEU A 654 41.15 39.44 -17.90
CA LEU A 654 40.01 39.35 -18.80
C LEU A 654 40.38 39.55 -20.26
N PRO A 655 41.16 40.59 -20.57
CA PRO A 655 41.59 40.81 -21.96
C PRO A 655 42.39 39.63 -22.53
N ASP A 656 43.27 39.07 -21.72
CA ASP A 656 44.02 37.90 -22.15
C ASP A 656 43.09 36.74 -22.47
N MET A 657 42.07 36.55 -21.66
CA MET A 657 41.12 35.45 -21.84
C MET A 657 40.39 35.57 -23.16
N MET A 658 39.91 36.77 -23.47
CA MET A 658 39.17 36.99 -24.71
C MET A 658 40.10 36.94 -25.93
N GLN A 659 41.37 37.28 -25.75
CA GLN A 659 42.37 37.12 -26.80
C GLN A 659 42.54 35.64 -27.14
N LEU A 660 42.49 34.79 -26.12
CA LEU A 660 42.55 33.34 -26.34
C LEU A 660 41.30 32.85 -27.08
N TRP A 661 40.13 33.34 -26.69
CA TRP A 661 38.90 32.92 -27.35
C TRP A 661 38.87 33.31 -28.82
N SER A 662 39.42 34.48 -29.11
CA SER A 662 39.45 34.97 -30.47
C SER A 662 40.33 34.09 -31.36
N GLU A 663 41.51 33.74 -30.89
CA GLU A 663 42.45 32.91 -31.66
C GLU A 663 41.91 31.48 -31.83
N ILE A 664 41.25 31.00 -30.78
CA ILE A 664 40.65 29.68 -30.81
C ILE A 664 39.53 29.63 -31.84
N PHE A 665 38.71 30.67 -31.91
CA PHE A 665 37.62 30.72 -32.88
C PHE A 665 38.14 30.91 -34.30
N ASN A 666 39.20 31.69 -34.46
CA ASN A 666 39.70 32.05 -35.78
C ASN A 666 40.83 31.16 -36.34
N ASN A 667 41.77 30.74 -35.51
CA ASN A 667 42.88 29.93 -36.00
C ASN A 667 43.23 28.70 -35.16
N PRO A 668 42.25 27.82 -34.89
CA PRO A 668 42.64 26.63 -34.13
C PRO A 668 43.51 25.73 -35.01
N CYS A 669 44.53 25.10 -34.44
CA CYS A 669 45.48 24.34 -35.24
C CYS A 669 45.03 22.90 -35.51
N PHE A 670 44.15 22.74 -36.49
CA PHE A 670 43.61 21.42 -36.84
C PHE A 670 44.56 20.60 -37.70
N GLU A 671 45.81 21.03 -37.82
CA GLU A 671 46.81 20.26 -38.52
C GLU A 671 47.71 19.59 -37.49
N GLU A 672 47.42 19.84 -36.21
CA GLU A 672 48.15 19.22 -35.12
C GLU A 672 47.74 17.75 -34.96
N GLU A 673 48.27 16.89 -35.82
CA GLU A 673 47.85 15.51 -35.89
C GLU A 673 48.35 14.68 -34.72
N GLU A 674 49.57 14.93 -34.28
CA GLU A 674 50.17 14.13 -33.22
C GLU A 674 49.56 14.39 -31.85
N HIS A 675 49.35 15.65 -31.48
CA HIS A 675 48.72 15.90 -30.19
C HIS A 675 47.25 15.49 -30.25
N PHE A 676 46.66 15.56 -31.43
CA PHE A 676 45.28 15.12 -31.60
C PHE A 676 45.09 13.63 -31.27
N MLY A 677 46.00 12.79 -31.73
CA MLY A 677 45.97 11.36 -31.42
CB MLY A 677 47.09 10.63 -32.15
CG MLY A 677 46.72 10.25 -33.57
CD MLY A 677 47.86 9.50 -34.24
CE MLY A 677 48.19 8.18 -33.57
NZ MLY A 677 49.05 7.37 -34.45
CH1 MLY A 677 48.17 6.88 -35.52
CH2 MLY A 677 50.01 8.31 -35.05
C MLY A 677 46.10 11.10 -29.93
O MLY A 677 45.44 10.21 -29.39
N VAL A 678 46.93 11.88 -29.28
CA VAL A 678 47.14 11.79 -27.84
C VAL A 678 45.87 12.10 -27.07
N LEU A 679 45.18 13.19 -27.43
CA LEU A 679 43.94 13.58 -26.76
C LEU A 679 42.80 12.57 -26.98
N VAL A 680 42.71 12.06 -28.20
CA VAL A 680 41.70 11.09 -28.58
C VAL A 680 41.81 9.85 -27.70
N MLY A 681 43.02 9.32 -27.58
CA MLY A 681 43.26 8.16 -26.76
CB MLY A 681 44.64 7.56 -27.02
CG MLY A 681 44.75 6.94 -28.42
CD MLY A 681 46.06 6.22 -28.64
CE MLY A 681 47.24 7.15 -28.45
NZ MLY A 681 48.54 6.49 -28.77
CH1 MLY A 681 49.53 7.59 -28.84
CH2 MLY A 681 48.88 5.65 -27.61
C MLY A 681 43.02 8.40 -25.27
O MLY A 681 42.49 7.54 -24.57
N MET A 682 43.41 9.59 -24.79
CA MET A 682 43.13 9.98 -23.41
C MET A 682 41.63 10.01 -23.12
N THR A 683 40.89 10.68 -24.01
CA THR A 683 39.45 10.80 -23.89
C THR A 683 38.73 9.46 -23.93
N ALA A 684 39.08 8.63 -24.90
CA ALA A 684 38.48 7.30 -25.04
C ALA A 684 38.74 6.46 -23.79
N GLN A 685 39.97 6.54 -23.27
CA GLN A 685 40.32 5.81 -22.06
C GLN A 685 39.48 6.26 -20.89
N GLU A 686 39.36 7.58 -20.73
CA GLU A 686 38.62 8.12 -19.60
C GLU A 686 37.14 7.83 -19.72
N LEU A 687 36.58 7.93 -20.91
CA LEU A 687 35.17 7.58 -21.07
C LEU A 687 34.89 6.12 -20.71
N ALA A 688 35.74 5.20 -21.17
CA ALA A 688 35.56 3.78 -20.90
C ALA A 688 35.70 3.50 -19.41
N ASN A 689 36.69 4.12 -18.79
CA ASN A 689 36.88 3.95 -17.36
C ASN A 689 35.68 4.42 -16.53
N GLY A 690 34.94 5.41 -17.01
CA GLY A 690 33.87 5.98 -16.23
C GLY A 690 32.51 5.28 -16.35
N ILE A 691 32.42 4.21 -17.13
CA ILE A 691 31.13 3.58 -17.37
C ILE A 691 30.43 3.03 -16.11
N PRO A 692 31.14 2.21 -15.31
CA PRO A 692 30.52 1.61 -14.11
C PRO A 692 30.02 2.65 -13.09
N ASP A 693 30.79 3.68 -12.91
CA ASP A 693 30.50 4.66 -11.92
C ASP A 693 29.29 5.44 -12.31
N SER A 694 29.06 5.54 -13.60
CA SER A 694 27.88 6.22 -14.15
C SER A 694 26.96 5.22 -14.84
N GLY A 695 27.00 3.98 -14.38
CA GLY A 695 26.28 2.88 -15.03
C GLY A 695 24.82 3.17 -15.29
N HIS A 696 24.15 3.75 -14.31
CA HIS A 696 22.72 4.04 -14.39
C HIS A 696 22.44 5.22 -15.30
N LEU A 697 23.39 6.14 -15.43
CA LEU A 697 23.20 7.27 -16.33
C LEU A 697 23.26 6.77 -17.76
N TYR A 698 24.20 5.88 -18.03
CA TYR A 698 24.27 5.28 -19.36
C TYR A 698 23.02 4.49 -19.70
N ALA A 699 22.45 3.78 -18.72
CA ALA A 699 21.22 3.03 -18.96
C ALA A 699 20.08 3.98 -19.27
N SER A 700 19.97 5.06 -18.50
CA SER A 700 18.89 6.03 -18.68
C SER A 700 18.97 6.71 -20.03
N ILE A 701 20.18 7.09 -20.42
CA ILE A 701 20.37 7.75 -21.70
C ILE A 701 19.98 6.82 -22.85
N ARG A 702 20.33 5.54 -22.77
CA ARG A 702 19.93 4.63 -23.84
C ARG A 702 18.42 4.47 -23.82
N ALA A 703 17.85 4.28 -22.65
CA ALA A 703 16.40 4.05 -22.53
C ALA A 703 15.56 5.22 -23.03
N GLY A 704 16.08 6.44 -22.90
CA GLY A 704 15.32 7.60 -23.33
C GLY A 704 15.60 7.97 -24.77
N ARG A 705 16.50 7.27 -25.40
CA ARG A 705 16.90 7.58 -26.70
C ARG A 705 15.78 7.57 -27.76
N THR A 706 14.77 6.75 -27.55
CA THR A 706 13.70 6.61 -28.55
C THR A 706 12.43 7.35 -28.15
N LEU A 707 12.50 8.12 -27.08
CA LEU A 707 11.31 8.75 -26.51
C LEU A 707 11.11 10.19 -26.99
N THR A 708 12.19 10.87 -27.35
CA THR A 708 12.11 12.22 -27.88
C THR A 708 13.25 12.43 -28.85
N PRO A 709 13.11 13.43 -29.74
CA PRO A 709 14.19 13.82 -30.64
C PRO A 709 15.48 14.18 -29.88
N ALA A 710 15.34 14.92 -28.78
CA ALA A 710 16.49 15.33 -27.97
C ALA A 710 17.23 14.14 -27.38
N GLY A 711 16.47 13.16 -26.91
CA GLY A 711 17.03 11.99 -26.29
C GLY A 711 17.93 11.25 -27.26
N ASP A 712 17.51 11.23 -28.52
CA ASP A 712 18.30 10.57 -29.55
C ASP A 712 19.64 11.27 -29.74
N LEU A 713 19.62 12.60 -29.73
CA LEU A 713 20.84 13.36 -29.90
C LEU A 713 21.73 13.25 -28.68
N GLN A 714 21.12 13.20 -27.50
CA GLN A 714 21.86 13.04 -26.26
C GLN A 714 22.66 11.74 -26.18
N GLU A 715 22.09 10.65 -26.68
CA GLU A 715 22.80 9.38 -26.75
C GLU A 715 23.98 9.51 -27.69
N THR A 716 23.77 10.18 -28.82
CA THR A 716 24.83 10.45 -29.75
C THR A 716 25.95 11.21 -29.03
N PHE A 717 25.59 12.28 -28.34
CA PHE A 717 26.59 13.13 -27.69
C PHE A 717 27.31 12.37 -26.59
N SER A 718 26.59 11.92 -25.58
CA SER A 718 27.24 11.35 -24.40
C SER A 718 26.82 9.95 -23.94
N GLY A 719 26.13 9.21 -24.80
CA GLY A 719 25.71 7.87 -24.48
C GLY A 719 26.77 6.84 -24.84
N MET A 720 26.41 5.56 -24.72
CA MET A 720 27.32 4.47 -25.05
C MET A 720 27.75 4.53 -26.51
N ASP A 721 26.90 5.08 -27.39
CA ASP A 721 27.29 5.28 -28.78
C ASP A 721 28.53 6.13 -28.89
N GLN A 722 28.61 7.15 -28.04
CA GLN A 722 29.73 8.10 -28.07
C GLN A 722 31.00 7.46 -27.51
N VAL A 723 30.86 6.67 -26.45
CA VAL A 723 31.99 5.97 -25.87
C VAL A 723 32.55 5.00 -26.90
N ARG A 724 31.66 4.28 -27.56
CA ARG A 724 32.07 3.33 -28.59
C ARG A 724 32.72 4.01 -29.79
N LEU A 725 32.17 5.15 -30.20
CA LEU A 725 32.76 5.90 -31.29
C LEU A 725 34.19 6.32 -30.95
N MET A 726 34.40 6.84 -29.74
CA MET A 726 35.73 7.28 -29.34
C MET A 726 36.71 6.12 -29.29
N MLY A 727 36.26 4.98 -28.77
CA MLY A 727 37.06 3.78 -28.75
CB MLY A 727 36.27 2.63 -28.11
CG MLY A 727 37.13 1.59 -27.42
CD MLY A 727 37.83 2.18 -26.20
CE MLY A 727 38.61 1.11 -25.45
NZ MLY A 727 39.93 1.60 -25.02
CH1 MLY A 727 40.59 2.09 -26.24
CH2 MLY A 727 39.67 2.75 -24.15
C MLY A 727 37.50 3.37 -30.15
O MLY A 727 38.67 3.03 -30.35
N ARG A 728 36.60 3.43 -31.12
CA ARG A 728 36.97 3.12 -32.50
C ARG A 728 38.00 4.10 -33.04
N ILE A 729 37.76 5.39 -32.84
CA ILE A 729 38.65 6.42 -33.35
C ILE A 729 40.03 6.25 -32.77
N ALA A 730 40.07 5.91 -31.48
CA ALA A 730 41.34 5.73 -30.79
C ALA A 730 42.13 4.52 -31.27
N GLU A 731 41.50 3.65 -32.06
CA GLU A 731 42.20 2.45 -32.52
C GLU A 731 42.62 2.56 -33.97
N MET A 732 42.17 3.62 -34.65
CA MET A 732 42.51 3.82 -36.05
C MET A 732 44.00 4.00 -36.24
N THR A 733 44.54 3.40 -37.30
CA THR A 733 45.95 3.58 -37.63
C THR A 733 46.17 4.90 -38.35
N ASP A 734 45.15 5.34 -39.09
CA ASP A 734 45.19 6.63 -39.74
C ASP A 734 44.01 7.52 -39.28
N ILE A 735 44.27 8.47 -38.39
CA ILE A 735 43.19 9.31 -37.86
C ILE A 735 42.94 10.56 -38.70
N MLY A 736 43.59 10.64 -39.86
CA MLY A 736 43.45 11.79 -40.74
CB MLY A 736 44.43 11.68 -41.92
CG MLY A 736 45.87 12.02 -41.59
CD MLY A 736 46.80 11.80 -42.78
CE MLY A 736 48.23 12.16 -42.44
NZ MLY A 736 49.11 10.99 -42.13
CH1 MLY A 736 50.22 11.50 -41.31
CH2 MLY A 736 48.37 10.05 -41.29
C MLY A 736 42.04 12.04 -41.24
O MLY A 736 41.63 13.18 -41.38
N PRO A 737 41.30 10.97 -41.56
CA PRO A 737 39.93 11.18 -42.05
C PRO A 737 39.02 11.79 -40.98
N ILE A 738 39.35 11.56 -39.71
CA ILE A 738 38.61 12.16 -38.62
C ILE A 738 39.01 13.61 -38.40
N LEU A 739 40.32 13.84 -38.40
CA LEU A 739 40.86 15.16 -38.19
C LEU A 739 40.36 16.14 -39.25
N ARG A 740 40.15 15.65 -40.46
CA ARG A 740 39.66 16.47 -41.56
C ARG A 740 38.22 16.90 -41.39
N MLY A 741 37.51 16.31 -40.43
CA MLY A 741 36.16 16.72 -40.12
CB MLY A 741 35.39 15.58 -39.44
CG MLY A 741 35.20 14.35 -40.32
CD MLY A 741 34.39 13.29 -39.61
CE MLY A 741 34.27 12.03 -40.44
NZ MLY A 741 33.40 12.17 -41.63
CH1 MLY A 741 33.37 10.87 -42.30
CH2 MLY A 741 32.05 12.42 -41.11
C MLY A 741 36.11 17.97 -39.25
O MLY A 741 35.12 18.69 -39.25
N LEU A 742 37.18 18.23 -38.50
CA LEU A 742 37.19 19.35 -37.59
C LEU A 742 36.99 20.69 -38.29
N PRO A 743 37.69 20.92 -39.41
CA PRO A 743 37.46 22.16 -40.15
C PRO A 743 36.04 22.30 -40.68
N ARG A 744 35.39 21.21 -41.04
CA ARG A 744 34.04 21.30 -41.54
C ARG A 744 33.12 21.74 -40.41
N ILE A 745 33.44 21.30 -39.19
CA ILE A 745 32.66 21.67 -38.03
C ILE A 745 32.89 23.14 -37.63
N MLZ A 746 34.14 23.60 -37.72
CA MLZ A 746 34.45 24.96 -37.35
CB MLZ A 746 35.93 25.20 -37.47
CG MLZ A 746 36.21 26.64 -37.87
CD MLZ A 746 37.70 26.82 -38.07
CE MLZ A 746 38.08 28.26 -37.86
NZ MLZ A 746 37.58 29.08 -38.93
CM MLZ A 746 38.48 29.03 -40.04
C MLZ A 746 33.65 25.92 -38.22
O MLZ A 746 33.15 26.96 -37.72
N LYS A 747 33.50 25.57 -39.49
CA LYS A 747 32.80 26.42 -40.44
C LYS A 747 31.38 26.76 -40.01
N HIS A 748 30.69 25.81 -39.37
CA HIS A 748 29.30 26.02 -38.97
C HIS A 748 29.14 26.50 -37.54
N LEU A 749 30.21 26.44 -36.76
CA LEU A 749 30.14 26.67 -35.32
C LEU A 749 30.90 27.91 -34.82
N LEU A 750 32.15 28.03 -35.28
CA LEU A 750 33.04 29.08 -34.80
C LEU A 750 32.86 30.41 -35.54
N ASN A 751 31.68 30.99 -35.37
CA ASN A 751 31.36 32.31 -35.91
C ASN A 751 30.25 32.95 -35.08
N GLY A 752 29.79 34.13 -35.46
CA GLY A 752 28.76 34.80 -34.68
C GLY A 752 27.40 34.83 -35.34
N ASP A 753 27.14 33.92 -36.28
CA ASP A 753 25.89 33.92 -37.03
C ASP A 753 24.67 33.55 -36.20
N ASN A 754 24.83 32.62 -35.27
N ASN A 754 24.82 32.62 -35.26
CA ASN A 754 23.74 32.20 -34.39
CA ASN A 754 23.73 32.22 -34.38
C ASN A 754 24.25 32.02 -32.96
C ASN A 754 24.22 32.03 -32.95
N MET A 755 24.56 33.13 -32.30
CA MET A 755 25.23 33.09 -31.01
C MET A 755 24.59 33.96 -29.95
N ARG A 756 24.73 33.54 -28.70
CA ARG A 756 24.43 34.42 -27.57
C ARG A 756 25.49 34.20 -26.50
N CYS A 757 25.68 35.20 -25.64
CA CYS A 757 26.74 35.14 -24.64
C CYS A 757 26.25 35.54 -23.27
N SER A 758 27.02 35.20 -22.25
CA SER A 758 26.69 35.62 -20.92
C SER A 758 27.96 36.06 -20.19
N VAL A 759 27.78 36.97 -19.25
CA VAL A 759 28.87 37.43 -18.39
C VAL A 759 28.42 37.51 -16.94
N ASN A 760 29.19 36.89 -16.05
CA ASN A 760 28.98 37.06 -14.62
C ASN A 760 30.23 37.68 -14.02
N ALA A 761 30.06 38.84 -13.39
CA ALA A 761 31.17 39.55 -12.77
C ALA A 761 30.67 40.58 -11.76
N THR A 762 31.57 41.15 -10.97
CA THR A 762 31.19 42.19 -10.03
C THR A 762 30.73 43.42 -10.79
N PRO A 763 29.83 44.22 -10.17
CA PRO A 763 29.29 45.40 -10.86
C PRO A 763 30.38 46.39 -11.28
N GLN A 764 31.47 46.46 -10.52
CA GLN A 764 32.52 47.41 -10.85
C GLN A 764 33.45 46.90 -11.94
N GLN A 765 33.32 45.62 -12.26
CA GLN A 765 34.14 45.03 -13.32
C GLN A 765 33.38 44.97 -14.63
N MET A 766 32.06 45.14 -14.56
CA MET A 766 31.20 45.00 -15.74
C MET A 766 31.57 45.86 -16.96
N PRO A 767 31.89 47.15 -16.74
CA PRO A 767 32.21 48.02 -17.89
C PRO A 767 33.40 47.55 -18.72
N GLN A 768 34.47 47.10 -18.06
CA GLN A 768 35.63 46.60 -18.76
C GLN A 768 35.25 45.37 -19.57
N THR A 769 34.38 44.56 -19.00
CA THR A 769 33.99 43.29 -19.59
C THR A 769 33.19 43.47 -20.88
N GLU A 770 32.30 44.47 -20.90
CA GLU A 770 31.50 44.73 -22.09
C GLU A 770 32.39 45.02 -23.29
N MLY A 771 33.45 45.81 -23.07
CA MLY A 771 34.42 46.11 -24.11
CB MLY A 771 35.47 47.08 -23.57
CG MLY A 771 36.72 47.24 -24.43
CD MLY A 771 36.42 47.99 -25.73
CE MLY A 771 37.51 49.02 -26.03
NZ MLY A 771 38.61 48.55 -26.92
CH1 MLY A 771 39.23 47.37 -26.29
CH2 MLY A 771 38.02 48.16 -28.21
C MLY A 771 35.11 44.84 -24.62
O MLY A 771 35.09 44.57 -25.82
N ALA A 772 35.69 44.07 -23.71
CA ALA A 772 36.43 42.88 -24.09
C ALA A 772 35.55 41.89 -24.86
N VAL A 773 34.30 41.75 -24.44
CA VAL A 773 33.37 40.83 -25.12
C VAL A 773 33.02 41.34 -26.52
N GLU A 774 32.68 42.62 -26.63
CA GLU A 774 32.33 43.20 -27.92
C GLU A 774 33.46 43.07 -28.94
N ASP A 775 34.70 43.21 -28.47
CA ASP A 775 35.85 43.01 -29.34
C ASP A 775 35.97 41.57 -29.80
N PHE A 776 35.75 40.64 -28.88
CA PHE A 776 35.79 39.23 -29.24
C PHE A 776 34.75 38.94 -30.32
N LEU A 777 33.55 39.46 -30.12
CA LEU A 777 32.47 39.22 -31.06
C LEU A 777 32.73 39.88 -32.43
N ARG A 778 33.46 40.99 -32.44
CA ARG A 778 33.75 41.63 -33.72
C ARG A 778 34.90 40.97 -34.45
N SER A 779 35.66 40.12 -33.75
CA SER A 779 36.81 39.48 -34.37
C SER A 779 36.50 38.14 -35.03
N ILE A 780 35.31 37.59 -34.76
CA ILE A 780 34.95 36.30 -35.34
C ILE A 780 34.04 36.52 -36.54
N GLY A 781 33.97 35.54 -37.44
CA GLY A 781 33.27 35.69 -38.69
C GLY A 781 31.77 35.86 -38.67
N ARG A 782 31.23 36.43 -39.75
CA ARG A 782 29.79 36.59 -39.97
C ARG A 782 29.41 36.23 -41.40
N SER A 783 28.12 36.32 -41.71
CA SER A 783 27.58 35.99 -43.03
C SER A 783 27.93 34.55 -43.45
N ARG A 788 21.33 28.64 -43.87
CA ARG A 788 20.00 28.12 -43.54
C ARG A 788 20.10 26.73 -42.91
N PRO A 789 19.18 26.45 -41.97
CA PRO A 789 19.16 25.23 -41.16
C PRO A 789 18.94 23.93 -41.94
N VAL A 790 19.58 22.87 -41.46
CA VAL A 790 19.50 21.54 -42.06
C VAL A 790 18.12 20.93 -41.88
N ARG A 791 17.48 21.25 -40.76
CA ARG A 791 16.17 20.71 -40.47
C ARG A 791 15.12 21.66 -41.02
N PRO A 792 14.03 21.11 -41.58
CA PRO A 792 13.01 21.86 -42.31
C PRO A 792 12.09 22.65 -41.38
N HIS A 793 12.00 22.22 -40.13
CA HIS A 793 11.11 22.84 -39.17
C HIS A 793 11.88 23.42 -38.00
N THR A 794 12.19 24.71 -38.07
CA THR A 794 12.77 25.41 -36.94
C THR A 794 11.83 26.52 -36.50
N VAL A 795 11.84 26.81 -35.20
CA VAL A 795 10.95 27.82 -34.64
C VAL A 795 11.74 28.87 -33.87
N GLU A 796 11.30 30.12 -33.97
CA GLU A 796 11.90 31.18 -33.20
C GLU A 796 11.09 31.34 -31.93
N LYS A 797 11.74 31.21 -30.78
CA LYS A 797 11.07 31.37 -29.51
C LYS A 797 11.76 32.44 -28.71
N PRO A 798 11.10 33.60 -28.56
CA PRO A 798 11.66 34.71 -27.81
C PRO A 798 11.79 34.35 -26.34
N VAL A 799 12.71 35.00 -25.63
CA VAL A 799 12.87 34.76 -24.21
C VAL A 799 12.22 35.87 -23.38
N PRO A 800 11.34 35.48 -22.46
CA PRO A 800 10.69 36.37 -21.50
C PRO A 800 11.59 36.68 -20.30
N VAL A 815 16.37 38.34 -26.71
CA VAL A 815 17.06 37.08 -26.96
C VAL A 815 16.13 36.04 -27.58
N ILE A 816 16.28 35.83 -28.88
CA ILE A 816 15.44 34.90 -29.63
C ILE A 816 16.20 33.63 -29.96
N ARG A 817 15.75 32.51 -29.39
CA ARG A 817 16.37 31.21 -29.62
C ARG A 817 15.76 30.54 -30.85
N LYS A 818 16.62 29.95 -31.69
CA LYS A 818 16.17 29.25 -32.88
C LYS A 818 16.21 27.74 -32.65
N LEU A 819 15.05 27.16 -32.36
CA LEU A 819 14.97 25.76 -31.96
C LEU A 819 14.52 24.81 -33.07
N VAL A 820 14.91 23.54 -32.94
CA VAL A 820 14.46 22.53 -33.89
C VAL A 820 13.19 21.89 -33.37
N MET A 821 12.19 21.75 -34.22
CA MET A 821 11.05 20.95 -33.82
C MET A 821 10.82 19.86 -34.84
N GLU A 822 10.46 18.68 -34.37
CA GLU A 822 10.17 17.58 -35.28
C GLU A 822 8.74 17.13 -35.04
N PRO A 823 7.80 17.79 -35.72
CA PRO A 823 6.36 17.61 -35.51
C PRO A 823 5.86 16.25 -36.02
N THR A 824 6.71 15.52 -36.74
CA THR A 824 6.33 14.18 -37.18
C THR A 824 7.00 13.12 -36.32
N PHE A 825 7.63 13.52 -35.23
CA PHE A 825 8.28 12.55 -34.37
C PHE A 825 7.31 11.61 -33.69
N LYS A 826 7.57 10.32 -33.79
CA LYS A 826 6.76 9.34 -33.09
C LYS A 826 7.65 8.51 -32.16
N PRO A 827 7.39 8.52 -30.84
CA PRO A 827 8.19 7.73 -29.91
C PRO A 827 7.96 6.22 -30.05
N TRP A 828 8.98 5.41 -29.80
CA TRP A 828 8.79 3.96 -29.88
C TRP A 828 9.56 3.28 -28.77
N GLN A 829 9.12 2.08 -28.43
CA GLN A 829 9.68 1.33 -27.32
C GLN A 829 10.87 0.48 -27.73
N MET A 830 11.91 0.50 -26.91
CA MET A 830 13.09 -0.33 -27.15
C MET A 830 13.63 -0.85 -25.82
N MLY A 831 14.17 -2.06 -25.85
CA MLY A 831 14.72 -2.70 -24.66
CB MLY A 831 13.86 -3.91 -24.24
CG MLY A 831 12.42 -3.60 -23.87
CD MLY A 831 11.63 -4.88 -23.66
CE MLY A 831 10.37 -4.63 -22.86
NZ MLY A 831 9.44 -5.82 -22.72
CH1 MLY A 831 9.11 -6.28 -24.06
CH2 MLY A 831 10.16 -6.90 -22.04
C MLY A 831 16.10 -3.19 -25.02
O MLY A 831 16.25 -4.01 -25.91
N THR A 832 17.11 -2.66 -24.33
CA THR A 832 18.48 -2.94 -24.68
C THR A 832 19.25 -3.49 -23.49
N HIS A 833 19.93 -4.62 -23.68
CA HIS A 833 20.85 -5.10 -22.67
C HIS A 833 22.29 -5.03 -23.16
N PHE A 834 23.08 -4.14 -22.56
CA PHE A 834 24.52 -4.09 -22.77
C PHE A 834 25.18 -5.17 -21.96
N LEU A 835 25.76 -6.15 -22.63
CA LEU A 835 26.52 -7.20 -21.97
C LEU A 835 27.82 -6.60 -21.46
N MET A 836 27.98 -6.56 -20.14
CA MET A 836 29.17 -5.99 -19.53
C MET A 836 29.83 -6.97 -18.57
N PRO A 837 31.17 -6.93 -18.49
CA PRO A 837 31.84 -7.83 -17.55
C PRO A 837 31.76 -7.32 -16.11
N PHE A 838 30.53 -7.15 -15.62
CA PHE A 838 30.26 -6.58 -14.29
C PHE A 838 29.72 -7.63 -13.32
N PRO A 839 30.05 -7.49 -12.03
CA PRO A 839 29.41 -8.34 -11.01
C PRO A 839 28.07 -7.78 -10.49
N VAL A 840 27.64 -6.61 -10.95
CA VAL A 840 26.38 -5.99 -10.54
C VAL A 840 25.69 -5.39 -11.76
N ASN A 841 24.48 -4.86 -11.58
CA ASN A 841 23.73 -4.33 -12.69
C ASN A 841 23.36 -2.84 -12.55
N TYR A 842 23.02 -2.23 -13.67
CA TYR A 842 22.57 -0.86 -13.74
C TYR A 842 21.35 -0.81 -14.64
N VAL A 843 20.22 -0.38 -14.07
CA VAL A 843 18.94 -0.49 -14.75
C VAL A 843 18.26 0.86 -14.91
N GLY A 844 17.63 1.06 -16.06
CA GLY A 844 16.93 2.28 -16.35
C GLY A 844 15.66 2.01 -17.13
N GLU A 845 14.58 2.64 -16.68
CA GLU A 845 13.34 2.64 -17.44
C GLU A 845 12.85 4.06 -17.58
N CYS A 846 12.67 4.51 -18.82
CA CYS A 846 12.25 5.88 -19.08
C CYS A 846 10.84 5.91 -19.65
N ILE A 847 10.07 6.91 -19.23
CA ILE A 847 8.70 7.05 -19.65
C ILE A 847 8.47 8.48 -20.12
N ARG A 848 7.90 8.62 -21.31
CA ARG A 848 7.63 9.93 -21.87
C ARG A 848 6.38 10.54 -21.25
N THR A 849 6.53 11.68 -20.60
CA THR A 849 5.39 12.32 -19.95
C THR A 849 5.60 13.79 -20.34
N VAL A 850 4.83 14.73 -19.79
CA VAL A 850 4.82 16.12 -20.29
C VAL A 850 6.03 17.03 -19.96
N PRO A 851 6.13 18.18 -20.63
CA PRO A 851 7.17 19.16 -20.35
C PRO A 851 6.91 20.07 -19.13
N TYR A 852 7.93 20.83 -18.78
CA TYR A 852 8.01 21.67 -17.59
C TYR A 852 6.81 22.58 -17.34
N THR A 853 6.35 23.28 -18.36
CA THR A 853 5.24 24.22 -18.17
C THR A 853 3.88 23.53 -18.12
N ASP A 854 3.82 22.26 -18.47
CA ASP A 854 2.57 21.52 -18.31
C ASP A 854 2.25 21.39 -16.81
N PRO A 855 1.02 21.74 -16.41
CA PRO A 855 0.60 21.69 -15.00
C PRO A 855 0.80 20.31 -14.35
N ASP A 856 0.75 19.25 -15.13
CA ASP A 856 0.94 17.91 -14.60
C ASP A 856 2.39 17.64 -14.23
N HIS A 857 3.30 18.48 -14.72
CA HIS A 857 4.72 18.28 -14.47
C HIS A 857 5.08 18.34 -12.99
N ALA A 858 4.53 19.31 -12.27
CA ALA A 858 4.81 19.45 -10.83
C ALA A 858 4.34 18.23 -10.05
N SER A 859 3.20 17.68 -10.44
CA SER A 859 2.70 16.47 -9.80
C SER A 859 3.64 15.30 -9.98
N LEU A 860 4.11 15.12 -11.22
CA LEU A 860 4.99 14.00 -11.54
C LEU A 860 6.32 14.13 -10.82
N MLZ A 861 6.79 15.37 -10.65
CA MLZ A 861 7.98 15.65 -9.91
CB MLZ A 861 8.30 17.11 -9.98
CG MLZ A 861 9.54 17.40 -9.15
CD MLZ A 861 10.76 17.25 -10.02
CE MLZ A 861 12.00 17.64 -9.24
NZ MLZ A 861 13.19 17.39 -10.00
CM MLZ A 861 13.17 18.18 -11.18
C MLZ A 861 7.83 15.26 -8.46
O MLZ A 861 8.72 14.57 -7.90
N ILE A 862 6.75 15.68 -7.82
CA ILE A 862 6.45 15.26 -6.47
C ILE A 862 6.30 13.74 -6.38
N LEU A 863 5.63 13.15 -7.36
CA LEU A 863 5.42 11.72 -7.39
C LEU A 863 6.74 10.93 -7.45
N ALA A 864 7.72 11.44 -8.17
CA ALA A 864 9.00 10.76 -8.30
C ALA A 864 9.67 10.60 -6.94
N ARG A 865 9.70 11.69 -6.18
CA ARG A 865 10.34 11.70 -4.88
C ARG A 865 9.54 10.85 -3.89
N LEU A 866 8.22 10.93 -4.01
CA LEU A 866 7.32 10.12 -3.20
C LEU A 866 7.53 8.62 -3.43
N MET A 867 7.57 8.21 -4.69
CA MET A 867 7.81 6.81 -5.05
C MET A 867 9.18 6.34 -4.57
N THR A 868 10.14 7.24 -4.65
CA THR A 868 11.50 6.91 -4.23
C THR A 868 11.51 6.64 -2.74
N ALA A 869 11.00 7.60 -1.98
CA ALA A 869 11.04 7.51 -0.52
C ALA A 869 10.15 6.40 0.05
N LYS A 870 8.98 6.20 -0.54
CA LYS A 870 8.00 5.32 0.09
C LYS A 870 8.18 3.93 -0.50
N PHE A 871 8.25 3.80 -1.81
CA PHE A 871 8.44 2.46 -2.36
C PHE A 871 9.74 1.87 -2.89
N LEU A 872 10.47 2.63 -3.70
CA LEU A 872 11.60 2.11 -4.47
C LEU A 872 12.84 1.83 -3.60
N HIS A 873 13.11 2.73 -2.66
CA HIS A 873 14.28 2.59 -1.80
C HIS A 873 14.22 1.28 -1.01
N THR A 874 13.06 0.99 -0.45
CA THR A 874 12.82 -0.24 0.28
C THR A 874 12.90 -1.48 -0.60
N GLU A 875 12.20 -1.49 -1.71
CA GLU A 875 12.19 -2.69 -2.55
C GLU A 875 13.56 -2.98 -3.14
N ILE A 876 14.16 -1.97 -3.76
CA ILE A 876 15.35 -2.20 -4.56
C ILE A 876 16.63 -2.24 -3.75
N ARG A 877 16.76 -1.32 -2.80
CA ARG A 877 17.97 -1.25 -2.00
C ARG A 877 17.84 -2.07 -0.72
N GLU A 878 16.83 -1.77 0.06
CA GLU A 878 16.70 -2.38 1.38
C GLU A 878 16.42 -3.88 1.29
N MLY A 879 15.48 -4.26 0.43
CA MLY A 879 15.16 -5.68 0.25
CB MLY A 879 13.71 -5.86 -0.22
CG MLY A 879 12.65 -5.48 0.82
CD MLY A 879 11.25 -5.95 0.41
CE MLY A 879 10.17 -5.28 1.24
NZ MLY A 879 8.78 -5.79 1.03
CH1 MLY A 879 7.85 -4.65 1.18
CH2 MLY A 879 8.64 -6.30 -0.34
C MLY A 879 16.12 -6.35 -0.73
O MLY A 879 16.69 -7.39 -0.43
N GLY A 880 16.31 -5.75 -1.89
CA GLY A 880 17.19 -6.29 -2.91
C GLY A 880 18.66 -6.22 -2.56
N GLY A 881 19.06 -5.17 -1.85
CA GLY A 881 20.47 -5.02 -1.52
C GLY A 881 21.21 -4.20 -2.56
N ALA A 882 20.48 -3.57 -3.47
CA ALA A 882 21.10 -2.67 -4.44
C ALA A 882 21.62 -1.43 -3.72
N TYR A 883 22.65 -0.80 -4.28
CA TYR A 883 23.20 0.38 -3.65
C TYR A 883 22.23 1.55 -3.77
N GLY A 884 21.46 1.58 -4.86
CA GLY A 884 20.51 2.65 -5.07
C GLY A 884 19.33 2.25 -5.93
N GLY A 885 18.22 2.94 -5.71
CA GLY A 885 17.00 2.66 -6.45
C GLY A 885 16.03 3.80 -6.24
N GLY A 886 15.51 4.35 -7.33
CA GLY A 886 14.59 5.46 -7.21
C GLY A 886 13.97 5.88 -8.52
N ALA A 887 13.32 7.04 -8.47
CA ALA A 887 12.68 7.64 -9.61
C ALA A 887 13.01 9.13 -9.63
N MLY A 888 13.08 9.70 -10.82
CA MLY A 888 13.39 11.11 -10.96
CB MLY A 888 14.91 11.32 -11.13
CG MLY A 888 15.55 10.42 -12.17
CD MLY A 888 17.06 10.65 -12.31
CE MLY A 888 17.65 9.64 -13.32
NZ MLY A 888 19.15 9.60 -13.41
CH1 MLY A 888 19.60 10.95 -13.77
CH2 MLY A 888 19.67 9.35 -12.06
C MLY A 888 12.63 11.62 -12.17
O MLY A 888 12.21 10.83 -13.00
N LEU A 889 12.42 12.92 -12.24
CA LEU A 889 11.79 13.53 -13.40
C LEU A 889 12.67 14.65 -13.94
N SER A 890 13.07 14.56 -15.19
CA SER A 890 13.85 15.63 -15.78
C SER A 890 13.00 16.76 -16.36
N HIS A 891 13.68 17.85 -16.67
CA HIS A 891 13.12 19.06 -17.26
C HIS A 891 12.43 18.75 -18.59
N ASN A 892 12.96 17.77 -19.30
CA ASN A 892 12.45 17.32 -20.57
C ASN A 892 11.17 16.53 -20.51
N GLY A 893 10.73 16.17 -19.33
CA GLY A 893 9.51 15.42 -19.14
C GLY A 893 9.65 13.91 -19.16
N ILE A 894 10.88 13.42 -19.06
CA ILE A 894 11.13 11.98 -19.01
C ILE A 894 11.14 11.53 -17.56
N PHE A 895 10.20 10.67 -17.20
CA PHE A 895 10.13 10.06 -15.87
C PHE A 895 11.04 8.84 -15.87
N THR A 896 12.03 8.82 -14.98
CA THR A 896 13.01 7.73 -15.04
C THR A 896 13.04 6.92 -13.76
N LEU A 897 12.88 5.61 -13.89
CA LEU A 897 13.09 4.70 -12.78
C LEU A 897 14.43 4.01 -12.98
N TYR A 898 15.22 3.90 -11.93
CA TYR A 898 16.59 3.42 -12.09
C TYR A 898 17.06 2.62 -10.87
N SER A 899 18.07 1.79 -11.07
CA SER A 899 18.81 1.20 -9.96
C SER A 899 20.31 1.26 -10.22
N TYR A 900 21.10 1.16 -9.16
CA TYR A 900 22.54 1.37 -9.23
C TYR A 900 23.24 0.30 -8.39
N ARG A 901 24.22 -0.39 -8.98
CA ARG A 901 24.90 -1.52 -8.34
C ARG A 901 23.88 -2.53 -7.79
N ASP A 902 23.07 -3.05 -8.71
CA ASP A 902 21.92 -3.86 -8.39
C ASP A 902 22.25 -5.33 -8.61
N PRO A 903 22.04 -6.18 -7.59
CA PRO A 903 22.26 -7.60 -7.86
C PRO A 903 21.17 -8.18 -8.76
N ASN A 904 20.05 -7.48 -8.92
CA ASN A 904 18.94 -8.01 -9.71
C ASN A 904 18.43 -7.14 -10.87
N THR A 905 18.22 -7.77 -12.02
CA THR A 905 17.57 -7.17 -13.17
C THR A 905 16.09 -7.34 -13.48
N ILE A 906 15.62 -8.58 -13.47
CA ILE A 906 14.23 -8.89 -13.77
C ILE A 906 13.37 -8.44 -12.61
N GLU A 907 13.80 -8.75 -11.39
CA GLU A 907 13.05 -8.39 -10.20
C GLU A 907 12.92 -6.88 -10.05
N THR A 908 13.96 -6.15 -10.46
CA THR A 908 13.93 -4.69 -10.38
C THR A 908 12.93 -4.11 -11.36
N LEU A 909 12.93 -4.64 -12.58
CA LEU A 909 11.95 -4.23 -13.58
C LEU A 909 10.53 -4.50 -13.06
N GLN A 910 10.36 -5.64 -12.41
CA GLN A 910 9.08 -5.95 -11.77
C GLN A 910 8.72 -4.93 -10.69
N SER A 911 9.69 -4.56 -9.84
CA SER A 911 9.42 -3.56 -8.82
C SER A 911 9.12 -2.18 -9.42
N PHE A 912 9.68 -1.86 -10.56
CA PHE A 912 9.32 -0.62 -11.24
C PHE A 912 7.83 -0.61 -11.52
N GLY A 913 7.32 -1.74 -11.97
CA GLY A 913 5.90 -1.90 -12.28
C GLY A 913 5.02 -1.83 -11.04
N MLZ A 914 5.43 -2.52 -9.98
CA MLZ A 914 4.70 -2.52 -8.76
CB MLZ A 914 5.32 -3.52 -7.80
CG MLZ A 914 4.80 -4.92 -8.05
CD MLZ A 914 5.90 -5.92 -7.78
CE MLZ A 914 5.61 -6.69 -6.50
NZ MLZ A 914 6.72 -7.53 -6.14
CM MLZ A 914 6.96 -8.47 -7.19
C MLZ A 914 4.69 -1.13 -8.14
O MLZ A 914 3.77 -0.80 -7.35
N ALA A 915 5.70 -0.31 -8.46
CA ALA A 915 5.80 1.03 -7.90
C ALA A 915 4.71 1.91 -8.49
N VAL A 916 4.44 1.69 -9.77
CA VAL A 916 3.41 2.43 -10.47
C VAL A 916 2.04 1.99 -9.99
N ASP A 917 1.88 0.70 -9.72
CA ASP A 917 0.65 0.19 -9.15
C ASP A 917 0.39 0.80 -7.77
N TRP A 918 1.44 0.89 -6.96
CA TRP A 918 1.34 1.47 -5.63
C TRP A 918 0.91 2.94 -5.72
N ALA A 919 1.50 3.66 -6.66
CA ALA A 919 1.20 5.06 -6.85
C ALA A 919 -0.26 5.23 -7.24
N MLZ A 920 -0.70 4.43 -8.20
CA MLZ A 920 -2.05 4.46 -8.63
CB MLZ A 920 -2.25 3.41 -9.72
CG MLZ A 920 -1.93 4.03 -11.06
CD MLZ A 920 -1.82 2.93 -12.10
CE MLZ A 920 -3.17 2.62 -12.72
NZ MLZ A 920 -3.02 1.58 -13.70
CM MLZ A 920 -4.31 1.05 -14.01
C MLZ A 920 -3.02 4.14 -7.52
O MLZ A 920 -4.15 4.70 -7.50
N SER A 921 -2.64 3.26 -6.60
CA SER A 921 -3.51 2.86 -5.49
C SER A 921 -3.82 4.01 -4.50
N GLY A 922 -2.98 5.05 -4.49
CA GLY A 922 -3.20 6.18 -3.60
C GLY A 922 -2.91 5.94 -2.13
N MLY A 923 -2.22 4.85 -1.82
CA MLY A 923 -1.98 4.47 -0.43
CB MLY A 923 -1.81 2.95 -0.33
CG MLY A 923 -3.04 2.16 -0.72
CD MLY A 923 -4.09 2.13 0.37
CE MLY A 923 -5.37 1.42 -0.09
NZ MLY A 923 -5.22 -0.05 -0.27
CH1 MLY A 923 -6.57 -0.60 -0.38
CH2 MLY A 923 -4.60 -0.27 -1.59
C MLY A 923 -0.78 5.16 0.20
O MLY A 923 0.12 4.52 0.72
N PHE A 924 -0.77 6.48 0.13
CA PHE A 924 0.24 7.30 0.78
C PHE A 924 -0.53 8.41 1.43
N THR A 925 0.02 8.97 2.50
CA THR A 925 -0.69 9.95 3.31
C THR A 925 -0.35 11.38 2.92
N GLN A 926 -1.06 12.33 3.51
CA GLN A 926 -0.78 13.74 3.32
C GLN A 926 0.60 14.08 3.86
N GLN A 927 1.02 13.42 4.94
N GLN A 927 0.99 13.41 4.94
CA GLN A 927 2.34 13.68 5.50
CA GLN A 927 2.32 13.61 5.52
C GLN A 927 3.41 13.18 4.52
C GLN A 927 3.40 13.17 4.54
N ASP A 928 3.16 12.05 3.86
CA ASP A 928 4.06 11.57 2.81
C ASP A 928 4.25 12.61 1.70
N ILE A 929 3.15 13.25 1.32
CA ILE A 929 3.15 14.25 0.26
C ILE A 929 3.91 15.50 0.71
N ASP A 930 3.63 15.96 1.93
CA ASP A 930 4.34 17.09 2.50
C ASP A 930 5.84 16.82 2.53
N GLU A 931 6.22 15.61 2.86
CA GLU A 931 7.63 15.27 2.95
C GLU A 931 8.29 15.18 1.57
N ALA A 932 7.53 14.75 0.58
CA ALA A 932 8.02 14.75 -0.78
C ALA A 932 8.22 16.20 -1.27
N MLY A 933 7.35 17.10 -0.82
CA MLY A 933 7.50 18.52 -1.12
CB MLY A 933 6.28 19.32 -0.67
CG MLY A 933 5.02 19.11 -1.50
CD MLY A 933 3.88 19.96 -0.96
CE MLY A 933 2.61 19.83 -1.79
NZ MLY A 933 1.45 20.52 -1.15
CH1 MLY A 933 0.81 19.56 -0.24
CH2 MLY A 933 2.01 21.56 -0.27
C MLY A 933 8.76 19.10 -0.49
O MLY A 933 9.55 19.78 -1.15
N LEU A 934 8.97 18.82 0.80
CA LEU A 934 10.20 19.23 1.45
C LEU A 934 11.42 18.75 0.68
N SER A 935 11.42 17.48 0.29
CA SER A 935 12.55 16.90 -0.41
C SER A 935 12.80 17.62 -1.74
N VAL A 936 11.75 17.79 -2.51
CA VAL A 936 11.87 18.43 -3.80
C VAL A 936 12.35 19.88 -3.66
N PHE A 937 11.79 20.61 -2.70
CA PHE A 937 12.20 22.00 -2.51
C PHE A 937 13.62 22.10 -1.95
N SER A 938 14.06 21.08 -1.24
CA SER A 938 15.42 21.12 -0.71
C SER A 938 16.39 21.01 -1.90
N THR A 939 15.95 20.36 -2.96
CA THR A 939 16.72 20.30 -4.20
C THR A 939 16.64 21.55 -5.06
N VAL A 940 15.44 21.99 -5.39
CA VAL A 940 15.31 23.10 -6.32
C VAL A 940 15.67 24.45 -5.72
N ASP A 941 15.65 24.58 -4.39
CA ASP A 941 16.02 25.84 -3.73
C ASP A 941 17.46 25.79 -3.22
N ALA A 942 18.23 24.82 -3.69
CA ALA A 942 19.64 24.73 -3.33
C ALA A 942 20.38 25.96 -3.80
N PRO A 943 21.39 26.40 -3.04
CA PRO A 943 22.09 27.65 -3.35
C PRO A 943 22.76 27.68 -4.72
N VAL A 944 22.65 28.80 -5.40
CA VAL A 944 23.31 29.01 -6.68
C VAL A 944 24.50 29.91 -6.47
N ALA A 945 25.66 29.51 -6.98
CA ALA A 945 26.88 30.32 -6.89
C ALA A 945 26.79 31.60 -7.73
N PRO A 946 27.54 32.63 -7.33
CA PRO A 946 27.59 33.91 -8.06
C PRO A 946 27.93 33.73 -9.53
N SER A 947 28.82 32.78 -9.85
CA SER A 947 29.18 32.51 -11.23
C SER A 947 28.07 31.88 -12.06
N ASP A 948 27.06 31.29 -11.41
CA ASP A 948 26.01 30.55 -12.12
C ASP A 948 24.64 31.25 -12.13
N MLZ A 949 24.52 32.38 -11.47
CA MLZ A 949 23.29 33.11 -11.48
CB MLZ A 949 23.44 34.35 -10.62
CG MLZ A 949 23.37 33.99 -9.16
CD MLZ A 949 21.92 34.00 -8.71
CE MLZ A 949 21.82 33.48 -7.29
NZ MLZ A 949 20.81 34.18 -6.57
CM MLZ A 949 19.53 33.89 -7.12
C MLZ A 949 22.94 33.51 -12.91
O MLZ A 949 23.80 33.97 -13.68
N GLY A 950 21.68 33.32 -13.28
CA GLY A 950 21.22 33.71 -14.61
C GLY A 950 21.40 32.66 -15.68
N MET A 951 21.93 31.50 -15.29
CA MET A 951 22.17 30.42 -16.25
C MET A 951 20.90 29.68 -16.63
N ASP A 952 19.91 29.64 -15.75
CA ASP A 952 18.61 29.08 -16.12
C ASP A 952 18.00 29.90 -17.24
N HIS A 953 18.20 31.21 -17.18
CA HIS A 953 17.68 32.09 -18.20
C HIS A 953 18.49 31.94 -19.47
N PHE A 954 19.80 31.88 -19.34
CA PHE A 954 20.71 31.86 -20.47
C PHE A 954 20.60 30.57 -21.28
N LEU A 955 20.61 29.44 -20.60
CA LEU A 955 20.59 28.16 -21.28
C LEU A 955 19.19 27.74 -21.71
N TYR A 956 18.26 27.71 -20.76
CA TYR A 956 16.94 27.12 -21.00
C TYR A 956 15.85 28.16 -21.29
N GLY A 957 16.20 29.44 -21.22
CA GLY A 957 15.21 30.49 -21.45
C GLY A 957 14.14 30.49 -20.38
N LEU A 958 14.49 29.99 -19.20
CA LEU A 958 13.58 29.93 -18.07
C LEU A 958 13.57 31.26 -17.30
N SER A 959 12.50 32.02 -17.41
CA SER A 959 12.37 33.27 -16.67
C SER A 959 11.98 33.04 -15.23
N ASP A 960 12.01 34.10 -14.43
CA ASP A 960 11.64 34.02 -13.03
C ASP A 960 10.14 33.78 -12.89
N GLU A 961 9.38 34.35 -13.82
CA GLU A 961 7.93 34.22 -13.82
C GLU A 961 7.52 32.78 -14.10
N MET A 962 8.32 32.08 -14.89
CA MET A 962 8.08 30.68 -15.19
C MET A 962 8.44 29.82 -13.98
N LYS A 963 9.59 30.10 -13.38
CA LYS A 963 10.01 29.33 -12.21
C LYS A 963 9.03 29.51 -11.05
N GLN A 964 8.48 30.72 -10.92
CA GLN A 964 7.58 31.01 -9.80
C GLN A 964 6.23 30.33 -10.05
N ALA A 965 5.77 30.33 -11.29
CA ALA A 965 4.56 29.59 -11.63
C ALA A 965 4.75 28.09 -11.34
N HIS A 966 5.92 27.57 -11.66
CA HIS A 966 6.19 26.16 -11.41
C HIS A 966 6.20 25.87 -9.93
N ARG A 967 6.72 26.83 -9.18
CA ARG A 967 6.81 26.75 -7.73
C ARG A 967 5.42 26.65 -7.09
N GLU A 968 4.51 27.49 -7.56
CA GLU A 968 3.14 27.49 -7.05
C GLU A 968 2.39 26.22 -7.42
N GLN A 969 2.74 25.63 -8.56
CA GLN A 969 2.15 24.37 -8.96
C GLN A 969 2.64 23.26 -8.05
N LEU A 970 3.90 23.32 -7.65
CA LEU A 970 4.44 22.35 -6.72
C LEU A 970 3.77 22.44 -5.36
N PHE A 971 3.54 23.67 -4.88
CA PHE A 971 2.84 23.90 -3.61
C PHE A 971 1.43 23.34 -3.65
N ALA A 972 0.78 23.45 -4.81
CA ALA A 972 -0.62 23.08 -4.93
C ALA A 972 -0.83 21.58 -5.16
N VAL A 973 0.23 20.82 -5.36
CA VAL A 973 0.10 19.38 -5.62
C VAL A 973 -0.62 18.67 -4.46
N SER A 974 -1.68 17.96 -4.80
CA SER A 974 -2.51 17.28 -3.82
C SER A 974 -2.60 15.78 -4.07
N HIS A 975 -3.22 15.06 -3.14
CA HIS A 975 -3.33 13.61 -3.22
C HIS A 975 -4.09 13.17 -4.48
N ASP A 976 -5.18 13.84 -4.81
CA ASP A 976 -5.95 13.43 -5.98
C ASP A 976 -5.22 13.69 -7.28
N MLZ A 977 -4.36 14.72 -7.29
CA MLZ A 977 -3.59 15.02 -8.44
CB MLZ A 977 -2.88 16.35 -8.27
CG MLZ A 977 -3.68 17.45 -8.94
CD MLZ A 977 -3.01 18.78 -8.69
CE MLZ A 977 -3.59 19.81 -9.64
NZ MLZ A 977 -4.63 20.57 -9.01
CM MLZ A 977 -4.22 20.92 -7.70
C MLZ A 977 -2.58 13.93 -8.64
O MLZ A 977 -2.32 13.51 -9.79
N LEU A 978 -2.00 13.44 -7.56
CA LEU A 978 -0.93 12.45 -7.67
C LEU A 978 -1.43 11.12 -8.22
N LEU A 979 -2.59 10.67 -7.75
CA LEU A 979 -3.15 9.42 -8.24
C LEU A 979 -3.62 9.58 -9.68
N ALA A 980 -4.10 10.76 -10.05
CA ALA A 980 -4.50 10.97 -11.43
C ALA A 980 -3.33 10.87 -12.44
N VAL A 981 -2.21 11.54 -12.17
CA VAL A 981 -1.10 11.53 -13.11
C VAL A 981 -0.39 10.17 -13.12
N SER A 982 -0.48 9.43 -12.01
CA SER A 982 0.07 8.09 -11.96
C SER A 982 -0.66 7.23 -13.00
N ASP A 983 -1.98 7.35 -13.02
CA ASP A 983 -2.77 6.61 -13.99
C ASP A 983 -2.60 7.18 -15.41
N ARG A 984 -2.57 8.48 -15.54
CA ARG A 984 -2.56 9.09 -16.87
C ARG A 984 -1.30 8.82 -17.67
N TYR A 985 -0.15 8.77 -17.01
CA TYR A 985 1.12 8.69 -17.73
C TYR A 985 1.89 7.42 -17.47
N LEU A 986 1.80 6.88 -16.26
CA LEU A 986 2.69 5.79 -15.87
C LEU A 986 2.07 4.41 -16.01
N GLY A 987 0.75 4.33 -16.08
CA GLY A 987 0.09 3.06 -16.27
C GLY A 987 0.52 2.36 -17.54
N THR A 988 0.27 1.06 -17.61
CA THR A 988 0.65 0.26 -18.78
C THR A 988 -0.12 0.73 -20.01
N GLY A 989 0.60 0.93 -21.11
CA GLY A 989 -0.01 1.31 -22.37
C GLY A 989 -0.41 2.76 -22.49
N LYS A 990 -0.18 3.54 -21.43
CA LYS A 990 -0.56 4.95 -21.43
C LYS A 990 0.46 5.81 -22.16
N SER A 991 1.74 5.56 -21.91
CA SER A 991 2.81 6.33 -22.55
C SER A 991 3.87 5.37 -23.11
N THR A 992 4.76 5.87 -23.94
CA THR A 992 5.86 5.07 -24.44
C THR A 992 6.98 4.89 -23.41
N HIS A 993 7.44 3.66 -23.26
CA HIS A 993 8.55 3.32 -22.36
C HIS A 993 9.80 2.96 -23.14
N GLY A 994 10.95 3.11 -22.51
CA GLY A 994 12.19 2.59 -23.01
C GLY A 994 12.90 1.93 -21.85
N LEU A 995 13.65 0.87 -22.11
CA LEU A 995 14.34 0.12 -21.07
C LEU A 995 15.79 -0.17 -21.44
N ALA A 996 16.68 -0.12 -20.47
CA ALA A 996 18.05 -0.51 -20.74
C ALA A 996 18.77 -1.04 -19.50
N ILE A 997 19.69 -1.97 -19.72
CA ILE A 997 20.47 -2.57 -18.64
C ILE A 997 21.94 -2.67 -19.01
N LEU A 998 22.81 -2.26 -18.10
CA LEU A 998 24.21 -2.61 -18.19
C LEU A 998 24.47 -3.68 -17.14
N GLY A 999 24.98 -4.82 -17.57
CA GLY A 999 25.28 -5.89 -16.65
C GLY A 999 25.62 -7.20 -17.33
N PRO A 1000 25.92 -8.23 -16.55
CA PRO A 1000 26.31 -9.51 -17.13
C PRO A 1000 25.14 -10.24 -17.79
N GLU A 1001 25.46 -11.35 -18.43
CA GLU A 1001 24.50 -12.18 -19.15
C GLU A 1001 23.31 -12.54 -18.28
N ASN A 1002 22.11 -12.33 -18.79
CA ASN A 1002 20.90 -12.81 -18.12
C ASN A 1002 20.15 -13.74 -19.08
N PRO A 1003 20.08 -15.03 -18.74
CA PRO A 1003 19.42 -16.08 -19.55
C PRO A 1003 17.98 -15.73 -19.92
N LYS A 1004 17.22 -15.22 -18.97
CA LYS A 1004 15.84 -14.84 -19.25
C LYS A 1004 15.75 -13.73 -20.29
N ILE A 1005 16.62 -12.74 -20.16
CA ILE A 1005 16.65 -11.66 -21.13
C ILE A 1005 17.16 -12.15 -22.48
N ALA A 1006 18.15 -13.04 -22.44
CA ALA A 1006 18.73 -13.60 -23.66
C ALA A 1006 17.73 -14.36 -24.51
N LYS A 1007 16.73 -14.95 -23.88
CA LYS A 1007 15.70 -15.72 -24.59
C LYS A 1007 14.46 -14.90 -24.96
N ASP A 1008 14.42 -13.64 -24.55
CA ASP A 1008 13.31 -12.75 -24.88
C ASP A 1008 13.65 -11.92 -26.12
N PRO A 1009 12.95 -12.19 -27.24
CA PRO A 1009 13.19 -11.51 -28.51
C PRO A 1009 12.84 -10.02 -28.52
N SER A 1010 12.11 -9.56 -27.51
CA SER A 1010 11.84 -8.12 -27.40
C SER A 1010 13.03 -7.37 -26.78
N TRP A 1011 14.12 -8.08 -26.48
CA TRP A 1011 15.35 -7.47 -25.96
C TRP A 1011 16.48 -7.48 -26.98
N ILE A 1012 17.09 -6.33 -27.21
CA ILE A 1012 18.26 -6.26 -28.06
C ILE A 1012 19.47 -6.41 -27.17
N ILE A 1013 20.35 -7.33 -27.54
CA ILE A 1013 21.58 -7.56 -26.80
C ILE A 1013 22.72 -6.83 -27.48
N ARG A 1014 23.51 -6.11 -26.68
CA ARG A 1014 24.60 -5.29 -27.15
C ARG A 1014 25.90 -5.43 -26.38
N ALA B 9 -30.55 -8.97 41.12
CA ALA B 9 -31.00 -9.13 39.75
C ALA B 9 -31.36 -7.79 39.12
N ALA B 10 -31.31 -7.73 37.79
CA ALA B 10 -31.60 -6.49 37.09
C ALA B 10 -33.08 -6.11 37.13
N CYS B 11 -33.96 -7.09 36.92
CA CYS B 11 -35.37 -6.78 36.77
C CYS B 11 -35.94 -6.44 38.14
N GLU B 12 -35.23 -6.87 39.18
CA GLU B 12 -35.63 -6.59 40.54
C GLU B 12 -35.18 -5.20 40.94
N ARG B 13 -34.01 -4.80 40.45
CA ARG B 13 -33.50 -3.46 40.68
C ARG B 13 -34.41 -2.43 40.04
N ALA B 14 -34.94 -2.74 38.85
CA ALA B 14 -35.80 -1.80 38.16
C ALA B 14 -37.13 -1.55 38.89
N LEU B 15 -37.56 -2.48 39.73
CA LEU B 15 -38.79 -2.29 40.52
C LEU B 15 -38.63 -1.25 41.61
N GLN B 16 -37.41 -0.80 41.86
CA GLN B 16 -37.16 0.21 42.87
C GLN B 16 -37.44 1.62 42.37
N TYR B 17 -37.60 1.78 41.06
CA TYR B 17 -37.91 3.07 40.49
C TYR B 17 -39.33 3.48 40.87
N MLY B 18 -39.49 4.72 41.28
CA MLY B 18 -40.81 5.27 41.58
CB MLY B 18 -40.72 6.19 42.79
CG MLY B 18 -40.18 5.52 44.02
CD MLY B 18 -40.24 6.43 45.22
CE MLY B 18 -40.02 5.63 46.49
NZ MLY B 18 -39.90 6.50 47.70
CH1 MLY B 18 -39.34 5.63 48.74
CH2 MLY B 18 -38.89 7.51 47.37
C MLY B 18 -41.34 6.07 40.40
O MLY B 18 -40.58 6.80 39.78
N LEU B 19 -42.62 5.94 40.10
CA LEU B 19 -43.23 6.81 39.10
C LEU B 19 -43.00 8.28 39.46
N GLY B 20 -42.53 9.05 38.49
CA GLY B 20 -42.29 10.46 38.69
C GLY B 20 -40.85 10.79 39.05
N ASP B 21 -40.05 9.76 39.27
CA ASP B 21 -38.62 9.95 39.50
C ASP B 21 -37.98 10.66 38.30
N LYS B 22 -37.08 11.59 38.61
CA LYS B 22 -36.35 12.34 37.60
C LYS B 22 -34.95 11.79 37.49
N ILE B 23 -34.57 11.35 36.29
CA ILE B 23 -33.23 10.84 36.07
C ILE B 23 -32.63 11.47 34.83
N HIS B 24 -31.63 12.33 35.02
CA HIS B 24 -30.87 12.91 33.92
C HIS B 24 -31.73 13.44 32.78
N GLY B 25 -32.76 14.20 33.12
CA GLY B 25 -33.58 14.85 32.11
C GLY B 25 -34.77 14.03 31.68
N PHE B 26 -34.86 12.81 32.20
CA PHE B 26 -35.99 11.93 31.92
C PHE B 26 -36.89 11.76 33.15
N THR B 27 -38.15 11.42 32.92
CA THR B 27 -39.09 11.14 33.98
C THR B 27 -39.67 9.74 33.82
N VAL B 28 -39.62 8.95 34.89
CA VAL B 28 -40.21 7.61 34.88
C VAL B 28 -41.73 7.67 34.84
N ASN B 29 -42.32 7.08 33.80
CA ASN B 29 -43.76 7.11 33.64
C ASN B 29 -44.45 5.80 33.98
N GLN B 30 -43.73 4.69 33.85
CA GLN B 30 -44.35 3.38 34.05
C GLN B 30 -43.32 2.30 34.32
N VAL B 31 -43.64 1.42 35.27
CA VAL B 31 -42.78 0.30 35.57
C VAL B 31 -43.63 -0.96 35.65
N THR B 32 -43.36 -1.92 34.76
CA THR B 32 -44.19 -3.11 34.66
C THR B 32 -43.35 -4.39 34.70
N SER B 33 -43.66 -5.28 35.64
CA SER B 33 -43.00 -6.56 35.72
C SER B 33 -43.58 -7.48 34.65
N VAL B 34 -42.71 -8.15 33.91
CA VAL B 34 -43.11 -9.09 32.88
C VAL B 34 -42.39 -10.42 33.12
N PRO B 35 -42.89 -11.19 34.10
CA PRO B 35 -42.18 -12.40 34.54
C PRO B 35 -42.10 -13.49 33.46
N GLU B 36 -43.01 -13.53 32.50
CA GLU B 36 -42.90 -14.57 31.50
C GLU B 36 -41.68 -14.36 30.61
N LEU B 37 -41.14 -13.15 30.62
CA LEU B 37 -39.94 -12.85 29.87
C LEU B 37 -38.79 -12.46 30.78
N PHE B 38 -38.92 -12.69 32.07
CA PHE B 38 -37.87 -12.38 33.06
C PHE B 38 -37.36 -10.94 33.00
N LEU B 39 -38.25 -9.97 32.86
CA LEU B 39 -37.81 -8.60 32.74
C LEU B 39 -38.80 -7.61 33.34
N THR B 40 -38.29 -6.41 33.61
CA THR B 40 -39.11 -5.30 34.04
C THR B 40 -38.99 -4.18 33.04
N ALA B 41 -40.13 -3.72 32.53
CA ALA B 41 -40.16 -2.65 31.55
C ALA B 41 -40.29 -1.29 32.22
N VAL B 42 -39.43 -0.35 31.82
CA VAL B 42 -39.48 1.02 32.33
C VAL B 42 -39.76 2.01 31.19
N MLZ B 43 -40.87 2.73 31.28
CA MLZ B 43 -41.18 3.74 30.32
CB MLZ B 43 -42.65 3.73 29.98
CG MLZ B 43 -42.88 2.80 28.82
CD MLZ B 43 -44.36 2.57 28.56
CE MLZ B 43 -45.05 3.87 28.17
NZ MLZ B 43 -46.45 3.65 27.94
CM MLZ B 43 -46.72 3.71 26.54
C MLZ B 43 -40.80 5.11 30.84
O MLZ B 43 -41.18 5.48 31.96
N LEU B 44 -40.03 5.87 30.07
CA LEU B 44 -39.69 7.24 30.45
C LEU B 44 -39.93 8.18 29.29
N THR B 45 -39.95 9.47 29.61
CA THR B 45 -40.07 10.54 28.63
C THR B 45 -39.01 11.59 28.96
N HIS B 46 -38.32 12.08 27.94
CA HIS B 46 -37.35 13.16 28.13
C HIS B 46 -38.11 14.47 28.30
N ASP B 47 -37.86 15.17 29.40
CA ASP B 47 -38.70 16.31 29.77
C ASP B 47 -38.70 17.42 28.72
N ASP B 48 -37.53 17.78 28.22
CA ASP B 48 -37.43 18.92 27.31
C ASP B 48 -37.86 18.61 25.88
N THR B 49 -37.61 17.39 25.41
CA THR B 49 -37.89 17.10 24.03
C THR B 49 -39.14 16.23 23.85
N GLY B 50 -39.52 15.51 24.88
CA GLY B 50 -40.62 14.59 24.73
C GLY B 50 -40.20 13.27 24.08
N ALA B 51 -38.90 13.05 23.93
CA ALA B 51 -38.42 11.79 23.37
C ALA B 51 -38.86 10.60 24.24
N ARG B 52 -39.32 9.54 23.59
CA ARG B 52 -39.77 8.35 24.32
C ARG B 52 -38.63 7.39 24.62
N TYR B 53 -38.74 6.71 25.75
CA TYR B 53 -37.73 5.76 26.18
C TYR B 53 -38.35 4.47 26.73
N LEU B 54 -37.78 3.35 26.34
CA LEU B 54 -38.15 2.07 26.90
C LEU B 54 -36.91 1.31 27.35
N HIS B 55 -36.85 1.01 28.64
CA HIS B 55 -35.79 0.16 29.14
C HIS B 55 -36.32 -1.17 29.59
N LEU B 56 -35.69 -2.24 29.12
CA LEU B 56 -36.07 -3.58 29.51
C LEU B 56 -34.97 -4.16 30.36
N ALA B 57 -35.17 -4.10 31.67
CA ALA B 57 -34.19 -4.59 32.63
C ALA B 57 -34.31 -6.09 32.74
N ARG B 58 -33.22 -6.78 32.43
CA ARG B 58 -33.20 -8.23 32.47
C ARG B 58 -31.78 -8.72 32.75
N GLU B 59 -31.65 -9.80 33.50
CA GLU B 59 -30.34 -10.33 33.81
C GLU B 59 -29.73 -11.02 32.59
N ASP B 60 -29.31 -10.23 31.62
CA ASP B 60 -28.74 -10.69 30.36
C ASP B 60 -27.56 -9.80 30.07
N THR B 61 -26.37 -10.37 29.99
CA THR B 61 -25.15 -9.60 29.78
C THR B 61 -25.01 -9.07 28.37
N ASN B 62 -25.79 -9.61 27.44
CA ASN B 62 -25.76 -9.09 26.08
C ASN B 62 -26.71 -7.89 25.96
N ASN B 63 -26.21 -6.72 26.33
CA ASN B 63 -26.99 -5.48 26.36
C ASN B 63 -27.15 -4.85 25.00
N LEU B 64 -28.28 -4.21 24.76
CA LEU B 64 -28.51 -3.59 23.46
C LEU B 64 -29.03 -2.16 23.58
N PHE B 65 -28.58 -1.31 22.67
CA PHE B 65 -29.16 0.01 22.46
C PHE B 65 -29.75 0.10 21.05
N SER B 66 -30.85 0.83 20.91
CA SER B 66 -31.30 1.26 19.60
C SER B 66 -32.00 2.62 19.70
N VAL B 67 -31.88 3.40 18.64
CA VAL B 67 -32.74 4.55 18.47
C VAL B 67 -33.52 4.39 17.18
N GLN B 68 -34.78 4.83 17.20
CA GLN B 68 -35.70 4.68 16.08
C GLN B 68 -36.27 6.04 15.69
N PHE B 69 -36.31 6.34 14.40
CA PHE B 69 -36.89 7.59 13.93
C PHE B 69 -38.05 7.28 13.00
N ARG B 70 -39.14 8.03 13.15
CA ARG B 70 -40.23 7.91 12.20
C ARG B 70 -39.87 8.66 10.94
N THR B 71 -39.66 7.91 9.86
CA THR B 71 -39.16 8.45 8.60
C THR B 71 -40.19 8.17 7.51
N THR B 72 -40.76 9.21 6.94
CA THR B 72 -41.92 9.02 6.07
C THR B 72 -41.71 9.56 4.68
N PRO B 73 -41.02 8.79 3.82
CA PRO B 73 -40.74 9.26 2.48
C PRO B 73 -41.99 9.47 1.64
N MET B 74 -41.98 10.49 0.80
CA MET B 74 -43.09 10.74 -0.10
C MET B 74 -42.69 10.52 -1.55
N ASP B 75 -41.56 9.87 -1.77
CA ASP B 75 -41.18 9.45 -3.12
C ASP B 75 -40.32 8.21 -3.05
N SER B 76 -39.92 7.70 -4.21
CA SER B 76 -39.20 6.44 -4.31
C SER B 76 -37.69 6.56 -4.52
N THR B 77 -37.13 7.68 -4.07
CA THR B 77 -35.69 7.92 -4.16
C THR B 77 -34.84 7.06 -3.24
N GLY B 78 -35.44 6.54 -2.18
CA GLY B 78 -34.71 5.83 -1.14
C GLY B 78 -34.04 6.74 -0.13
N VAL B 79 -34.53 7.96 0.03
CA VAL B 79 -33.87 8.97 0.85
C VAL B 79 -33.64 8.53 2.30
N PRO B 80 -34.62 7.85 2.95
CA PRO B 80 -34.38 7.41 4.33
C PRO B 80 -33.32 6.32 4.42
N HIS B 81 -33.29 5.46 3.42
CA HIS B 81 -32.30 4.39 3.30
C HIS B 81 -30.90 4.96 2.99
N ILE B 82 -30.82 5.89 2.05
CA ILE B 82 -29.53 6.50 1.73
C ILE B 82 -29.01 7.36 2.90
N LEU B 83 -29.90 8.08 3.58
CA LEU B 83 -29.52 8.84 4.78
C LEU B 83 -29.00 7.93 5.88
N GLN B 84 -29.66 6.79 6.05
CA GLN B 84 -29.23 5.80 7.03
C GLN B 84 -27.78 5.39 6.78
N HIS B 85 -27.43 5.18 5.52
CA HIS B 85 -26.06 4.91 5.14
C HIS B 85 -25.13 6.09 5.38
N THR B 86 -25.59 7.29 5.04
CA THR B 86 -24.71 8.44 5.08
C THR B 86 -24.43 8.97 6.49
N VAL B 87 -25.36 8.80 7.42
CA VAL B 87 -25.13 9.33 8.77
C VAL B 87 -23.99 8.59 9.43
N LEU B 88 -23.68 7.40 8.93
CA LEU B 88 -22.61 6.59 9.51
C LEU B 88 -21.25 6.94 8.90
N CAS B 89 -21.22 7.99 8.10
CA CAS B 89 -20.08 8.32 7.29
CB CAS B 89 -20.55 8.82 5.97
C CAS B 89 -19.20 9.38 7.96
O CAS B 89 -18.09 9.71 7.42
SG CAS B 89 -20.86 7.41 4.95
AS CAS B 89 -18.78 6.44 4.82
CE1 CAS B 89 -19.04 4.60 4.25
CE2 CAS B 89 -17.79 7.38 3.45
N GLY B 90 -19.65 9.91 9.09
CA GLY B 90 -18.92 10.91 9.84
C GLY B 90 -19.85 11.85 10.59
N SER B 91 -19.41 12.30 11.76
CA SER B 91 -20.21 13.20 12.59
C SER B 91 -19.36 14.28 13.25
N GLN B 92 -20.03 15.22 13.93
CA GLN B 92 -19.35 16.38 14.50
C GLN B 92 -18.24 15.99 15.45
N MLY B 93 -18.52 15.09 16.37
CA MLY B 93 -17.53 14.60 17.31
CB MLY B 93 -18.25 13.98 18.51
CG MLY B 93 -17.37 13.64 19.69
CD MLY B 93 -18.23 13.28 20.91
CE MLY B 93 -17.37 12.76 22.05
NZ MLY B 93 -18.11 12.66 23.34
CH1 MLY B 93 -19.50 12.36 23.01
CH2 MLY B 93 -17.58 11.50 24.04
C MLY B 93 -16.55 13.61 16.68
O MLY B 93 -15.39 13.53 17.07
N TYR B 94 -16.99 12.89 15.65
CA TYR B 94 -16.10 11.95 14.95
C TYR B 94 -16.09 12.21 13.45
N PRO B 95 -15.41 13.28 13.00
CA PRO B 95 -15.45 13.76 11.61
C PRO B 95 -14.64 12.93 10.63
N CYS B 96 -13.88 11.97 11.12
CA CYS B 96 -13.10 11.12 10.24
C CYS B 96 -14.03 10.30 9.35
N ARG B 97 -13.47 9.69 8.32
CA ARG B 97 -14.29 9.01 7.35
C ARG B 97 -14.76 7.67 7.91
N ASP B 98 -16.04 7.38 7.75
CA ASP B 98 -16.60 6.08 8.11
C ASP B 98 -16.38 5.57 9.54
N PRO B 99 -16.92 6.28 10.54
CA PRO B 99 -16.82 5.84 11.94
C PRO B 99 -17.44 4.47 12.18
N PHE B 100 -18.56 4.19 11.53
CA PHE B 100 -19.26 2.93 11.76
C PHE B 100 -18.42 1.72 11.38
N PHE B 101 -17.92 1.71 10.15
CA PHE B 101 -17.12 0.57 9.71
C PHE B 101 -15.80 0.48 10.46
N MLZ B 102 -15.22 1.62 10.83
CA MLZ B 102 -14.04 1.58 11.64
CB MLZ B 102 -13.34 2.92 11.73
CG MLZ B 102 -12.74 3.22 10.37
CD MLZ B 102 -12.04 4.56 10.37
CE MLZ B 102 -11.80 5.00 8.94
NZ MLZ B 102 -10.64 5.83 8.88
CM MLZ B 102 -10.89 7.12 9.41
C MLZ B 102 -14.32 1.02 13.02
O MLZ B 102 -13.50 0.23 13.53
N MET B 103 -15.45 1.38 13.63
CA MET B 103 -15.80 0.87 14.96
C MET B 103 -16.05 -0.64 15.00
N LEU B 104 -16.45 -1.24 13.88
CA LEU B 104 -16.60 -2.68 13.80
C LEU B 104 -15.32 -3.36 14.25
N ASN B 105 -14.19 -2.70 14.00
CA ASN B 105 -12.91 -3.30 14.32
C ASN B 105 -12.25 -2.68 15.53
N ARG B 106 -12.99 -1.88 16.28
CA ARG B 106 -12.45 -1.30 17.50
C ARG B 106 -13.33 -1.68 18.67
N SER B 107 -14.05 -2.79 18.50
CA SER B 107 -15.12 -3.16 19.42
C SER B 107 -15.22 -4.68 19.64
N LEU B 108 -15.90 -5.09 20.71
CA LEU B 108 -16.22 -6.50 20.88
C LEU B 108 -17.72 -6.76 20.74
N SER B 109 -18.37 -6.00 19.87
CA SER B 109 -19.82 -6.05 19.73
C SER B 109 -20.36 -7.41 19.31
N THR B 110 -21.57 -7.70 19.74
CA THR B 110 -22.26 -8.89 19.31
C THR B 110 -23.16 -8.58 18.13
N PHE B 111 -23.39 -7.30 17.87
CA PHE B 111 -24.17 -6.87 16.72
C PHE B 111 -24.06 -5.35 16.54
N MET B 112 -23.82 -4.92 15.31
CA MET B 112 -23.70 -3.51 14.97
C MET B 112 -24.27 -3.29 13.60
N ASN B 113 -25.40 -2.60 13.49
CA ASN B 113 -25.95 -2.33 12.17
C ASN B 113 -27.17 -1.43 12.30
N ALA B 114 -27.70 -1.03 11.15
CA ALA B 114 -28.88 -0.21 11.06
C ALA B 114 -29.75 -0.68 9.92
N PHE B 115 -31.04 -0.36 9.93
CA PHE B 115 -31.83 -0.67 8.77
C PHE B 115 -33.02 0.24 8.63
N THR B 116 -33.59 0.24 7.45
CA THR B 116 -34.66 1.14 7.11
C THR B 116 -35.89 0.37 6.71
N ALA B 117 -36.94 0.50 7.49
CA ALA B 117 -38.24 -0.07 7.14
C ALA B 117 -39.00 0.92 6.26
N SER B 118 -40.27 0.62 5.96
CA SER B 118 -41.06 1.54 5.15
C SER B 118 -41.16 2.94 5.75
N ASP B 119 -41.40 3.03 7.06
CA ASP B 119 -41.63 4.33 7.66
C ASP B 119 -40.92 4.52 8.98
N TYR B 120 -39.85 3.76 9.19
CA TYR B 120 -38.96 4.02 10.30
C TYR B 120 -37.57 3.51 9.96
N THR B 121 -36.60 4.07 10.65
CA THR B 121 -35.21 3.68 10.53
C THR B 121 -34.71 3.35 11.94
N LEU B 122 -34.00 2.23 12.06
CA LEU B 122 -33.61 1.69 13.36
C LEU B 122 -32.11 1.49 13.45
N TYR B 123 -31.51 1.96 14.56
CA TYR B 123 -30.07 1.90 14.76
C TYR B 123 -29.68 1.11 16.02
N PRO B 124 -29.49 -0.20 15.89
CA PRO B 124 -29.15 -0.94 17.10
C PRO B 124 -27.72 -1.47 17.16
N PHE B 125 -27.20 -1.63 18.37
CA PHE B 125 -25.97 -2.37 18.60
C PHE B 125 -26.11 -3.13 19.91
N SER B 126 -25.27 -4.15 20.10
CA SER B 126 -25.28 -4.90 21.34
C SER B 126 -23.87 -5.35 21.68
N THR B 127 -23.61 -5.54 22.96
CA THR B 127 -22.31 -5.96 23.41
C THR B 127 -22.38 -6.43 24.84
N GLN B 128 -21.42 -7.25 25.25
CA GLN B 128 -21.37 -7.74 26.62
C GLN B 128 -20.32 -6.97 27.42
N ASN B 129 -19.68 -6.00 26.79
CA ASN B 129 -18.68 -5.18 27.46
C ASN B 129 -19.23 -3.78 27.74
N PRO B 130 -19.26 -3.38 29.03
CA PRO B 130 -19.88 -2.10 29.41
C PRO B 130 -19.10 -0.88 28.92
N LYS B 131 -17.79 -0.97 28.79
CA LYS B 131 -17.02 0.13 28.22
C LYS B 131 -17.25 0.23 26.71
N ASP B 132 -17.35 -0.92 26.07
CA ASP B 132 -17.67 -1.02 24.66
C ASP B 132 -19.04 -0.36 24.39
N PHE B 133 -19.97 -0.61 25.31
CA PHE B 133 -21.33 -0.10 25.19
C PHE B 133 -21.37 1.43 25.19
N GLN B 134 -20.63 2.05 26.11
CA GLN B 134 -20.54 3.49 26.17
C GLN B 134 -19.89 4.04 24.92
N ASN B 135 -18.82 3.37 24.47
CA ASN B 135 -18.13 3.78 23.26
C ASN B 135 -19.07 3.80 22.05
N LEU B 136 -19.83 2.72 21.87
CA LEU B 136 -20.73 2.63 20.72
C LEU B 136 -21.88 3.62 20.84
N LEU B 137 -22.35 3.83 22.06
CA LEU B 137 -23.46 4.75 22.31
C LEU B 137 -23.11 6.18 21.87
N SER B 138 -21.89 6.62 22.20
CA SER B 138 -21.44 7.95 21.79
C SER B 138 -21.36 8.06 20.28
N VAL B 139 -20.78 7.05 19.64
CA VAL B 139 -20.70 7.03 18.19
C VAL B 139 -22.06 7.02 17.54
N TYR B 140 -22.99 6.20 18.04
CA TYR B 140 -24.33 6.11 17.49
C TYR B 140 -25.14 7.40 17.69
N LEU B 141 -25.03 8.01 18.87
CA LEU B 141 -25.75 9.25 19.15
C LEU B 141 -25.24 10.38 18.26
N ASP B 142 -23.93 10.45 18.10
CA ASP B 142 -23.33 11.52 17.35
C ASP B 142 -23.63 11.38 15.87
N ALA B 143 -23.63 10.14 15.40
CA ALA B 143 -23.96 9.86 14.01
C ALA B 143 -25.37 10.30 13.65
N THR B 144 -26.34 9.89 14.46
CA THR B 144 -27.73 10.07 14.10
C THR B 144 -28.19 11.52 14.32
N PHE B 145 -27.67 12.16 15.36
CA PHE B 145 -28.13 13.51 15.64
C PHE B 145 -27.22 14.61 15.06
N PHE B 146 -25.93 14.35 14.95
CA PHE B 146 -25.02 15.37 14.45
C PHE B 146 -24.10 14.87 13.34
N PRO B 147 -24.69 14.29 12.28
CA PRO B 147 -23.88 13.81 11.16
C PRO B 147 -23.30 14.95 10.32
N CYS B 148 -22.18 14.72 9.68
CA CYS B 148 -21.56 15.65 8.75
C CYS B 148 -22.33 15.72 7.44
N LEU B 149 -22.87 14.59 7.01
CA LEU B 149 -23.57 14.48 5.74
C LEU B 149 -22.79 15.15 4.59
N ARG B 150 -21.52 14.79 4.46
CA ARG B 150 -20.70 15.34 3.39
C ARG B 150 -21.18 14.90 2.01
N GLU B 151 -21.04 15.79 1.03
CA GLU B 151 -21.53 15.54 -0.31
C GLU B 151 -20.95 14.27 -0.93
N LEU B 152 -19.64 14.06 -0.75
CA LEU B 152 -18.99 12.94 -1.41
C LEU B 152 -19.30 11.60 -0.73
N ASP B 153 -19.71 11.65 0.54
CA ASP B 153 -20.15 10.46 1.26
C ASP B 153 -21.49 9.99 0.73
N PHE B 154 -22.35 10.96 0.45
CA PHE B 154 -23.61 10.72 -0.22
C PHE B 154 -23.37 10.16 -1.63
N TRP B 155 -22.38 10.67 -2.35
CA TRP B 155 -22.05 10.15 -3.68
C TRP B 155 -21.61 8.67 -3.61
N GLN B 156 -20.86 8.32 -2.58
CA GLN B 156 -20.42 6.95 -2.43
C GLN B 156 -21.59 6.01 -2.07
N GLU B 157 -22.38 6.39 -1.07
CA GLU B 157 -23.40 5.50 -0.50
C GLU B 157 -24.68 5.49 -1.29
N GLY B 158 -25.03 6.62 -1.89
CA GLY B 158 -26.29 6.78 -2.59
C GLY B 158 -26.13 6.58 -4.08
N TRP B 159 -25.88 7.65 -4.81
CA TRP B 159 -25.62 7.57 -6.24
C TRP B 159 -24.72 8.69 -6.69
N ARG B 160 -24.09 8.51 -7.83
CA ARG B 160 -23.22 9.53 -8.41
C ARG B 160 -23.01 9.26 -9.89
N LEU B 161 -22.61 10.30 -10.61
CA LEU B 161 -22.06 10.18 -11.94
C LEU B 161 -20.55 9.97 -11.81
N GLU B 162 -20.00 9.03 -12.56
CA GLU B 162 -18.58 8.79 -12.45
C GLU B 162 -18.03 8.32 -13.81
N HIS B 163 -16.89 8.88 -14.22
CA HIS B 163 -16.21 8.39 -15.41
C HIS B 163 -15.80 6.95 -15.18
N GLU B 164 -15.91 6.12 -16.21
CA GLU B 164 -15.47 4.73 -16.10
C GLU B 164 -14.04 4.62 -15.61
N ASN B 165 -13.19 5.54 -16.03
CA ASN B 165 -11.88 5.75 -15.38
C ASN B 165 -11.85 7.16 -14.78
N PRO B 166 -11.99 7.24 -13.45
CA PRO B 166 -12.07 8.52 -12.74
C PRO B 166 -10.96 9.52 -13.07
N SER B 167 -9.78 9.04 -13.47
CA SER B 167 -8.70 9.97 -13.78
C SER B 167 -8.61 10.31 -15.28
N ASP B 168 -9.56 9.80 -16.07
CA ASP B 168 -9.62 10.10 -17.50
C ASP B 168 -10.99 10.70 -17.84
N PRO B 169 -11.05 12.03 -18.02
CA PRO B 169 -12.33 12.71 -18.23
C PRO B 169 -12.90 12.45 -19.63
N GLN B 170 -12.23 11.64 -20.44
CA GLN B 170 -12.74 11.29 -21.76
C GLN B 170 -13.53 9.98 -21.77
N THR B 171 -13.48 9.24 -20.67
CA THR B 171 -14.28 8.03 -20.57
C THR B 171 -15.72 8.40 -20.21
N PRO B 172 -16.67 7.55 -20.62
CA PRO B 172 -18.10 7.84 -20.40
C PRO B 172 -18.50 7.92 -18.93
N LEU B 173 -19.52 8.73 -18.66
CA LEU B 173 -20.05 8.86 -17.32
C LEU B 173 -21.09 7.77 -17.07
N VAL B 174 -20.98 7.11 -15.93
CA VAL B 174 -21.94 6.08 -15.55
C VAL B 174 -22.51 6.32 -14.17
N PHE B 175 -23.61 5.63 -13.86
CA PHE B 175 -24.18 5.64 -12.51
C PHE B 175 -23.40 4.70 -11.57
N MLZ B 176 -23.17 5.14 -10.33
CA MLZ B 176 -22.54 4.34 -9.34
CB MLZ B 176 -21.06 4.65 -9.30
CG MLZ B 176 -20.31 3.85 -10.34
CD MLZ B 176 -18.87 4.28 -10.33
CE MLZ B 176 -18.07 3.48 -11.33
NZ MLZ B 176 -16.68 3.65 -11.05
CM MLZ B 176 -16.00 4.14 -12.21
C MLZ B 176 -23.12 4.63 -7.97
O MLZ B 176 -23.68 5.73 -7.76
N GLY B 177 -23.02 3.69 -7.04
CA GLY B 177 -23.52 3.90 -5.70
C GLY B 177 -23.84 2.60 -4.96
N VAL B 178 -23.58 2.56 -3.65
CA VAL B 178 -23.82 1.35 -2.88
C VAL B 178 -25.32 0.99 -2.80
N VAL B 179 -26.18 1.92 -2.37
CA VAL B 179 -27.60 1.65 -2.27
C VAL B 179 -28.22 1.38 -3.64
N PHE B 180 -27.66 2.03 -4.65
CA PHE B 180 -28.05 1.84 -6.03
C PHE B 180 -28.00 0.37 -6.43
N ASN B 181 -26.87 -0.27 -6.11
CA ASN B 181 -26.67 -1.68 -6.39
C ASN B 181 -27.30 -2.58 -5.35
N GLU B 182 -27.41 -2.07 -4.12
CA GLU B 182 -28.10 -2.80 -3.07
C GLU B 182 -29.54 -3.07 -3.49
N MET B 183 -30.19 -2.06 -4.07
CA MET B 183 -31.59 -2.18 -4.42
C MET B 183 -31.81 -2.92 -5.74
N LYS B 184 -30.90 -2.76 -6.70
CA LYS B 184 -30.95 -3.58 -7.90
C LYS B 184 -30.96 -5.06 -7.53
N GLY B 185 -30.12 -5.42 -6.55
CA GLY B 185 -30.01 -6.79 -6.08
C GLY B 185 -31.22 -7.23 -5.27
N ALA B 186 -31.74 -6.33 -4.44
CA ALA B 186 -32.93 -6.62 -3.65
C ALA B 186 -34.09 -7.01 -4.54
N PHE B 187 -34.23 -6.28 -5.65
CA PHE B 187 -35.32 -6.52 -6.59
C PHE B 187 -34.94 -7.53 -7.70
N THR B 188 -33.86 -8.25 -7.47
CA THR B 188 -33.54 -9.43 -8.25
C THR B 188 -34.38 -10.61 -7.73
N ASP B 189 -34.86 -10.48 -6.51
CA ASP B 189 -35.81 -11.39 -5.90
C ASP B 189 -37.23 -11.03 -6.35
N ASN B 190 -37.83 -11.88 -7.16
CA ASN B 190 -39.13 -11.59 -7.74
C ASN B 190 -40.23 -11.52 -6.70
N GLU B 191 -40.03 -12.23 -5.60
CA GLU B 191 -40.95 -12.14 -4.48
C GLU B 191 -40.91 -10.76 -3.82
N ARG B 192 -39.73 -10.14 -3.80
CA ARG B 192 -39.57 -8.79 -3.28
C ARG B 192 -40.27 -7.77 -4.18
N ILE B 193 -40.19 -7.97 -5.49
CA ILE B 193 -40.93 -7.14 -6.41
C ILE B 193 -42.43 -7.23 -6.13
N PHE B 194 -42.94 -8.45 -5.99
CA PHE B 194 -44.35 -8.69 -5.74
C PHE B 194 -44.76 -8.04 -4.42
N SER B 195 -43.95 -8.26 -3.41
CA SER B 195 -44.22 -7.78 -2.07
C SER B 195 -44.30 -6.25 -2.00
N GLN B 196 -43.37 -5.58 -2.68
CA GLN B 196 -43.30 -4.14 -2.72
C GLN B 196 -44.56 -3.56 -3.34
N HIS B 197 -44.95 -4.11 -4.48
CA HIS B 197 -46.13 -3.66 -5.21
C HIS B 197 -47.43 -3.92 -4.47
N LEU B 198 -47.47 -5.03 -3.76
CA LEU B 198 -48.64 -5.36 -2.95
C LEU B 198 -48.90 -4.26 -1.91
N GLN B 199 -47.87 -3.95 -1.13
CA GLN B 199 -47.96 -2.91 -0.12
C GLN B 199 -48.30 -1.54 -0.75
N ASN B 200 -47.65 -1.21 -1.87
CA ASN B 200 -47.88 0.07 -2.54
C ASN B 200 -49.29 0.25 -3.09
N ARG B 201 -49.87 -0.80 -3.65
CA ARG B 201 -51.23 -0.76 -4.20
C ARG B 201 -52.30 -0.88 -3.12
N LEU B 202 -52.02 -1.62 -2.06
CA LEU B 202 -52.98 -1.80 -0.97
C LEU B 202 -53.07 -0.57 -0.07
N LEU B 203 -51.97 0.17 0.05
CA LEU B 203 -51.91 1.33 0.93
C LEU B 203 -51.46 2.57 0.15
N PRO B 204 -52.31 3.05 -0.78
CA PRO B 204 -51.84 4.05 -1.75
C PRO B 204 -51.94 5.51 -1.33
N ASP B 205 -52.46 5.78 -0.14
CA ASP B 205 -52.80 7.14 0.27
C ASP B 205 -51.65 7.98 0.82
N HIS B 206 -50.58 7.33 1.29
CA HIS B 206 -49.52 8.09 1.93
C HIS B 206 -48.18 7.37 1.73
N THR B 207 -47.26 7.59 2.66
CA THR B 207 -45.91 7.03 2.57
C THR B 207 -45.84 5.57 2.05
N TYR B 208 -46.73 4.70 2.53
CA TYR B 208 -46.68 3.29 2.13
C TYR B 208 -46.78 3.07 0.63
N SER B 209 -47.14 4.11 -0.10
CA SER B 209 -47.27 4.01 -1.55
C SER B 209 -45.95 4.08 -2.30
N VAL B 210 -44.87 4.42 -1.62
CA VAL B 210 -43.61 4.60 -2.31
C VAL B 210 -42.66 3.46 -2.00
N VAL B 211 -41.54 3.41 -2.72
CA VAL B 211 -40.49 2.42 -2.47
C VAL B 211 -39.47 3.02 -1.52
N SER B 212 -39.60 2.72 -0.23
CA SER B 212 -38.80 3.37 0.81
C SER B 212 -37.31 3.08 0.70
N GLY B 213 -36.97 1.89 0.22
CA GLY B 213 -35.59 1.47 0.08
C GLY B 213 -34.90 2.17 -1.07
N GLY B 214 -35.69 2.67 -2.00
CA GLY B 214 -35.19 3.29 -3.20
C GLY B 214 -35.50 2.43 -4.41
N ASP B 215 -36.31 2.96 -5.33
CA ASP B 215 -36.48 2.35 -6.64
C ASP B 215 -35.28 2.73 -7.51
N PRO B 216 -34.52 1.74 -8.00
CA PRO B 216 -33.29 2.00 -8.76
C PRO B 216 -33.49 3.02 -9.87
N LEU B 217 -34.65 3.02 -10.51
CA LEU B 217 -34.91 3.99 -11.55
C LEU B 217 -35.16 5.40 -11.00
N CYS B 218 -35.40 5.51 -9.69
CA CYS B 218 -35.75 6.80 -9.09
C CYS B 218 -34.64 7.38 -8.19
N ILE B 219 -33.72 6.54 -7.77
CA ILE B 219 -32.68 6.95 -6.85
C ILE B 219 -31.87 8.19 -7.28
N PRO B 220 -31.53 8.28 -8.59
CA PRO B 220 -30.81 9.45 -9.10
C PRO B 220 -31.58 10.76 -9.03
N GLU B 221 -32.87 10.74 -8.74
CA GLU B 221 -33.62 11.98 -8.54
C GLU B 221 -33.28 12.70 -7.24
N LEU B 222 -32.59 11.99 -6.36
CA LEU B 222 -32.24 12.50 -5.04
C LEU B 222 -31.07 13.46 -5.08
N THR B 223 -31.24 14.65 -4.48
CA THR B 223 -30.15 15.61 -4.40
C THR B 223 -29.60 15.64 -3.00
N TRP B 224 -28.36 16.12 -2.89
CA TRP B 224 -27.70 16.29 -1.61
C TRP B 224 -28.54 17.14 -0.66
N GLU B 225 -29.20 18.15 -1.22
CA GLU B 225 -29.98 19.07 -0.40
C GLU B 225 -31.22 18.39 0.17
N GLN B 226 -31.89 17.58 -0.65
CA GLN B 226 -33.04 16.83 -0.18
C GLN B 226 -32.64 15.88 0.94
N LEU B 227 -31.47 15.27 0.81
CA LEU B 227 -30.97 14.37 1.83
C LEU B 227 -30.78 15.11 3.14
N LYS B 228 -30.15 16.28 3.08
CA LYS B 228 -29.90 17.07 4.28
C LYS B 228 -31.22 17.52 4.91
N GLN B 229 -32.16 17.89 4.06
CA GLN B 229 -33.47 18.35 4.48
C GLN B 229 -34.27 17.24 5.17
N PHE B 230 -34.19 16.03 4.63
CA PHE B 230 -34.91 14.90 5.18
C PHE B 230 -34.38 14.59 6.58
N HIS B 231 -33.07 14.74 6.78
CA HIS B 231 -32.51 14.54 8.12
C HIS B 231 -33.02 15.60 9.09
N ALA B 232 -33.08 16.84 8.61
CA ALA B 232 -33.49 17.95 9.45
C ALA B 232 -34.90 17.75 9.94
N THR B 233 -35.75 17.22 9.08
CA THR B 233 -37.16 17.03 9.38
C THR B 233 -37.46 15.81 10.26
N HIS B 234 -36.61 14.79 10.18
CA HIS B 234 -36.91 13.52 10.82
C HIS B 234 -36.00 13.13 11.96
N TYR B 235 -34.81 13.71 12.03
CA TYR B 235 -33.86 13.25 13.04
C TYR B 235 -33.80 14.03 14.33
N HIS B 236 -34.86 14.76 14.61
CA HIS B 236 -35.03 15.45 15.87
C HIS B 236 -35.51 14.51 16.97
N PRO B 237 -34.98 14.65 18.19
CA PRO B 237 -35.32 13.74 19.29
C PRO B 237 -36.83 13.69 19.65
N SER B 238 -37.57 14.73 19.32
CA SER B 238 -39.00 14.68 19.55
C SER B 238 -39.64 13.63 18.63
N ASN B 239 -38.91 13.24 17.60
CA ASN B 239 -39.36 12.23 16.64
C ASN B 239 -38.69 10.85 16.83
N ALA B 240 -38.07 10.62 17.98
CA ALA B 240 -37.28 9.42 18.23
C ALA B 240 -37.82 8.53 19.35
N ARG B 241 -37.46 7.24 19.30
CA ARG B 241 -37.72 6.30 20.38
C ARG B 241 -36.40 5.67 20.81
N PHE B 242 -36.06 5.75 22.09
CA PHE B 242 -34.85 5.14 22.58
C PHE B 242 -35.17 3.83 23.31
N PHE B 243 -34.33 2.83 23.10
CA PHE B 243 -34.55 1.49 23.64
C PHE B 243 -33.27 0.89 24.20
N THR B 244 -33.30 0.42 25.45
CA THR B 244 -32.16 -0.35 25.96
C THR B 244 -32.68 -1.62 26.62
N TYR B 245 -31.80 -2.62 26.68
CA TYR B 245 -32.14 -3.93 27.17
C TYR B 245 -30.93 -4.53 27.86
N GLY B 246 -31.14 -5.21 28.98
CA GLY B 246 -30.06 -5.93 29.63
C GLY B 246 -29.79 -5.52 31.07
N ASN B 247 -28.64 -5.92 31.58
CA ASN B 247 -28.30 -5.75 32.99
C ASN B 247 -27.40 -4.55 33.34
N PHE B 248 -26.91 -3.83 32.32
CA PHE B 248 -26.19 -2.58 32.58
C PHE B 248 -27.15 -1.54 33.14
N PRO B 249 -26.71 -0.78 34.14
CA PRO B 249 -27.55 0.24 34.79
C PRO B 249 -28.13 1.27 33.82
N LEU B 250 -29.43 1.52 33.97
CA LEU B 250 -30.12 2.47 33.11
C LEU B 250 -29.61 3.90 33.27
N GLU B 251 -29.22 4.26 34.50
CA GLU B 251 -28.83 5.64 34.82
C GLU B 251 -27.74 6.15 33.89
N GLN B 252 -26.74 5.31 33.68
CA GLN B 252 -25.62 5.62 32.80
C GLN B 252 -26.06 5.87 31.35
N HIS B 253 -27.03 5.09 30.86
CA HIS B 253 -27.52 5.32 29.51
C HIS B 253 -28.17 6.69 29.40
N LEU B 254 -29.07 7.00 30.33
CA LEU B 254 -29.81 8.25 30.30
C LEU B 254 -28.88 9.46 30.37
N MLY B 255 -27.82 9.34 31.14
CA MLY B 255 -26.85 10.42 31.29
CB MLY B 255 -25.83 10.10 32.37
CG MLY B 255 -24.95 11.27 32.74
CD MLY B 255 -23.91 10.91 33.79
CE MLY B 255 -23.43 12.16 34.52
NZ MLY B 255 -21.96 12.33 34.47
CH1 MLY B 255 -21.52 11.87 33.15
CH2 MLY B 255 -21.69 13.77 34.54
C MLY B 255 -26.14 10.75 29.98
O MLY B 255 -26.07 11.91 29.61
N GLN B 256 -25.63 9.72 29.29
CA GLN B 256 -25.01 9.92 27.99
C GLN B 256 -25.98 10.50 26.97
N ILE B 257 -27.17 9.91 26.90
CA ILE B 257 -28.12 10.32 25.88
C ILE B 257 -28.54 11.79 26.08
N HIS B 258 -28.76 12.18 27.33
CA HIS B 258 -29.11 13.57 27.61
C HIS B 258 -27.94 14.52 27.38
N GLU B 259 -26.79 14.19 27.96
CA GLU B 259 -25.66 15.11 27.94
C GLU B 259 -24.94 15.19 26.58
N GLU B 260 -24.92 14.10 25.82
CA GLU B 260 -24.20 14.09 24.55
C GLU B 260 -25.17 14.70 23.54
N ALA B 261 -26.42 14.24 23.49
CA ALA B 261 -27.31 14.67 22.39
C ALA B 261 -28.57 15.51 22.67
N LEU B 262 -29.34 15.15 23.69
CA LEU B 262 -30.74 15.51 23.80
C LEU B 262 -30.79 16.93 24.40
N SER B 263 -29.77 17.30 25.18
CA SER B 263 -29.76 18.61 25.82
C SER B 263 -29.54 19.75 24.83
N MLY B 264 -29.22 19.41 23.58
CA MLY B 264 -28.99 20.44 22.57
CB MLY B 264 -27.98 19.96 21.53
CG MLY B 264 -26.56 19.77 22.05
CD MLY B 264 -25.60 19.81 20.88
CE MLY B 264 -24.18 19.51 21.29
NZ MLY B 264 -23.23 19.79 20.18
CH1 MLY B 264 -21.87 19.49 20.67
CH2 MLY B 264 -23.52 18.85 19.09
C MLY B 264 -30.29 20.81 21.85
O MLY B 264 -30.30 21.71 21.03
N PHE B 265 -31.37 20.11 22.17
CA PHE B 265 -32.60 20.33 21.42
C PHE B 265 -33.74 20.92 22.27
N GLN B 266 -34.69 21.52 21.59
CA GLN B 266 -35.95 21.97 22.17
C GLN B 266 -37.06 21.10 21.62
N MLY B 267 -38.20 21.06 22.30
CA MLY B 267 -39.32 20.25 21.84
CB MLY B 267 -40.38 20.14 22.95
CG MLY B 267 -41.55 19.24 22.57
CD MLY B 267 -42.54 19.11 23.69
CE MLY B 267 -41.95 18.42 24.91
NZ MLY B 267 -43.02 18.03 25.89
CH1 MLY B 267 -42.37 17.34 27.02
CH2 MLY B 267 -43.59 19.28 26.41
C MLY B 267 -39.94 20.82 20.57
O MLY B 267 -40.06 22.03 20.42
N ILE B 268 -40.30 19.93 19.63
CA ILE B 268 -41.04 20.30 18.44
C ILE B 268 -42.20 19.33 18.23
N GLU B 269 -43.12 19.68 17.34
CA GLU B 269 -44.12 18.74 16.88
C GLU B 269 -43.73 18.25 15.49
N PRO B 270 -43.11 17.07 15.41
CA PRO B 270 -42.55 16.59 14.15
C PRO B 270 -43.63 16.41 13.09
N SER B 271 -43.32 16.80 11.85
CA SER B 271 -44.27 16.69 10.76
C SER B 271 -44.19 15.34 10.07
N THR B 272 -44.37 14.26 10.83
CA THR B 272 -44.02 12.92 10.34
C THR B 272 -45.11 11.89 10.58
N VAL B 273 -46.30 12.34 10.97
CA VAL B 273 -47.39 11.44 11.30
C VAL B 273 -47.85 10.68 10.06
N VAL B 274 -48.12 9.40 10.21
CA VAL B 274 -48.74 8.62 9.14
C VAL B 274 -50.24 8.53 9.36
N PRO B 275 -51.04 9.13 8.46
CA PRO B 275 -52.49 9.11 8.60
C PRO B 275 -53.08 7.72 8.39
N ALA B 276 -54.27 7.52 8.89
CA ALA B 276 -54.97 6.26 8.66
C ALA B 276 -55.32 6.12 7.19
N GLN B 277 -55.18 4.92 6.66
CA GLN B 277 -55.65 4.65 5.31
C GLN B 277 -57.18 4.63 5.33
N THR B 278 -57.81 5.48 4.53
CA THR B 278 -59.26 5.42 4.41
C THR B 278 -59.67 4.22 3.54
N PRO B 279 -60.53 3.35 4.08
CA PRO B 279 -60.92 2.11 3.40
C PRO B 279 -61.62 2.35 2.06
N TRP B 280 -61.30 1.53 1.07
CA TRP B 280 -61.97 1.58 -0.21
C TRP B 280 -63.44 1.18 -0.05
N ASP B 281 -64.29 1.66 -0.96
CA ASP B 281 -65.68 1.24 -1.02
C ASP B 281 -65.86 0.01 -1.91
N LYS B 282 -64.88 -0.26 -2.77
CA LYS B 282 -64.91 -1.47 -3.58
C LYS B 282 -63.49 -1.99 -3.83
N PRO B 283 -63.36 -3.30 -4.08
CA PRO B 283 -62.10 -4.00 -4.36
C PRO B 283 -61.37 -3.46 -5.58
N ARG B 284 -60.05 -3.63 -5.59
CA ARG B 284 -59.25 -3.26 -6.73
C ARG B 284 -58.38 -4.43 -7.20
N GLU B 285 -58.00 -4.41 -8.47
CA GLU B 285 -57.11 -5.42 -9.00
C GLU B 285 -56.06 -4.79 -9.87
N PHE B 286 -54.85 -5.35 -9.84
CA PHE B 286 -53.73 -4.87 -10.65
C PHE B 286 -52.88 -6.02 -11.15
N GLN B 287 -52.22 -5.80 -12.27
CA GLN B 287 -51.32 -6.77 -12.87
C GLN B 287 -49.93 -6.16 -12.99
N ILE B 288 -48.90 -6.93 -12.64
CA ILE B 288 -47.54 -6.43 -12.77
C ILE B 288 -46.65 -7.46 -13.44
N THR B 289 -45.41 -7.07 -13.72
CA THR B 289 -44.44 -8.00 -14.28
C THR B 289 -43.21 -8.14 -13.39
N CYS B 290 -42.40 -9.13 -13.68
CA CYS B 290 -41.14 -9.36 -12.98
C CYS B 290 -40.18 -10.01 -13.94
N GLY B 291 -38.98 -10.34 -13.47
CA GLY B 291 -37.98 -11.02 -14.28
C GLY B 291 -38.29 -12.48 -14.47
N PRO B 292 -37.65 -13.10 -15.46
CA PRO B 292 -37.82 -14.55 -15.69
C PRO B 292 -37.09 -15.33 -14.60
N ASP B 293 -37.46 -16.59 -14.38
CA ASP B 293 -36.73 -17.38 -13.40
C ASP B 293 -35.45 -17.92 -14.00
N SER B 294 -34.63 -18.56 -13.18
CA SER B 294 -33.34 -19.04 -13.62
C SER B 294 -33.50 -20.33 -14.41
N PHE B 295 -34.71 -20.87 -14.41
CA PHE B 295 -34.99 -22.19 -14.95
C PHE B 295 -36.04 -22.16 -16.06
N SER B 300 -45.33 -21.02 -19.22
CA SER B 300 -46.50 -20.18 -18.97
C SER B 300 -47.18 -20.54 -17.65
N MLZ B 301 -46.50 -21.33 -16.83
CA MLZ B 301 -46.99 -21.66 -15.54
CB MLZ B 301 -46.78 -23.12 -15.23
CG MLZ B 301 -48.03 -23.71 -14.61
CD MLZ B 301 -47.71 -24.91 -13.73
CE MLZ B 301 -48.91 -25.21 -12.84
NZ MLZ B 301 -48.59 -26.19 -11.86
CM MLZ B 301 -47.34 -25.89 -11.25
C MLZ B 301 -46.43 -20.78 -14.46
O MLZ B 301 -46.40 -21.19 -13.28
N GLN B 302 -45.96 -19.59 -14.83
CA GLN B 302 -45.32 -18.72 -13.85
C GLN B 302 -46.04 -17.55 -13.23
N THR B 303 -47.37 -17.56 -13.27
CA THR B 303 -48.16 -16.50 -12.66
C THR B 303 -48.28 -16.57 -11.15
N THR B 304 -48.23 -15.41 -10.50
CA THR B 304 -48.53 -15.32 -9.07
C THR B 304 -49.76 -14.45 -8.87
N VAL B 305 -50.66 -14.90 -8.02
CA VAL B 305 -51.85 -14.13 -7.70
C VAL B 305 -52.10 -14.17 -6.21
N SER B 306 -52.49 -13.03 -5.64
CA SER B 306 -52.85 -12.98 -4.23
C SER B 306 -54.01 -12.03 -4.03
N VAL B 307 -54.71 -12.23 -2.92
CA VAL B 307 -55.82 -11.40 -2.51
C VAL B 307 -55.52 -10.88 -1.10
N SER B 308 -55.51 -9.57 -0.92
CA SER B 308 -55.11 -8.99 0.35
C SER B 308 -56.25 -8.17 0.94
N PHE B 309 -56.34 -8.19 2.26
CA PHE B 309 -57.42 -7.52 2.97
C PHE B 309 -56.83 -6.52 3.95
N LEU B 310 -57.39 -5.32 4.00
CA LEU B 310 -56.95 -4.32 4.96
C LEU B 310 -57.47 -4.66 6.34
N LEU B 311 -56.59 -4.58 7.32
CA LEU B 311 -56.96 -4.87 8.69
C LEU B 311 -56.80 -3.57 9.50
N PRO B 312 -57.25 -3.58 10.77
CA PRO B 312 -57.19 -2.37 11.61
C PRO B 312 -55.78 -1.90 11.98
N ASP B 313 -55.72 -0.69 12.53
CA ASP B 313 -54.50 -0.12 13.10
C ASP B 313 -53.84 -1.08 14.07
N ILE B 314 -52.54 -1.25 13.97
CA ILE B 314 -51.83 -2.18 14.86
C ILE B 314 -51.73 -1.66 16.29
N THR B 315 -52.03 -0.38 16.50
CA THR B 315 -51.98 0.19 17.85
C THR B 315 -53.12 -0.34 18.72
N ASP B 316 -54.13 -0.91 18.09
CA ASP B 316 -55.13 -1.70 18.81
C ASP B 316 -54.53 -3.08 19.06
N THR B 317 -53.79 -3.23 20.16
CA THR B 317 -52.94 -4.41 20.33
C THR B 317 -53.68 -5.74 20.47
N PHE B 318 -54.76 -5.79 21.23
CA PHE B 318 -55.43 -7.08 21.41
C PHE B 318 -56.10 -7.55 20.12
N GLU B 319 -56.64 -6.61 19.36
CA GLU B 319 -57.26 -6.94 18.09
C GLU B 319 -56.23 -7.45 17.09
N ALA B 320 -55.01 -6.89 17.16
CA ALA B 320 -53.90 -7.30 16.30
C ALA B 320 -53.39 -8.69 16.67
N PHE B 321 -53.40 -8.99 17.97
CA PHE B 321 -53.06 -10.30 18.48
C PHE B 321 -54.09 -11.32 18.01
N THR B 322 -55.36 -10.92 18.05
CA THR B 322 -56.44 -11.77 17.59
C THR B 322 -56.27 -12.09 16.11
N LEU B 323 -56.06 -11.06 15.29
CA LEU B 323 -55.96 -11.21 13.85
C LEU B 323 -54.67 -11.91 13.45
N SER B 324 -53.61 -11.70 14.20
CA SER B 324 -52.38 -12.42 13.96
C SER B 324 -52.57 -13.93 14.16
N LEU B 325 -53.17 -14.32 15.29
CA LEU B 325 -53.45 -15.72 15.56
C LEU B 325 -54.41 -16.30 14.56
N LEU B 326 -55.39 -15.50 14.15
CA LEU B 326 -56.37 -15.92 13.18
C LEU B 326 -55.73 -16.22 11.84
N SER B 327 -54.78 -15.37 11.44
CA SER B 327 -54.09 -15.53 10.16
C SER B 327 -53.30 -16.82 10.12
N SER B 328 -52.69 -17.15 11.26
CA SER B 328 -51.99 -18.40 11.41
C SER B 328 -52.93 -19.59 11.24
N LEU B 329 -54.10 -19.55 11.89
CA LEU B 329 -55.08 -20.62 11.77
C LEU B 329 -55.57 -20.77 10.35
N LEU B 330 -55.59 -19.67 9.61
CA LEU B 330 -56.11 -19.68 8.25
C LEU B 330 -55.11 -20.26 7.24
N THR B 331 -53.82 -20.04 7.46
CA THR B 331 -52.84 -20.30 6.43
C THR B 331 -51.71 -21.25 6.82
N SER B 332 -51.52 -21.49 8.11
CA SER B 332 -50.36 -22.26 8.53
C SER B 332 -50.54 -23.78 8.55
N GLY B 333 -49.78 -24.47 7.73
CA GLY B 333 -49.74 -25.93 7.77
C GLY B 333 -50.86 -26.64 7.05
N PRO B 334 -50.69 -27.94 6.83
CA PRO B 334 -51.63 -28.72 6.02
C PRO B 334 -53.02 -28.89 6.65
N ASN B 335 -53.23 -28.37 7.85
CA ASN B 335 -54.54 -28.41 8.45
C ASN B 335 -55.30 -27.11 8.33
N SER B 336 -54.63 -26.08 7.84
CA SER B 336 -55.26 -24.78 7.64
C SER B 336 -56.12 -24.81 6.40
N PRO B 337 -57.23 -24.07 6.41
CA PRO B 337 -58.17 -24.09 5.30
C PRO B 337 -57.61 -23.59 3.96
N PHE B 338 -56.72 -22.60 3.95
CA PHE B 338 -56.20 -22.11 2.66
C PHE B 338 -55.16 -23.05 2.08
N TYR B 339 -54.39 -23.70 2.95
CA TYR B 339 -53.45 -24.72 2.51
C TYR B 339 -54.21 -25.82 1.80
N MLY B 340 -55.28 -26.29 2.45
CA MLY B 340 -56.10 -27.36 1.89
CB MLY B 340 -57.16 -27.83 2.90
CG MLY B 340 -56.56 -28.51 4.14
CD MLY B 340 -57.59 -29.25 4.99
CE MLY B 340 -58.45 -28.32 5.82
NZ MLY B 340 -59.29 -29.04 6.84
CH1 MLY B 340 -60.01 -30.14 6.16
CH2 MLY B 340 -58.38 -29.69 7.80
C MLY B 340 -56.74 -26.93 0.58
O MLY B 340 -56.66 -27.66 -0.41
N ALA B 341 -57.33 -25.75 0.54
CA ALA B 341 -57.98 -25.27 -0.68
C ALA B 341 -56.98 -24.95 -1.80
N LEU B 342 -55.84 -24.35 -1.47
CA LEU B 342 -54.94 -23.79 -2.49
C LEU B 342 -53.70 -24.61 -2.80
N ILE B 343 -52.95 -25.00 -1.77
CA ILE B 343 -51.73 -25.74 -1.96
C ILE B 343 -52.07 -27.13 -2.49
N GLU B 344 -53.08 -27.73 -1.89
CA GLU B 344 -53.49 -29.07 -2.26
C GLU B 344 -54.36 -29.11 -3.53
N SER B 345 -54.69 -27.94 -4.07
CA SER B 345 -55.45 -27.91 -5.32
C SER B 345 -54.57 -28.36 -6.49
N GLY B 346 -53.27 -28.32 -6.27
CA GLY B 346 -52.33 -28.65 -7.33
C GLY B 346 -52.35 -27.58 -8.42
N LEU B 347 -52.96 -26.43 -8.13
CA LEU B 347 -53.03 -25.36 -9.12
C LEU B 347 -51.72 -24.56 -9.22
N GLY B 348 -50.99 -24.50 -8.10
CA GLY B 348 -49.71 -23.83 -8.09
C GLY B 348 -48.60 -24.61 -7.41
N THR B 349 -47.50 -23.94 -7.13
CA THR B 349 -46.35 -24.57 -6.50
C THR B 349 -46.20 -24.23 -5.03
N ASP B 350 -46.69 -23.06 -4.64
CA ASP B 350 -46.51 -22.59 -3.27
C ASP B 350 -47.39 -21.37 -2.99
N PHE B 351 -47.53 -21.01 -1.71
CA PHE B 351 -48.22 -19.77 -1.34
C PHE B 351 -47.53 -18.58 -2.02
N SER B 352 -48.28 -17.53 -2.32
CA SER B 352 -47.71 -16.28 -2.80
C SER B 352 -46.94 -15.58 -1.70
N PRO B 353 -46.06 -14.62 -2.06
CA PRO B 353 -45.26 -13.91 -1.06
C PRO B 353 -46.10 -13.17 -0.02
N ASP B 354 -45.58 -13.09 1.19
CA ASP B 354 -46.20 -12.38 2.32
C ASP B 354 -47.55 -12.95 2.73
N VAL B 355 -47.73 -14.24 2.54
CA VAL B 355 -48.95 -14.91 2.97
C VAL B 355 -49.13 -14.77 4.47
N GLY B 356 -50.33 -14.44 4.90
CA GLY B 356 -50.60 -14.32 6.31
C GLY B 356 -50.75 -12.89 6.80
N TYR B 357 -50.44 -12.68 8.07
CA TYR B 357 -50.62 -11.40 8.71
C TYR B 357 -49.37 -10.54 8.55
N ASN B 358 -49.58 -9.30 8.10
CA ASN B 358 -48.49 -8.35 7.90
C ASN B 358 -48.70 -7.12 8.76
N GLY B 359 -47.87 -6.94 9.78
CA GLY B 359 -48.08 -5.89 10.76
C GLY B 359 -46.93 -4.89 10.91
N TYR B 360 -46.23 -4.60 9.81
CA TYR B 360 -45.15 -3.62 9.83
C TYR B 360 -45.64 -2.23 9.42
N THR B 361 -46.88 -2.15 8.95
CA THR B 361 -47.48 -0.88 8.56
C THR B 361 -48.56 -0.48 9.56
N ARG B 362 -48.93 0.80 9.60
CA ARG B 362 -49.91 1.28 10.57
C ARG B 362 -51.21 0.47 10.58
N GLU B 363 -51.80 0.27 9.41
CA GLU B 363 -52.87 -0.70 9.29
C GLU B 363 -52.23 -2.00 8.82
N ALA B 364 -52.48 -3.08 9.55
CA ALA B 364 -51.99 -4.39 9.14
C ALA B 364 -52.79 -4.92 7.95
N TYR B 365 -52.30 -5.99 7.33
CA TYR B 365 -53.07 -6.64 6.30
C TYR B 365 -52.82 -8.14 6.18
N PHE B 366 -53.84 -8.85 5.72
CA PHE B 366 -53.76 -10.28 5.48
C PHE B 366 -53.66 -10.52 3.99
N SER B 367 -52.84 -11.49 3.60
CA SER B 367 -52.72 -11.84 2.20
C SER B 367 -52.70 -13.35 2.02
N VAL B 368 -53.28 -13.82 0.93
CA VAL B 368 -53.23 -15.24 0.60
C VAL B 368 -53.33 -15.44 -0.91
N GLY B 369 -52.67 -16.48 -1.41
CA GLY B 369 -52.68 -16.76 -2.83
C GLY B 369 -51.65 -17.80 -3.20
N LEU B 370 -51.36 -17.91 -4.50
CA LEU B 370 -50.41 -18.89 -5.00
C LEU B 370 -49.42 -18.30 -5.98
N GLN B 371 -48.24 -18.92 -6.07
CA GLN B 371 -47.35 -18.72 -7.19
C GLN B 371 -47.27 -20.03 -7.97
N GLY B 372 -46.74 -19.96 -9.19
CA GLY B 372 -46.59 -21.12 -10.06
C GLY B 372 -47.87 -21.62 -10.71
N ILE B 373 -48.80 -20.71 -10.98
CA ILE B 373 -50.05 -21.06 -11.66
C ILE B 373 -50.06 -20.69 -13.14
N VAL B 374 -50.82 -21.45 -13.92
CA VAL B 374 -51.13 -21.05 -15.29
C VAL B 374 -52.09 -19.87 -15.34
N GLU B 375 -51.92 -19.01 -16.35
CA GLU B 375 -52.69 -17.78 -16.50
C GLU B 375 -54.19 -17.94 -16.34
N LYS B 376 -54.71 -19.06 -16.83
CA LYS B 376 -56.15 -19.30 -16.84
C LYS B 376 -56.76 -19.63 -15.49
N ASP B 377 -55.93 -20.04 -14.53
CA ASP B 377 -56.44 -20.48 -13.24
C ASP B 377 -56.50 -19.35 -12.22
N ILE B 378 -56.24 -18.13 -12.68
CA ILE B 378 -56.25 -16.99 -11.76
C ILE B 378 -57.63 -16.81 -11.15
N GLU B 379 -58.66 -16.88 -11.99
CA GLU B 379 -60.03 -16.73 -11.49
C GLU B 379 -60.46 -17.94 -10.69
N THR B 380 -59.84 -19.08 -10.96
CA THR B 380 -60.10 -20.26 -10.18
C THR B 380 -59.60 -20.08 -8.74
N VAL B 381 -58.38 -19.57 -8.62
CA VAL B 381 -57.79 -19.29 -7.32
C VAL B 381 -58.62 -18.26 -6.55
N ARG B 382 -59.06 -17.22 -7.25
CA ARG B 382 -59.86 -16.19 -6.60
C ARG B 382 -61.19 -16.74 -6.13
N SER B 383 -61.74 -17.63 -6.94
CA SER B 383 -63.00 -18.27 -6.62
C SER B 383 -62.83 -19.14 -5.38
N LEU B 384 -61.75 -19.91 -5.34
CA LEU B 384 -61.45 -20.78 -4.22
C LEU B 384 -61.20 -20.02 -2.93
N ILE B 385 -60.55 -18.87 -3.04
CA ILE B 385 -60.31 -18.02 -1.88
C ILE B 385 -61.64 -17.59 -1.28
N ASP B 386 -62.57 -17.17 -2.14
CA ASP B 386 -63.89 -16.76 -1.68
C ASP B 386 -64.66 -17.90 -1.02
N ARG B 387 -64.61 -19.08 -1.63
CA ARG B 387 -65.33 -20.22 -1.12
C ARG B 387 -64.80 -20.62 0.25
N THR B 388 -63.49 -20.58 0.41
CA THR B 388 -62.87 -20.94 1.68
C THR B 388 -63.30 -20.00 2.78
N ILE B 389 -63.34 -18.71 2.47
CA ILE B 389 -63.80 -17.72 3.42
C ILE B 389 -65.23 -18.01 3.88
N ASP B 390 -66.09 -18.41 2.95
CA ASP B 390 -67.47 -18.76 3.29
C ASP B 390 -67.53 -19.99 4.20
N GLU B 391 -66.73 -21.00 3.92
CA GLU B 391 -66.71 -22.21 4.73
C GLU B 391 -66.23 -21.95 6.14
N VAL B 392 -65.18 -21.15 6.27
CA VAL B 392 -64.63 -20.86 7.59
C VAL B 392 -65.65 -20.06 8.39
N VAL B 393 -66.34 -19.15 7.73
CA VAL B 393 -67.40 -18.39 8.39
C VAL B 393 -68.45 -19.36 8.91
N GLU B 394 -68.75 -20.37 8.13
CA GLU B 394 -69.81 -21.31 8.48
C GLU B 394 -69.34 -22.29 9.56
N LYS B 395 -68.10 -22.78 9.44
CA LYS B 395 -67.65 -23.89 10.28
C LYS B 395 -66.68 -23.51 11.39
N GLY B 396 -65.90 -22.46 11.18
CA GLY B 396 -64.96 -22.02 12.21
C GLY B 396 -63.75 -22.94 12.34
N PHE B 397 -63.17 -23.01 13.53
CA PHE B 397 -61.97 -23.81 13.74
C PHE B 397 -62.12 -24.85 14.86
N GLU B 398 -61.39 -25.96 14.73
CA GLU B 398 -61.36 -26.98 15.77
C GLU B 398 -60.54 -26.58 16.99
N ASP B 399 -61.00 -27.04 18.15
CA ASP B 399 -60.37 -26.70 19.41
C ASP B 399 -58.94 -27.18 19.49
N ASP B 400 -58.65 -28.33 18.88
CA ASP B 400 -57.30 -28.87 18.98
C ASP B 400 -56.29 -28.05 18.16
N ARG B 401 -56.73 -27.40 17.09
CA ARG B 401 -55.81 -26.54 16.35
C ARG B 401 -55.50 -25.29 17.16
N ILE B 402 -56.51 -24.75 17.82
CA ILE B 402 -56.32 -23.60 18.68
C ILE B 402 -55.39 -23.97 19.83
N GLU B 403 -55.59 -25.15 20.40
CA GLU B 403 -54.73 -25.58 21.48
C GLU B 403 -53.28 -25.73 21.01
N ALA B 404 -53.10 -26.26 19.80
CA ALA B 404 -51.77 -26.39 19.23
C ALA B 404 -51.09 -25.02 19.01
N LEU B 405 -51.86 -24.06 18.55
CA LEU B 405 -51.35 -22.73 18.28
C LEU B 405 -50.88 -22.02 19.54
N LEU B 406 -51.67 -22.11 20.61
CA LEU B 406 -51.31 -21.46 21.87
C LEU B 406 -50.09 -22.13 22.50
N HIS B 407 -49.96 -23.43 22.26
CA HIS B 407 -48.79 -24.16 22.71
C HIS B 407 -47.53 -23.71 21.94
N MLY B 408 -47.69 -23.51 20.64
CA MLY B 408 -46.61 -23.00 19.80
CB MLY B 408 -47.12 -22.88 18.36
CG MLY B 408 -46.08 -22.45 17.35
CD MLY B 408 -46.71 -22.44 15.94
CE MLY B 408 -45.71 -22.13 14.84
NZ MLY B 408 -46.34 -22.25 13.51
CH1 MLY B 408 -46.35 -23.68 13.19
CH2 MLY B 408 -47.75 -21.88 13.68
C MLY B 408 -46.12 -21.65 20.31
O MLY B 408 -44.92 -21.39 20.38
N ILE B 409 -47.05 -20.78 20.67
CA ILE B 409 -46.73 -19.48 21.23
C ILE B 409 -45.97 -19.63 22.53
N GLU B 410 -46.42 -20.56 23.37
CA GLU B 410 -45.76 -20.84 24.64
C GLU B 410 -44.31 -21.23 24.45
N ILE B 411 -44.04 -22.02 23.42
CA ILE B 411 -42.68 -22.42 23.11
C ILE B 411 -41.85 -21.21 22.67
N GLN B 412 -42.45 -20.28 21.93
CA GLN B 412 -41.72 -19.08 21.51
C GLN B 412 -41.31 -18.27 22.73
N MET B 413 -42.22 -18.17 23.70
CA MET B 413 -42.00 -17.36 24.90
C MET B 413 -40.94 -17.93 25.80
N LYS B 414 -40.85 -19.25 25.84
CA LYS B 414 -39.98 -19.90 26.81
C LYS B 414 -38.59 -20.15 26.28
N HIS B 415 -38.46 -20.26 24.96
CA HIS B 415 -37.17 -20.54 24.34
C HIS B 415 -36.17 -19.41 24.60
N GLN B 416 -34.95 -19.80 24.99
CA GLN B 416 -33.91 -18.84 25.33
C GLN B 416 -32.96 -18.60 24.16
N SER B 417 -32.94 -17.36 23.66
CA SER B 417 -32.05 -17.01 22.55
C SER B 417 -30.96 -16.02 22.97
N THR B 418 -29.94 -15.87 22.13
CA THR B 418 -28.76 -15.06 22.47
C THR B 418 -28.87 -13.63 21.99
N SER B 419 -29.85 -13.34 21.15
CA SER B 419 -30.00 -12.00 20.64
C SER B 419 -31.38 -11.45 21.01
N PHE B 420 -31.73 -11.58 22.29
CA PHE B 420 -33.09 -11.27 22.73
C PHE B 420 -33.41 -9.77 22.60
N GLY B 421 -32.44 -8.93 22.94
CA GLY B 421 -32.59 -7.49 22.81
C GLY B 421 -32.83 -7.02 21.39
N LEU B 422 -32.08 -7.55 20.44
CA LEU B 422 -32.27 -7.19 19.04
C LEU B 422 -33.65 -7.62 18.56
N MET B 423 -34.05 -8.82 18.94
CA MET B 423 -35.35 -9.31 18.56
C MET B 423 -36.45 -8.38 19.09
N LEU B 424 -36.35 -8.00 20.35
CA LEU B 424 -37.40 -7.21 20.96
C LEU B 424 -37.56 -5.83 20.33
N THR B 425 -36.45 -5.14 20.07
CA THR B 425 -36.59 -3.81 19.49
C THR B 425 -37.16 -3.86 18.06
N SER B 426 -36.75 -4.86 17.28
CA SER B 426 -37.34 -5.01 15.94
C SER B 426 -38.82 -5.33 16.01
N TYR B 427 -39.17 -6.16 16.98
CA TYR B 427 -40.54 -6.60 17.19
C TYR B 427 -41.51 -5.47 17.55
N ILE B 428 -41.10 -4.56 18.42
CA ILE B 428 -41.99 -3.49 18.86
C ILE B 428 -42.00 -2.26 17.96
N ALA B 429 -41.10 -2.23 16.98
CA ALA B 429 -40.81 -1.02 16.19
C ALA B 429 -42.01 -0.41 15.49
N SER B 430 -42.76 -1.20 14.72
CA SER B 430 -43.86 -0.65 13.95
C SER B 430 -45.00 -0.14 14.85
N CYS B 431 -45.29 -0.84 15.94
CA CYS B 431 -46.32 -0.42 16.87
C CYS B 431 -45.91 0.88 17.59
N TRP B 432 -44.69 0.92 18.08
CA TRP B 432 -44.14 2.11 18.71
C TRP B 432 -44.13 3.30 17.74
N ASN B 433 -43.88 3.01 16.47
CA ASN B 433 -43.78 4.04 15.44
C ASN B 433 -45.04 4.89 15.33
N HIS B 434 -46.18 4.30 15.66
CA HIS B 434 -47.43 5.02 15.56
C HIS B 434 -48.04 5.27 16.93
N ASP B 435 -47.18 5.41 17.93
CA ASP B 435 -47.55 5.81 19.27
C ASP B 435 -48.38 4.75 20.00
N GLY B 436 -48.16 3.50 19.64
CA GLY B 436 -48.79 2.39 20.34
C GLY B 436 -47.99 2.12 21.59
N ASP B 437 -48.48 1.22 22.43
CA ASP B 437 -47.82 0.90 23.68
C ASP B 437 -47.05 -0.42 23.55
N PRO B 438 -45.72 -0.33 23.38
CA PRO B 438 -44.88 -1.51 23.17
C PRO B 438 -44.90 -2.49 24.33
N VAL B 439 -45.18 -2.00 25.53
CA VAL B 439 -45.22 -2.86 26.71
C VAL B 439 -46.35 -3.89 26.62
N GLU B 440 -47.44 -3.51 25.97
CA GLU B 440 -48.54 -4.44 25.75
C GLU B 440 -48.17 -5.60 24.82
N LEU B 441 -47.10 -5.43 24.04
CA LEU B 441 -46.57 -6.48 23.19
C LEU B 441 -45.69 -7.44 23.98
N LEU B 442 -45.33 -7.04 25.19
CA LEU B 442 -44.53 -7.89 26.05
C LEU B 442 -45.40 -8.75 26.97
N MLY B 443 -46.56 -8.24 27.35
CA MLY B 443 -47.44 -8.95 28.27
CB MLY B 443 -48.41 -7.96 28.92
CG MLY B 443 -47.72 -6.87 29.72
CD MLY B 443 -48.59 -5.62 29.78
CE MLY B 443 -49.43 -5.56 31.03
NZ MLY B 443 -50.29 -4.35 31.03
CH1 MLY B 443 -51.56 -4.73 31.69
CH2 MLY B 443 -49.66 -3.36 31.90
C MLY B 443 -48.20 -10.05 27.56
O MLY B 443 -49.42 -9.99 27.41
N LEU B 444 -47.47 -11.06 27.10
CA LEU B 444 -48.06 -12.13 26.30
C LEU B 444 -49.00 -13.00 27.12
N GLY B 445 -48.69 -13.19 28.39
CA GLY B 445 -49.58 -13.91 29.28
C GLY B 445 -50.97 -13.30 29.29
N ASN B 446 -51.03 -11.97 29.37
CA ASN B 446 -52.32 -11.27 29.29
C ASN B 446 -53.05 -11.49 27.99
N GLN B 447 -52.32 -11.39 26.89
CA GLN B 447 -52.92 -11.52 25.58
C GLN B 447 -53.52 -12.92 25.41
N LEU B 448 -52.77 -13.93 25.82
CA LEU B 448 -53.21 -15.32 25.73
C LEU B 448 -54.45 -15.53 26.59
N ALA B 449 -54.41 -15.05 27.82
CA ALA B 449 -55.52 -15.21 28.75
C ALA B 449 -56.80 -14.57 28.22
N LYS B 450 -56.68 -13.35 27.70
CA LYS B 450 -57.85 -12.67 27.15
C LYS B 450 -58.36 -13.35 25.89
N PHE B 451 -57.43 -13.86 25.09
CA PHE B 451 -57.80 -14.56 23.88
C PHE B 451 -58.58 -15.84 24.23
N ARG B 452 -58.10 -16.57 25.23
CA ARG B 452 -58.82 -17.76 25.69
C ARG B 452 -60.19 -17.39 26.24
N GLN B 453 -60.26 -16.28 26.96
CA GLN B 453 -61.51 -15.84 27.56
C GLN B 453 -62.53 -15.51 26.50
N CYS B 454 -62.07 -14.85 25.44
CA CYS B 454 -62.92 -14.50 24.33
C CYS B 454 -63.52 -15.72 23.63
N LEU B 455 -62.73 -16.78 23.48
CA LEU B 455 -63.19 -17.99 22.83
C LEU B 455 -64.27 -18.67 23.68
N GLN B 456 -64.10 -18.62 24.99
CA GLN B 456 -65.02 -19.31 25.91
C GLN B 456 -66.36 -18.61 26.01
N GLU B 457 -66.34 -17.28 25.99
CA GLU B 457 -67.57 -16.52 26.17
C GLU B 457 -68.35 -16.42 24.87
N ASN B 458 -67.68 -16.73 23.77
CA ASN B 458 -68.34 -16.61 22.48
C ASN B 458 -67.82 -17.64 21.50
N PRO B 459 -68.60 -18.71 21.28
CA PRO B 459 -68.27 -19.82 20.39
C PRO B 459 -68.17 -19.39 18.93
N LYS B 460 -68.66 -18.20 18.60
CA LYS B 460 -68.59 -17.73 17.22
C LYS B 460 -67.61 -16.59 17.05
N PHE B 461 -66.70 -16.44 18.01
CA PHE B 461 -65.77 -15.31 18.07
C PHE B 461 -64.89 -15.19 16.81
N LEU B 462 -64.17 -16.24 16.48
CA LEU B 462 -63.28 -16.21 15.33
C LEU B 462 -64.05 -16.16 14.01
N GLN B 463 -65.18 -16.85 13.95
CA GLN B 463 -66.01 -16.84 12.77
C GLN B 463 -66.53 -15.45 12.47
N GLU B 464 -66.93 -14.73 13.51
CA GLU B 464 -67.42 -13.37 13.35
C GLU B 464 -66.31 -12.45 12.85
N MLY B 465 -65.09 -12.66 13.33
CA MLY B 465 -63.95 -11.87 12.86
CB MLY B 465 -62.71 -12.11 13.72
CG MLY B 465 -62.86 -11.65 15.16
CD MLY B 465 -62.88 -10.13 15.29
CE MLY B 465 -63.22 -9.71 16.71
NZ MLY B 465 -63.22 -8.23 16.94
CH1 MLY B 465 -64.13 -7.62 15.98
CH2 MLY B 465 -63.83 -8.04 18.26
C MLY B 465 -63.63 -12.13 11.39
O MLY B 465 -63.28 -11.22 10.65
N VAL B 466 -63.78 -13.38 10.96
CA VAL B 466 -63.56 -13.70 9.54
C VAL B 466 -64.61 -13.03 8.66
N MLZ B 467 -65.85 -13.07 9.09
CA MLZ B 467 -66.92 -12.43 8.38
CB MLZ B 467 -68.17 -12.63 9.19
CG MLZ B 467 -69.39 -12.31 8.36
CD MLZ B 467 -70.62 -12.35 9.25
CE MLZ B 467 -71.88 -12.39 8.41
NZ MLZ B 467 -73.00 -12.42 9.28
CM MLZ B 467 -74.19 -12.28 8.51
C MLZ B 467 -66.64 -10.95 8.28
O MLZ B 467 -66.82 -10.34 7.20
N GLN B 468 -66.21 -10.34 9.38
CA GLN B 468 -66.02 -8.91 9.41
C GLN B 468 -64.86 -8.46 8.52
N TYR B 469 -63.73 -9.17 8.59
CA TYR B 469 -62.52 -8.69 7.94
C TYR B 469 -62.20 -9.30 6.59
N PHE B 470 -62.95 -10.32 6.20
CA PHE B 470 -62.66 -10.98 4.93
C PHE B 470 -63.89 -11.05 4.05
N MLZ B 471 -65.03 -11.37 4.64
CA MLZ B 471 -66.24 -11.48 3.89
CB MLZ B 471 -67.26 -12.30 4.66
CG MLZ B 471 -68.45 -12.57 3.78
CD MLZ B 471 -68.06 -13.53 2.67
CE MLZ B 471 -69.14 -13.56 1.60
NZ MLZ B 471 -68.61 -14.10 0.39
CM MLZ B 471 -69.66 -14.36 -0.53
C MLZ B 471 -66.83 -10.12 3.57
O MLZ B 471 -67.16 -9.83 2.40
N ASN B 472 -66.99 -9.27 4.59
CA ASN B 472 -67.67 -7.99 4.41
C ASN B 472 -66.71 -6.85 4.08
N ASN B 473 -65.41 -7.14 4.08
CA ASN B 473 -64.38 -6.13 3.85
C ASN B 473 -64.19 -5.76 2.37
N GLN B 474 -64.57 -4.55 1.99
CA GLN B 474 -64.49 -4.11 0.60
C GLN B 474 -63.08 -3.67 0.21
N HIS B 475 -62.23 -3.41 1.19
CA HIS B 475 -60.86 -3.05 0.92
C HIS B 475 -60.02 -4.29 0.62
N MLY B 476 -60.23 -4.85 -0.57
CA MLY B 476 -59.48 -6.02 -1.03
CB MLY B 476 -60.43 -7.18 -1.31
CG MLY B 476 -61.16 -7.69 -0.10
CD MLY B 476 -62.17 -8.77 -0.48
CE MLY B 476 -63.53 -8.18 -0.83
NZ MLY B 476 -64.62 -9.22 -0.77
CH1 MLY B 476 -65.89 -8.49 -0.90
CH2 MLY B 476 -64.47 -10.05 -1.97
C MLY B 476 -58.69 -5.72 -2.31
O MLY B 476 -59.20 -5.16 -3.25
N LEU B 477 -57.43 -6.14 -2.31
CA LEU B 477 -56.60 -6.04 -3.50
C LEU B 477 -56.32 -7.41 -4.12
N THR B 478 -56.58 -7.54 -5.41
CA THR B 478 -56.14 -8.72 -6.15
C THR B 478 -54.95 -8.29 -6.99
N LEU B 479 -53.81 -8.92 -6.76
CA LEU B 479 -52.60 -8.60 -7.47
C LEU B 479 -52.08 -9.83 -8.21
N SER B 480 -51.78 -9.68 -9.50
CA SER B 480 -51.22 -10.80 -10.22
C SER B 480 -49.96 -10.38 -10.96
N MET B 481 -49.03 -11.31 -11.01
CA MET B 481 -47.71 -11.05 -11.58
C MET B 481 -47.31 -12.16 -12.56
N ARG B 482 -46.78 -11.76 -13.71
CA ARG B 482 -46.23 -12.69 -14.68
C ARG B 482 -44.85 -12.24 -15.09
N PRO B 483 -43.95 -13.21 -15.30
CA PRO B 483 -42.58 -12.88 -15.70
C PRO B 483 -42.54 -12.22 -17.07
N ASP B 484 -41.60 -11.29 -17.23
CA ASP B 484 -41.30 -10.66 -18.51
C ASP B 484 -39.88 -11.06 -18.88
N ASP B 485 -39.71 -11.72 -20.02
CA ASP B 485 -38.39 -12.21 -20.42
C ASP B 485 -37.34 -11.12 -20.62
N LYS B 486 -37.78 -9.89 -20.87
CA LYS B 486 -36.82 -8.80 -21.03
C LYS B 486 -36.99 -7.74 -19.95
N TYR B 487 -37.44 -8.17 -18.78
CA TYR B 487 -37.72 -7.26 -17.67
C TYR B 487 -36.51 -6.40 -17.33
N HIS B 488 -35.36 -7.05 -17.15
CA HIS B 488 -34.15 -6.34 -16.74
C HIS B 488 -33.49 -5.58 -17.90
N GLU B 489 -33.69 -6.04 -19.13
CA GLU B 489 -33.24 -5.30 -20.32
C GLU B 489 -34.01 -4.00 -20.48
N MLY B 490 -35.32 -4.05 -20.29
CA MLY B 490 -36.15 -2.84 -20.37
CB MLY B 490 -37.64 -3.17 -20.24
CG MLY B 490 -38.13 -4.20 -21.25
CD MLY B 490 -39.65 -4.17 -21.41
CE MLY B 490 -40.08 -5.24 -22.40
NZ MLY B 490 -41.54 -5.27 -22.69
CH1 MLY B 490 -41.89 -6.68 -22.90
CH2 MLY B 490 -42.29 -4.83 -21.51
C MLY B 490 -35.75 -1.86 -19.27
O MLY B 490 -35.71 -0.65 -19.50
N GLN B 491 -35.48 -2.37 -18.08
CA GLN B 491 -35.07 -1.53 -16.98
C GLN B 491 -33.79 -0.79 -17.35
N ALA B 492 -32.85 -1.54 -17.92
CA ALA B 492 -31.55 -1.01 -18.30
C ALA B 492 -31.66 0.05 -19.39
N GLN B 493 -32.60 -0.13 -20.31
CA GLN B 493 -32.83 0.84 -21.37
C GLN B 493 -33.38 2.15 -20.82
N VAL B 494 -34.27 2.04 -19.83
CA VAL B 494 -34.80 3.21 -19.15
C VAL B 494 -33.67 3.95 -18.44
N GLU B 495 -32.78 3.18 -17.82
CA GLU B 495 -31.66 3.74 -17.08
C GLU B 495 -30.68 4.50 -17.98
N ALA B 496 -30.40 3.93 -19.15
CA ALA B 496 -29.51 4.53 -20.12
C ALA B 496 -30.04 5.88 -20.59
N THR B 497 -31.35 5.96 -20.74
CA THR B 497 -32.01 7.19 -21.13
C THR B 497 -31.92 8.26 -20.05
N LYS B 498 -32.18 7.86 -18.82
CA LYS B 498 -32.07 8.73 -17.66
C LYS B 498 -30.66 9.24 -17.52
N LEU B 499 -29.70 8.33 -17.69
CA LEU B 499 -28.29 8.69 -17.63
C LEU B 499 -27.96 9.76 -18.68
N LYS B 500 -28.38 9.53 -19.91
CA LYS B 500 -28.12 10.45 -21.01
C LYS B 500 -28.69 11.83 -20.74
N GLN B 501 -29.91 11.86 -20.20
CA GLN B 501 -30.59 13.11 -19.86
C GLN B 501 -29.82 13.87 -18.79
N MLY B 502 -29.25 13.13 -17.86
CA MLY B 502 -28.52 13.75 -16.77
CB MLY B 502 -28.41 12.79 -15.60
CG MLY B 502 -28.33 13.45 -14.25
CD MLY B 502 -28.73 12.51 -13.13
CE MLY B 502 -30.24 12.33 -13.06
NZ MLY B 502 -30.98 13.59 -12.74
CH1 MLY B 502 -32.28 13.16 -12.22
CH2 MLY B 502 -30.27 14.26 -11.64
C MLY B 502 -27.15 14.24 -17.23
O MLY B 502 -26.65 15.26 -16.77
N VAL B 503 -26.53 13.51 -18.15
CA VAL B 503 -25.23 13.90 -18.68
C VAL B 503 -25.39 15.13 -19.57
N GLU B 504 -26.39 15.11 -20.44
CA GLU B 504 -26.62 16.24 -21.32
C GLU B 504 -27.00 17.50 -20.57
N ALA B 505 -27.47 17.37 -19.33
CA ALA B 505 -27.90 18.53 -18.56
C ALA B 505 -26.72 19.27 -17.94
N LEU B 506 -25.54 18.65 -18.00
CA LEU B 506 -24.35 19.21 -17.40
C LEU B 506 -23.76 20.33 -18.25
N SER B 507 -23.47 21.47 -17.63
CA SER B 507 -22.70 22.52 -18.28
C SER B 507 -21.23 22.15 -18.26
N PRO B 508 -20.41 22.87 -19.02
CA PRO B 508 -18.95 22.65 -18.98
C PRO B 508 -18.39 22.80 -17.56
N GLY B 509 -18.98 23.68 -16.76
CA GLY B 509 -18.57 23.82 -15.37
C GLY B 509 -18.96 22.62 -14.54
N ASP B 510 -20.14 22.08 -14.82
CA ASP B 510 -20.63 20.89 -14.13
C ASP B 510 -19.72 19.70 -14.40
N ARG B 511 -19.39 19.51 -15.68
CA ARG B 511 -18.57 18.38 -16.09
C ARG B 511 -17.20 18.47 -15.44
N GLN B 512 -16.73 19.68 -15.22
CA GLN B 512 -15.42 19.82 -14.64
C GLN B 512 -15.49 19.49 -13.16
N GLN B 513 -16.58 19.91 -12.51
CA GLN B 513 -16.77 19.62 -11.09
C GLN B 513 -17.02 18.15 -10.81
N ILE B 514 -17.73 17.47 -11.69
CA ILE B 514 -17.94 16.03 -11.53
C ILE B 514 -16.64 15.27 -11.63
N TYR B 515 -15.78 15.73 -12.52
CA TYR B 515 -14.46 15.14 -12.73
C TYR B 515 -13.57 15.33 -11.50
N GLU B 516 -13.49 16.56 -11.02
CA GLU B 516 -12.69 16.89 -9.86
C GLU B 516 -13.23 16.20 -8.60
N MLY B 517 -14.54 16.18 -8.46
CA MLY B 517 -15.17 15.54 -7.31
CB MLY B 517 -16.65 15.88 -7.22
CG MLY B 517 -16.89 17.19 -6.52
CD MLY B 517 -18.30 17.72 -6.71
CE MLY B 517 -18.51 18.96 -5.85
NZ MLY B 517 -19.60 19.87 -6.31
CH1 MLY B 517 -20.78 19.06 -6.63
CH2 MLY B 517 -19.94 20.72 -5.17
C MLY B 517 -14.95 14.03 -7.30
O MLY B 517 -14.82 13.42 -6.25
N GLY B 518 -14.92 13.41 -8.47
CA GLY B 518 -14.64 12.00 -8.58
C GLY B 518 -13.24 11.65 -8.12
N LEU B 519 -12.27 12.47 -8.50
CA LEU B 519 -10.90 12.26 -8.06
C LEU B 519 -10.78 12.48 -6.56
N GLU B 520 -11.52 13.47 -6.06
CA GLU B 520 -11.54 13.74 -4.63
C GLU B 520 -12.11 12.55 -3.84
N LEU B 521 -13.19 11.96 -4.33
CA LEU B 521 -13.77 10.79 -3.68
C LEU B 521 -12.78 9.60 -3.71
N ARG B 522 -12.21 9.34 -4.88
CA ARG B 522 -11.26 8.26 -5.04
C ARG B 522 -10.05 8.47 -4.13
N SER B 523 -9.63 9.72 -4.00
CA SER B 523 -8.57 10.07 -3.06
C SER B 523 -8.94 9.81 -1.60
N GLN B 524 -10.12 10.25 -1.18
CA GLN B 524 -10.60 9.99 0.17
C GLN B 524 -10.75 8.49 0.47
N GLN B 525 -11.09 7.72 -0.55
CA GLN B 525 -11.21 6.26 -0.43
C GLN B 525 -9.86 5.54 -0.37
N SER B 526 -8.78 6.21 -0.76
CA SER B 526 -7.47 5.60 -0.90
C SER B 526 -6.50 6.02 0.20
N MLY B 527 -6.54 7.31 0.51
CA MLY B 527 -5.60 7.94 1.42
CB MLY B 527 -5.81 9.44 1.38
CG MLY B 527 -4.87 10.27 2.22
CD MLY B 527 -5.17 11.75 2.06
CE MLY B 527 -6.43 12.13 2.80
NZ MLY B 527 -6.97 13.46 2.39
CH1 MLY B 527 -5.86 14.42 2.45
CH2 MLY B 527 -7.30 13.30 0.96
C MLY B 527 -5.80 7.41 2.85
O MLY B 527 -6.90 7.53 3.39
N PRO B 528 -4.77 6.81 3.43
CA PRO B 528 -4.87 6.37 4.82
C PRO B 528 -5.10 7.60 5.70
N GLN B 529 -6.06 7.53 6.60
CA GLN B 529 -6.39 8.66 7.44
C GLN B 529 -6.43 8.23 8.90
N ASP B 530 -6.23 9.19 9.80
CA ASP B 530 -6.18 8.92 11.23
C ASP B 530 -7.55 8.65 11.84
N ALA B 531 -7.61 7.66 12.73
CA ALA B 531 -8.86 7.27 13.39
C ALA B 531 -8.80 7.43 14.91
N SER B 532 -7.79 8.14 15.40
CA SER B 532 -7.54 8.26 16.83
C SER B 532 -8.64 9.01 17.59
N CYS B 533 -9.43 9.81 16.88
CA CYS B 533 -10.55 10.47 17.54
C CYS B 533 -11.63 9.44 17.96
N LEU B 534 -11.62 8.25 17.35
CA LEU B 534 -12.61 7.24 17.67
C LEU B 534 -12.31 6.49 18.96
N PRO B 535 -13.36 6.07 19.67
CA PRO B 535 -13.18 5.19 20.84
C PRO B 535 -12.66 3.83 20.41
N ALA B 536 -12.08 3.08 21.33
CA ALA B 536 -11.63 1.73 21.00
C ALA B 536 -11.36 0.90 22.23
N LEU B 537 -11.66 -0.38 22.13
CA LEU B 537 -11.16 -1.37 23.08
C LEU B 537 -9.78 -1.76 22.59
N LYS B 538 -9.06 -2.49 23.42
CA LYS B 538 -7.75 -3.00 23.07
C LYS B 538 -7.78 -4.51 23.16
N VAL B 539 -6.75 -5.17 22.62
CA VAL B 539 -6.68 -6.62 22.64
C VAL B 539 -6.62 -7.14 24.06
N SER B 540 -6.14 -6.31 24.97
CA SER B 540 -6.08 -6.66 26.39
C SER B 540 -7.47 -6.76 27.00
N ASP B 541 -8.49 -6.27 26.31
CA ASP B 541 -9.86 -6.39 26.77
C ASP B 541 -10.47 -7.74 26.44
N ILE B 542 -9.80 -8.50 25.59
CA ILE B 542 -10.27 -9.83 25.21
C ILE B 542 -9.97 -10.81 26.33
N GLU B 543 -10.95 -11.66 26.69
CA GLU B 543 -10.76 -12.67 27.73
C GLU B 543 -9.69 -13.69 27.35
N PRO B 544 -8.74 -13.94 28.26
CA PRO B 544 -7.67 -14.91 28.01
C PRO B 544 -8.19 -16.35 27.86
N THR B 545 -9.23 -16.70 28.61
CA THR B 545 -9.79 -18.04 28.52
C THR B 545 -11.31 -18.00 28.46
N ILE B 546 -11.92 -19.09 28.05
CA ILE B 546 -13.38 -19.18 28.02
C ILE B 546 -13.88 -20.15 29.09
N PRO B 547 -15.12 -19.96 29.55
CA PRO B 547 -15.74 -20.88 30.51
C PRO B 547 -15.94 -22.27 29.91
N VAL B 548 -15.45 -23.29 30.61
CA VAL B 548 -15.56 -24.66 30.13
C VAL B 548 -17.01 -25.12 30.08
N THR B 549 -17.34 -25.92 29.09
CA THR B 549 -18.66 -26.52 28.99
C THR B 549 -18.63 -27.89 29.65
N GLU B 550 -19.47 -28.08 30.65
CA GLU B 550 -19.54 -29.36 31.35
C GLU B 550 -20.50 -30.32 30.67
N LEU B 551 -19.96 -31.45 30.24
CA LEU B 551 -20.75 -32.45 29.57
C LEU B 551 -20.67 -33.80 30.25
N ASP B 552 -21.62 -34.66 29.90
CA ASP B 552 -21.68 -35.98 30.48
C ASP B 552 -22.11 -36.92 29.37
N VAL B 553 -21.20 -37.79 28.95
CA VAL B 553 -21.52 -38.77 27.92
C VAL B 553 -21.90 -40.12 28.54
N VAL B 554 -23.05 -40.65 28.19
CA VAL B 554 -23.48 -41.93 28.70
C VAL B 554 -23.78 -42.90 27.58
N LEU B 555 -23.11 -44.05 27.59
CA LEU B 555 -23.45 -45.14 26.66
C LEU B 555 -24.81 -45.73 26.98
N THR B 556 -25.67 -45.81 25.97
CA THR B 556 -27.05 -46.17 26.17
C THR B 556 -27.49 -47.20 25.13
N ALA B 557 -28.47 -48.03 25.49
CA ALA B 557 -29.03 -49.00 24.56
C ALA B 557 -27.91 -49.79 23.91
N GLY B 558 -26.91 -50.14 24.73
CA GLY B 558 -25.73 -50.82 24.23
C GLY B 558 -24.57 -49.87 24.10
N ASP B 559 -24.33 -49.40 22.88
CA ASP B 559 -23.13 -48.64 22.55
C ASP B 559 -23.40 -47.25 21.99
N ILE B 560 -24.62 -46.76 22.13
CA ILE B 560 -24.96 -45.45 21.59
C ILE B 560 -24.67 -44.37 22.62
N PRO B 561 -23.67 -43.52 22.33
CA PRO B 561 -23.27 -42.45 23.23
C PRO B 561 -24.29 -41.32 23.26
N VAL B 562 -24.67 -40.88 24.46
CA VAL B 562 -25.55 -39.74 24.57
C VAL B 562 -24.91 -38.66 25.43
N GLN B 563 -24.80 -37.48 24.84
CA GLN B 563 -24.21 -36.32 25.49
C GLN B 563 -25.29 -35.52 26.22
N TYR B 564 -25.11 -35.36 27.53
CA TYR B 564 -26.03 -34.58 28.35
C TYR B 564 -25.41 -33.27 28.78
N CYS B 565 -26.11 -32.17 28.55
CA CYS B 565 -25.59 -30.87 28.91
C CYS B 565 -26.63 -30.08 29.70
N ALA B 566 -26.42 -29.97 31.01
CA ALA B 566 -27.34 -29.25 31.87
C ALA B 566 -27.24 -27.75 31.66
N GLN B 567 -28.36 -27.12 31.34
CA GLN B 567 -28.36 -25.71 30.99
C GLN B 567 -29.63 -25.04 31.44
N PRO B 568 -29.58 -23.72 31.65
CA PRO B 568 -30.79 -22.96 31.98
C PRO B 568 -31.68 -22.74 30.76
N THR B 569 -32.37 -23.80 30.37
CA THR B 569 -33.19 -23.79 29.15
C THR B 569 -34.61 -23.31 29.40
N ASN B 570 -34.93 -22.99 30.64
CA ASN B 570 -36.26 -22.52 31.00
C ASN B 570 -37.41 -23.51 30.70
N GLY B 571 -37.25 -24.75 31.15
CA GLY B 571 -38.30 -25.74 31.01
C GLY B 571 -38.44 -26.29 29.59
N MET B 572 -37.33 -26.23 28.84
CA MET B 572 -37.30 -26.72 27.48
C MET B 572 -36.28 -27.85 27.34
N VAL B 573 -36.58 -28.80 26.46
CA VAL B 573 -35.66 -29.90 26.20
C VAL B 573 -35.28 -29.93 24.73
N TYR B 574 -33.99 -29.98 24.45
CA TYR B 574 -33.49 -29.99 23.06
C TYR B 574 -32.78 -31.31 22.76
N PHE B 575 -33.26 -32.03 21.76
CA PHE B 575 -32.74 -33.34 21.44
C PHE B 575 -32.14 -33.41 20.04
N ARG B 576 -30.98 -34.03 19.92
CA ARG B 576 -30.41 -34.29 18.60
C ARG B 576 -29.93 -35.72 18.48
N ALA B 577 -30.12 -36.30 17.31
CA ALA B 577 -29.53 -37.58 16.99
C ALA B 577 -28.74 -37.42 15.71
N PHE B 578 -27.59 -38.06 15.64
CA PHE B 578 -26.79 -38.02 14.43
C PHE B 578 -26.54 -39.41 13.90
N SER B 579 -27.00 -39.67 12.68
CA SER B 579 -26.89 -40.99 12.09
C SER B 579 -25.99 -40.94 10.86
N SER B 580 -25.00 -41.81 10.83
CA SER B 580 -24.01 -41.86 9.77
C SER B 580 -24.59 -42.20 8.39
N LEU B 581 -23.95 -41.66 7.36
CA LEU B 581 -24.34 -41.94 5.99
C LEU B 581 -23.41 -42.96 5.35
N ASN B 582 -22.55 -43.56 6.15
CA ASN B 582 -21.47 -44.38 5.62
C ASN B 582 -21.89 -45.68 4.94
N THR B 583 -23.08 -46.18 5.21
CA THR B 583 -23.51 -47.43 4.59
C THR B 583 -24.39 -47.18 3.36
N LEU B 584 -24.79 -45.93 3.18
CA LEU B 584 -25.67 -45.60 2.08
C LEU B 584 -24.97 -45.71 0.72
N PRO B 585 -25.59 -46.45 -0.22
CA PRO B 585 -25.11 -46.50 -1.59
C PRO B 585 -24.98 -45.10 -2.15
N GLU B 586 -23.83 -44.77 -2.69
CA GLU B 586 -23.55 -43.38 -3.05
C GLU B 586 -24.49 -42.82 -4.11
N GLU B 587 -25.17 -43.67 -4.87
CA GLU B 587 -26.09 -43.14 -5.88
C GLU B 587 -27.32 -42.51 -5.22
N LEU B 588 -27.55 -42.79 -3.95
CA LEU B 588 -28.72 -42.27 -3.27
C LEU B 588 -28.45 -40.92 -2.59
N ARG B 589 -27.16 -40.56 -2.46
CA ARG B 589 -26.75 -39.32 -1.82
C ARG B 589 -27.50 -38.06 -2.27
N PRO B 590 -27.64 -37.88 -3.59
CA PRO B 590 -28.31 -36.68 -4.10
C PRO B 590 -29.74 -36.54 -3.63
N TYR B 591 -30.32 -37.63 -3.13
CA TYR B 591 -31.73 -37.63 -2.73
C TYR B 591 -31.93 -37.53 -1.22
N VAL B 592 -30.84 -37.50 -0.46
CA VAL B 592 -30.92 -37.42 0.99
C VAL B 592 -31.53 -36.11 1.52
N PRO B 593 -31.20 -34.97 0.90
CA PRO B 593 -31.86 -33.74 1.36
C PRO B 593 -33.37 -33.78 1.19
N LEU B 594 -33.84 -34.33 0.09
CA LEU B 594 -35.27 -34.46 -0.13
C LEU B 594 -35.88 -35.42 0.91
N PHE B 595 -35.21 -36.55 1.13
CA PHE B 595 -35.59 -37.49 2.19
C PHE B 595 -35.76 -36.76 3.52
N CYS B 596 -34.78 -35.94 3.87
CA CYS B 596 -34.78 -35.21 5.13
C CYS B 596 -35.92 -34.20 5.23
N SER B 597 -36.24 -33.52 4.14
CA SER B 597 -37.26 -32.50 4.21
C SER B 597 -38.68 -33.08 4.29
N VAL B 598 -38.88 -34.30 3.81
CA VAL B 598 -40.22 -34.89 3.86
C VAL B 598 -40.41 -35.93 4.96
N LEU B 599 -39.32 -36.35 5.60
CA LEU B 599 -39.36 -37.45 6.55
C LEU B 599 -40.39 -37.27 7.67
N THR B 600 -40.45 -36.05 8.19
CA THR B 600 -41.33 -35.74 9.31
C THR B 600 -42.65 -35.12 8.85
N MLZ B 601 -42.99 -35.31 7.58
CA MLZ B 601 -44.16 -34.68 7.04
CB MLZ B 601 -43.76 -33.55 6.10
CG MLZ B 601 -43.05 -32.42 6.83
CD MLZ B 601 -42.87 -31.24 5.90
CE MLZ B 601 -42.01 -30.19 6.56
NZ MLZ B 601 -41.82 -29.09 5.67
CM MLZ B 601 -40.65 -29.35 4.89
C MLZ B 601 -45.04 -35.59 6.21
O MLZ B 601 -46.03 -35.11 5.62
N LEU B 602 -44.73 -36.88 6.13
CA LEU B 602 -45.53 -37.77 5.29
C LEU B 602 -46.47 -38.65 6.09
N GLY B 603 -46.42 -38.54 7.41
CA GLY B 603 -47.19 -39.41 8.29
C GLY B 603 -46.33 -40.44 8.96
N CYS B 604 -46.77 -40.91 10.12
CA CYS B 604 -46.06 -41.95 10.86
C CYS B 604 -47.04 -42.77 11.67
N GLY B 605 -46.87 -44.09 11.63
CA GLY B 605 -47.74 -44.99 12.35
C GLY B 605 -49.19 -44.86 11.91
N LEU B 606 -50.05 -44.53 12.85
CA LEU B 606 -51.47 -44.37 12.59
C LEU B 606 -51.83 -42.94 12.15
N LEU B 607 -50.84 -42.06 12.16
CA LEU B 607 -51.04 -40.66 11.78
C LEU B 607 -50.77 -40.35 10.30
N ASP B 608 -51.79 -39.91 9.57
CA ASP B 608 -51.54 -39.44 8.22
C ASP B 608 -50.82 -38.08 8.30
N TYR B 609 -50.50 -37.49 7.15
CA TYR B 609 -49.63 -36.31 7.18
C TYR B 609 -50.29 -35.13 7.90
N ARG B 610 -51.61 -35.05 7.87
CA ARG B 610 -52.32 -33.99 8.57
C ARG B 610 -52.32 -34.19 10.08
N GLU B 611 -52.58 -35.43 10.48
CA GLU B 611 -52.63 -35.79 11.89
C GLU B 611 -51.27 -35.62 12.52
N GLN B 612 -50.24 -36.01 11.76
CA GLN B 612 -48.87 -35.87 12.22
C GLN B 612 -48.49 -34.41 12.38
N ALA B 613 -48.92 -33.57 11.45
CA ALA B 613 -48.60 -32.16 11.54
C ALA B 613 -49.23 -31.57 12.80
N GLN B 614 -50.46 -31.99 13.09
CA GLN B 614 -51.16 -31.56 14.29
C GLN B 614 -50.45 -32.02 15.56
N GLN B 615 -49.96 -33.25 15.59
CA GLN B 615 -49.29 -33.77 16.78
C GLN B 615 -48.00 -33.06 17.06
N ILE B 616 -47.22 -32.87 16.00
CA ILE B 616 -45.94 -32.20 16.10
C ILE B 616 -46.14 -30.76 16.60
N GLU B 617 -47.14 -30.07 16.08
CA GLU B 617 -47.37 -28.70 16.52
C GLU B 617 -47.93 -28.62 17.95
N LEU B 618 -48.71 -29.62 18.34
CA LEU B 618 -49.27 -29.65 19.69
C LEU B 618 -48.26 -30.07 20.73
N MLY B 619 -47.32 -30.96 20.37
CA MLY B 619 -46.44 -31.56 21.37
CB MLY B 619 -46.47 -33.09 21.27
CG MLY B 619 -47.85 -33.71 21.56
CD MLY B 619 -48.34 -33.40 22.96
CE MLY B 619 -49.55 -34.27 23.32
NZ MLY B 619 -50.20 -33.91 24.61
CH1 MLY B 619 -51.45 -34.67 24.66
CH2 MLY B 619 -49.35 -34.43 25.69
C MLY B 619 -44.99 -31.07 21.34
O MLY B 619 -44.25 -31.29 22.31
N THR B 620 -44.56 -30.45 20.26
CA THR B 620 -43.17 -30.05 20.12
C THR B 620 -43.06 -28.62 19.60
N GLY B 621 -41.83 -28.11 19.55
CA GLY B 621 -41.57 -26.84 18.90
C GLY B 621 -40.99 -27.07 17.51
N GLY B 622 -41.07 -28.30 17.03
CA GLY B 622 -40.51 -28.62 15.73
C GLY B 622 -39.72 -29.92 15.74
N MET B 623 -39.76 -30.62 14.62
CA MET B 623 -38.97 -31.84 14.44
C MET B 623 -38.43 -31.87 13.03
N SER B 624 -37.12 -31.93 12.89
CA SER B 624 -36.56 -31.90 11.56
C SER B 624 -35.38 -32.82 11.36
N ALA B 625 -35.08 -33.11 10.10
CA ALA B 625 -33.88 -33.82 9.71
C ALA B 625 -33.16 -33.00 8.65
N SER B 626 -31.83 -33.03 8.69
CA SER B 626 -31.04 -32.31 7.71
C SER B 626 -29.69 -32.98 7.56
N PRO B 627 -29.18 -33.00 6.32
CA PRO B 627 -27.90 -33.63 5.99
C PRO B 627 -26.74 -32.70 6.31
N HIS B 628 -25.64 -33.26 6.77
CA HIS B 628 -24.48 -32.47 7.14
C HIS B 628 -23.19 -33.10 6.65
N VAL B 629 -22.31 -32.27 6.14
CA VAL B 629 -20.95 -32.65 5.86
C VAL B 629 -20.09 -31.93 6.87
N LEU B 630 -19.43 -32.69 7.74
CA LEU B 630 -18.65 -32.09 8.81
C LEU B 630 -17.18 -32.32 8.58
N PRO B 631 -16.46 -31.27 8.17
CA PRO B 631 -15.04 -31.41 7.89
C PRO B 631 -14.24 -31.77 9.14
N ASP B 632 -13.24 -32.61 8.96
CA ASP B 632 -12.35 -32.99 10.05
C ASP B 632 -11.44 -31.82 10.44
N ASP B 633 -11.02 -31.77 11.69
CA ASP B 633 -10.24 -30.64 12.20
C ASP B 633 -8.75 -30.66 11.82
N SER B 634 -8.25 -31.78 11.34
CA SER B 634 -6.82 -31.93 11.12
C SER B 634 -6.46 -32.45 9.74
N HIS B 635 -7.44 -32.92 8.98
CA HIS B 635 -7.13 -33.47 7.67
C HIS B 635 -8.14 -32.98 6.63
N MET B 636 -7.63 -32.30 5.60
CA MET B 636 -8.49 -31.66 4.60
C MET B 636 -9.40 -32.62 3.85
N ASP B 637 -8.96 -33.87 3.72
CA ASP B 637 -9.67 -34.83 2.90
C ASP B 637 -10.39 -35.86 3.74
N THR B 638 -10.68 -35.49 4.98
CA THR B 638 -11.43 -36.35 5.87
C THR B 638 -12.66 -35.59 6.32
N TYR B 639 -13.81 -36.27 6.34
CA TYR B 639 -15.04 -35.64 6.80
C TYR B 639 -16.04 -36.65 7.39
N GLU B 640 -16.99 -36.16 8.15
CA GLU B 640 -18.07 -36.99 8.61
C GLU B 640 -19.33 -36.59 7.86
N GLN B 641 -20.11 -37.59 7.48
CA GLN B 641 -21.36 -37.38 6.76
C GLN B 641 -22.50 -38.05 7.52
N GLY B 642 -23.64 -37.38 7.60
CA GLY B 642 -24.78 -37.94 8.30
C GLY B 642 -26.02 -37.09 8.23
N VAL B 643 -27.08 -37.57 8.88
CA VAL B 643 -28.31 -36.82 9.01
C VAL B 643 -28.48 -36.43 10.45
N LEU B 644 -28.77 -35.15 10.67
CA LEU B 644 -29.03 -34.64 12.01
C LEU B 644 -30.53 -34.55 12.22
N PHE B 645 -31.02 -35.28 13.21
CA PHE B 645 -32.41 -35.21 13.62
C PHE B 645 -32.50 -34.28 14.81
N SER B 646 -33.36 -33.28 14.72
CA SER B 646 -33.39 -32.26 15.75
C SER B 646 -34.81 -31.91 16.17
N SER B 647 -35.00 -31.71 17.47
CA SER B 647 -36.31 -31.32 17.97
C SER B 647 -36.20 -30.62 19.32
N LEU B 648 -37.31 -30.01 19.73
CA LEU B 648 -37.42 -29.40 21.03
C LEU B 648 -38.83 -29.55 21.58
N CYS B 649 -38.97 -29.46 22.89
CA CYS B 649 -40.29 -29.48 23.52
C CYS B 649 -40.25 -28.90 24.91
N LEU B 650 -41.42 -28.61 25.45
CA LEU B 650 -41.58 -28.30 26.87
C LEU B 650 -41.33 -29.58 27.68
N ASP B 651 -40.82 -29.43 28.90
CA ASP B 651 -40.52 -30.58 29.77
C ASP B 651 -41.65 -31.59 29.78
N ARG B 652 -42.88 -31.11 29.97
CA ARG B 652 -44.02 -31.99 30.17
C ARG B 652 -44.39 -32.84 28.95
N ASN B 653 -43.91 -32.44 27.77
CA ASN B 653 -44.22 -33.12 26.53
C ASN B 653 -43.07 -33.96 26.01
N LEU B 654 -42.07 -34.18 26.85
CA LEU B 654 -40.90 -34.94 26.46
C LEU B 654 -41.24 -36.37 26.01
N PRO B 655 -42.08 -37.09 26.76
CA PRO B 655 -42.42 -38.44 26.30
C PRO B 655 -43.07 -38.44 24.92
N ASP B 656 -43.98 -37.51 24.68
CA ASP B 656 -44.64 -37.39 23.37
C ASP B 656 -43.66 -37.15 22.24
N MET B 657 -42.67 -36.30 22.48
CA MET B 657 -41.68 -35.95 21.48
C MET B 657 -40.89 -37.19 21.08
N MET B 658 -40.40 -37.92 22.08
CA MET B 658 -39.60 -39.11 21.82
C MET B 658 -40.45 -40.23 21.27
N GLN B 659 -41.72 -40.27 21.62
CA GLN B 659 -42.63 -41.22 21.02
C GLN B 659 -42.81 -40.94 19.54
N LEU B 660 -42.82 -39.66 19.18
CA LEU B 660 -42.93 -39.29 17.79
C LEU B 660 -41.69 -39.73 17.05
N TRP B 661 -40.53 -39.59 17.66
CA TRP B 661 -39.31 -40.02 16.99
C TRP B 661 -39.33 -41.52 16.73
N SER B 662 -39.91 -42.29 17.66
CA SER B 662 -39.99 -43.74 17.51
C SER B 662 -40.83 -44.09 16.29
N GLU B 663 -41.97 -43.43 16.18
CA GLU B 663 -42.86 -43.72 15.07
C GLU B 663 -42.28 -43.28 13.73
N ILE B 664 -41.55 -42.17 13.73
CA ILE B 664 -40.93 -41.68 12.52
C ILE B 664 -39.85 -42.64 12.05
N PHE B 665 -39.08 -43.16 13.00
CA PHE B 665 -38.03 -44.10 12.72
C PHE B 665 -38.55 -45.49 12.34
N ASN B 666 -39.59 -45.94 13.02
CA ASN B 666 -40.09 -47.30 12.85
C ASN B 666 -41.21 -47.45 11.83
N ASN B 667 -42.15 -46.50 11.79
CA ASN B 667 -43.26 -46.58 10.84
C ASN B 667 -43.56 -45.32 10.04
N PRO B 668 -42.55 -44.83 9.30
CA PRO B 668 -42.78 -43.68 8.43
C PRO B 668 -43.63 -44.05 7.21
N CYS B 669 -44.55 -43.18 6.80
CA CYS B 669 -45.45 -43.45 5.69
C CYS B 669 -44.91 -42.98 4.32
N PHE B 670 -44.10 -43.80 3.68
CA PHE B 670 -43.55 -43.45 2.37
C PHE B 670 -44.48 -43.72 1.20
N GLU B 671 -45.75 -43.96 1.46
CA GLU B 671 -46.72 -44.14 0.38
C GLU B 671 -47.64 -42.95 0.18
N GLU B 672 -47.44 -41.89 0.94
CA GLU B 672 -48.22 -40.68 0.76
C GLU B 672 -47.75 -39.95 -0.50
N GLU B 673 -48.17 -40.43 -1.66
CA GLU B 673 -47.62 -39.96 -2.93
C GLU B 673 -48.03 -38.54 -3.29
N GLU B 674 -49.29 -38.20 -3.04
CA GLU B 674 -49.79 -36.89 -3.44
C GLU B 674 -49.21 -35.78 -2.58
N HIS B 675 -49.16 -35.99 -1.26
CA HIS B 675 -48.59 -34.96 -0.40
C HIS B 675 -47.10 -34.83 -0.66
N PHE B 676 -46.48 -35.94 -1.07
CA PHE B 676 -45.07 -35.94 -1.43
C PHE B 676 -44.80 -35.00 -2.62
N LYS B 677 -45.63 -35.10 -3.65
CA LYS B 677 -45.51 -34.25 -4.83
C LYS B 677 -45.71 -32.81 -4.43
N VAL B 678 -46.64 -32.57 -3.51
CA VAL B 678 -46.89 -31.23 -2.98
C VAL B 678 -45.67 -30.64 -2.29
N LEU B 679 -45.03 -31.41 -1.42
CA LEU B 679 -43.84 -30.95 -0.72
C LEU B 679 -42.69 -30.72 -1.68
N VAL B 680 -42.57 -31.58 -2.68
CA VAL B 680 -41.52 -31.46 -3.67
C VAL B 680 -41.62 -30.14 -4.46
N LYS B 681 -42.81 -29.84 -4.94
CA LYS B 681 -43.02 -28.60 -5.69
C LYS B 681 -42.79 -27.36 -4.80
N MET B 682 -43.10 -27.47 -3.51
CA MET B 682 -42.93 -26.35 -2.61
C MET B 682 -41.45 -26.06 -2.40
N THR B 683 -40.71 -27.12 -2.09
CA THR B 683 -39.28 -27.02 -1.83
C THR B 683 -38.53 -26.51 -3.05
N ALA B 684 -38.86 -27.07 -4.20
CA ALA B 684 -38.21 -26.67 -5.44
C ALA B 684 -38.44 -25.18 -5.72
N GLN B 685 -39.67 -24.72 -5.51
CA GLN B 685 -40.01 -23.31 -5.70
C GLN B 685 -39.22 -22.43 -4.74
N GLU B 686 -39.17 -22.82 -3.48
CA GLU B 686 -38.50 -22.00 -2.48
C GLU B 686 -37.00 -21.96 -2.70
N LEU B 687 -36.41 -23.09 -3.06
CA LEU B 687 -34.99 -23.12 -3.40
C LEU B 687 -34.70 -22.20 -4.57
N ALA B 688 -35.53 -22.23 -5.61
CA ALA B 688 -35.30 -21.37 -6.77
C ALA B 688 -35.46 -19.89 -6.43
N ASN B 689 -36.50 -19.55 -5.67
CA ASN B 689 -36.71 -18.17 -5.26
C ASN B 689 -35.57 -17.63 -4.42
N GLY B 690 -34.88 -18.50 -3.70
CA GLY B 690 -33.89 -18.06 -2.75
C GLY B 690 -32.49 -17.84 -3.28
N ILE B 691 -32.29 -18.04 -4.57
CA ILE B 691 -30.95 -17.97 -5.13
C ILE B 691 -30.31 -16.58 -5.03
N PRO B 692 -31.02 -15.52 -5.48
CA PRO B 692 -30.40 -14.19 -5.46
C PRO B 692 -29.99 -13.76 -4.06
N ASP B 693 -30.84 -14.02 -3.07
CA ASP B 693 -30.55 -13.58 -1.72
C ASP B 693 -29.31 -14.29 -1.17
N SER B 694 -29.06 -15.52 -1.62
CA SER B 694 -27.86 -16.26 -1.20
C SER B 694 -26.90 -16.48 -2.36
N GLY B 695 -26.92 -15.54 -3.31
CA GLY B 695 -26.13 -15.65 -4.51
C GLY B 695 -24.67 -15.99 -4.28
N HIS B 696 -24.06 -15.35 -3.30
CA HIS B 696 -22.65 -15.53 -3.03
C HIS B 696 -22.36 -16.88 -2.38
N LEU B 697 -23.34 -17.41 -1.64
CA LEU B 697 -23.17 -18.71 -1.02
C LEU B 697 -23.18 -19.79 -2.09
N TYR B 698 -24.08 -19.64 -3.06
CA TYR B 698 -24.12 -20.56 -4.18
C TYR B 698 -22.83 -20.48 -4.99
N ALA B 699 -22.29 -19.28 -5.12
CA ALA B 699 -21.04 -19.11 -5.82
C ALA B 699 -19.90 -19.79 -5.05
N SER B 700 -19.85 -19.58 -3.75
N SER B 700 -19.86 -19.59 -3.75
CA SER B 700 -18.80 -20.15 -2.92
CA SER B 700 -18.76 -20.15 -2.96
C SER B 700 -18.86 -21.67 -2.90
C SER B 700 -18.85 -21.67 -2.85
N ILE B 701 -20.05 -22.21 -2.79
CA ILE B 701 -20.22 -23.66 -2.75
C ILE B 701 -19.75 -24.29 -4.06
N ARG B 702 -20.08 -23.68 -5.18
CA ARG B 702 -19.62 -24.21 -6.46
C ARG B 702 -18.12 -24.08 -6.56
N ALA B 703 -17.59 -22.91 -6.22
CA ALA B 703 -16.17 -22.63 -6.35
C ALA B 703 -15.32 -23.58 -5.50
N GLY B 704 -15.87 -24.05 -4.39
CA GLY B 704 -15.13 -24.95 -3.52
C GLY B 704 -15.34 -26.44 -3.76
N ARG B 705 -16.23 -26.77 -4.71
CA ARG B 705 -16.66 -28.15 -4.92
C ARG B 705 -15.55 -29.11 -5.33
N THR B 706 -14.52 -28.60 -5.99
CA THR B 706 -13.47 -29.46 -6.54
C THR B 706 -12.21 -29.39 -5.70
N LEU B 707 -12.32 -28.73 -4.54
CA LEU B 707 -11.15 -28.48 -3.72
C LEU B 707 -10.97 -29.48 -2.59
N THR B 708 -12.07 -30.04 -2.10
CA THR B 708 -12.04 -31.03 -1.04
C THR B 708 -13.18 -32.02 -1.25
N PRO B 709 -13.08 -33.22 -0.66
CA PRO B 709 -14.18 -34.19 -0.72
C PRO B 709 -15.47 -33.63 -0.13
N ALA B 710 -15.34 -32.94 1.00
CA ALA B 710 -16.49 -32.37 1.69
C ALA B 710 -17.22 -31.34 0.83
N GLY B 711 -16.47 -30.48 0.15
CA GLY B 711 -17.05 -29.46 -0.70
C GLY B 711 -17.86 -30.06 -1.82
N ASP B 712 -17.36 -31.17 -2.37
CA ASP B 712 -18.02 -31.86 -3.46
C ASP B 712 -19.38 -32.34 -3.00
N LEU B 713 -19.42 -32.89 -1.79
CA LEU B 713 -20.66 -33.38 -1.23
C LEU B 713 -21.57 -32.24 -0.84
N GLN B 714 -21.00 -31.17 -0.32
CA GLN B 714 -21.80 -30.01 0.04
C GLN B 714 -22.51 -29.43 -1.19
N GLU B 715 -21.83 -29.44 -2.34
CA GLU B 715 -22.47 -29.00 -3.57
C GLU B 715 -23.66 -29.91 -3.88
N THR B 716 -23.47 -31.20 -3.70
CA THR B 716 -24.55 -32.17 -3.92
C THR B 716 -25.74 -31.88 -3.00
N PHE B 717 -25.44 -31.57 -1.75
CA PHE B 717 -26.49 -31.40 -0.74
C PHE B 717 -27.19 -30.06 -0.97
N SER B 718 -26.44 -28.96 -0.92
CA SER B 718 -27.11 -27.66 -0.96
C SER B 718 -26.65 -26.64 -1.98
N GLY B 719 -25.90 -27.07 -3.00
CA GLY B 719 -25.47 -26.18 -4.06
C GLY B 719 -26.49 -26.11 -5.18
N MET B 720 -26.12 -25.46 -6.27
CA MET B 720 -26.98 -25.35 -7.47
C MET B 720 -27.37 -26.70 -8.06
N ASP B 721 -26.52 -27.71 -7.88
CA ASP B 721 -26.85 -29.07 -8.31
C ASP B 721 -28.12 -29.56 -7.62
N GLN B 722 -28.26 -29.24 -6.34
CA GLN B 722 -29.41 -29.68 -5.58
C GLN B 722 -30.65 -28.91 -6.01
N VAL B 723 -30.48 -27.62 -6.29
CA VAL B 723 -31.59 -26.80 -6.75
C VAL B 723 -32.11 -27.33 -8.08
N ARG B 724 -31.19 -27.67 -8.97
CA ARG B 724 -31.54 -28.21 -10.28
C ARG B 724 -32.22 -29.57 -10.19
N LEU B 725 -31.70 -30.42 -9.32
CA LEU B 725 -32.29 -31.74 -9.08
C LEU B 725 -33.73 -31.64 -8.58
N MET B 726 -33.95 -30.78 -7.60
CA MET B 726 -35.30 -30.57 -7.10
C MET B 726 -36.24 -30.01 -8.17
N MLY B 727 -35.72 -29.16 -9.07
CA MLY B 727 -36.55 -28.67 -10.17
CB MLY B 727 -35.88 -27.49 -10.89
CG MLY B 727 -35.89 -26.19 -10.09
CD MLY B 727 -37.31 -25.76 -9.72
CE MLY B 727 -37.74 -24.52 -10.52
NZ MLY B 727 -39.23 -24.32 -10.48
CH1 MLY B 727 -39.57 -23.63 -9.23
CH2 MLY B 727 -39.56 -23.40 -11.57
C MLY B 727 -36.90 -29.76 -11.15
O MLY B 727 -38.01 -29.80 -11.66
N ARG B 728 -35.96 -30.68 -11.40
CA ARG B 728 -36.25 -31.79 -12.29
C ARG B 728 -37.29 -32.70 -11.66
N ILE B 729 -37.11 -33.02 -10.39
CA ILE B 729 -38.04 -33.90 -9.70
C ILE B 729 -39.43 -33.30 -9.69
N ALA B 730 -39.48 -31.99 -9.49
CA ALA B 730 -40.74 -31.27 -9.43
C ALA B 730 -41.46 -31.23 -10.77
N GLU B 731 -40.76 -31.61 -11.83
CA GLU B 731 -41.32 -31.59 -13.17
C GLU B 731 -41.72 -32.95 -13.69
N MET B 732 -41.36 -34.01 -12.96
CA MET B 732 -41.68 -35.36 -13.36
C MET B 732 -43.19 -35.55 -13.39
N THR B 733 -43.68 -36.20 -14.43
CA THR B 733 -45.09 -36.53 -14.51
C THR B 733 -45.36 -37.77 -13.66
N ASP B 734 -44.36 -38.61 -13.51
CA ASP B 734 -44.44 -39.77 -12.62
C ASP B 734 -43.36 -39.73 -11.54
N ILE B 735 -43.77 -39.44 -10.31
CA ILE B 735 -42.83 -39.28 -9.21
C ILE B 735 -42.47 -40.60 -8.50
N MLZ B 736 -43.14 -41.69 -8.89
CA MLZ B 736 -43.01 -42.94 -8.22
CB MLZ B 736 -43.83 -44.00 -8.92
CG MLZ B 736 -45.28 -43.83 -8.50
CD MLZ B 736 -46.17 -44.75 -9.31
CE MLZ B 736 -47.62 -44.55 -8.90
NZ MLZ B 736 -48.13 -43.37 -9.52
CM MLZ B 736 -49.47 -43.17 -9.09
C MLZ B 736 -41.57 -43.44 -8.07
O MLZ B 736 -41.21 -43.99 -7.00
N PRO B 737 -40.74 -43.30 -9.12
CA PRO B 737 -39.36 -43.76 -9.05
C PRO B 737 -38.50 -43.02 -8.03
N ILE B 738 -38.84 -41.77 -7.72
CA ILE B 738 -38.13 -41.04 -6.68
C ILE B 738 -38.66 -41.50 -5.32
N LEU B 739 -39.97 -41.62 -5.22
CA LEU B 739 -40.62 -42.06 -3.99
C LEU B 739 -40.15 -43.44 -3.55
N ARG B 740 -39.86 -44.32 -4.50
CA ARG B 740 -39.39 -45.66 -4.19
C ARG B 740 -38.01 -45.64 -3.56
N MLZ B 741 -37.35 -44.48 -3.61
CA MLZ B 741 -36.02 -44.34 -3.13
CB MLZ B 741 -35.37 -43.17 -3.85
CG MLZ B 741 -34.81 -43.65 -5.18
CD MLZ B 741 -34.04 -42.54 -5.84
CE MLZ B 741 -34.13 -42.66 -7.34
NZ MLZ B 741 -33.06 -43.43 -7.85
CM MLZ B 741 -33.13 -43.44 -9.27
C MLZ B 741 -35.98 -44.08 -1.65
O MLZ B 741 -34.95 -44.37 -0.98
N LEU B 742 -37.05 -43.54 -1.09
CA LEU B 742 -37.11 -43.19 0.32
C LEU B 742 -36.95 -44.39 1.27
N PRO B 743 -37.63 -45.51 0.98
CA PRO B 743 -37.48 -46.73 1.79
C PRO B 743 -36.04 -47.23 1.79
N ARG B 744 -35.35 -47.04 0.69
CA ARG B 744 -33.96 -47.48 0.56
C ARG B 744 -33.02 -46.64 1.42
N ILE B 745 -33.29 -45.35 1.52
CA ILE B 745 -32.49 -44.48 2.36
C ILE B 745 -32.82 -44.76 3.82
N MLZ B 746 -34.11 -44.98 4.09
CA MLZ B 746 -34.58 -45.29 5.40
CB MLZ B 746 -36.03 -45.71 5.31
CG MLZ B 746 -36.61 -45.86 6.71
CD MLZ B 746 -37.13 -47.27 6.89
CE MLZ B 746 -37.72 -47.38 8.28
NZ MLZ B 746 -37.43 -48.64 8.87
CM MLZ B 746 -38.45 -49.56 8.48
C MLZ B 746 -33.81 -46.44 6.01
O MLZ B 746 -33.45 -46.40 7.22
N LYS B 747 -33.56 -47.47 5.21
CA LYS B 747 -32.87 -48.65 5.67
C LYS B 747 -31.51 -48.34 6.30
N HIS B 748 -30.81 -47.36 5.74
CA HIS B 748 -29.46 -47.07 6.18
C HIS B 748 -29.38 -45.98 7.25
N LEU B 749 -30.46 -45.26 7.47
CA LEU B 749 -30.40 -44.09 8.34
C LEU B 749 -31.22 -44.23 9.61
N LEU B 750 -32.46 -44.68 9.49
CA LEU B 750 -33.37 -44.74 10.62
C LEU B 750 -33.14 -45.99 11.46
N ASN B 751 -31.97 -46.07 12.06
CA ASN B 751 -31.62 -47.14 12.98
C ASN B 751 -30.54 -46.66 13.93
N GLY B 752 -30.10 -47.53 14.83
CA GLY B 752 -29.10 -47.16 15.81
C GLY B 752 -27.73 -47.79 15.61
N ASP B 753 -27.44 -48.23 14.39
CA ASP B 753 -26.16 -48.87 14.11
C ASP B 753 -24.99 -47.89 14.13
N ASN B 754 -25.21 -46.67 13.65
CA ASN B 754 -24.14 -45.68 13.62
C ASN B 754 -24.62 -44.32 14.11
N MET B 755 -24.89 -44.21 15.40
CA MET B 755 -25.58 -43.05 15.92
C MET B 755 -24.93 -42.48 17.18
N ARG B 756 -25.10 -41.17 17.36
CA ARG B 756 -24.84 -40.54 18.66
C ARG B 756 -25.91 -39.46 18.91
N CYS B 757 -26.14 -39.16 20.19
CA CYS B 757 -27.21 -38.23 20.55
C CYS B 757 -26.74 -37.17 21.54
N SER B 758 -27.54 -36.13 21.65
CA SER B 758 -27.27 -35.08 22.62
C SER B 758 -28.56 -34.60 23.25
N VAL B 759 -28.44 -34.14 24.49
CA VAL B 759 -29.59 -33.63 25.21
C VAL B 759 -29.23 -32.33 25.92
N ASN B 760 -30.01 -31.28 25.69
CA ASN B 760 -29.84 -30.04 26.42
C ASN B 760 -31.09 -29.72 27.20
N ALA B 761 -30.96 -29.65 28.52
CA ALA B 761 -32.10 -29.39 29.39
C ALA B 761 -31.62 -28.95 30.77
N THR B 762 -32.53 -28.48 31.60
CA THR B 762 -32.19 -28.09 32.96
C THR B 762 -31.75 -29.29 33.78
N PRO B 763 -30.87 -29.07 34.76
CA PRO B 763 -30.38 -30.20 35.58
C PRO B 763 -31.50 -30.95 36.30
N GLN B 764 -32.59 -30.29 36.63
CA GLN B 764 -33.68 -30.98 37.33
C GLN B 764 -34.55 -31.78 36.37
N GLN B 765 -34.36 -31.58 35.07
CA GLN B 765 -35.12 -32.31 34.07
C GLN B 765 -34.30 -33.47 33.50
N MET B 766 -32.99 -33.45 33.74
CA MET B 766 -32.07 -34.39 33.13
C MET B 766 -32.41 -35.87 33.40
N PRO B 767 -32.75 -36.21 34.64
CA PRO B 767 -33.10 -37.61 34.95
C PRO B 767 -34.32 -38.14 34.18
N GLN B 768 -35.39 -37.35 34.05
CA GLN B 768 -36.54 -37.79 33.28
C GLN B 768 -36.14 -37.97 31.82
N THR B 769 -35.28 -37.08 31.35
CA THR B 769 -34.88 -37.05 29.95
C THR B 769 -34.09 -38.29 29.59
N GLU B 770 -33.26 -38.74 30.52
CA GLU B 770 -32.43 -39.91 30.29
C GLU B 770 -33.29 -41.14 30.01
N LYS B 771 -34.44 -41.24 30.64
CA LYS B 771 -35.31 -42.40 30.46
C LYS B 771 -35.94 -42.41 29.07
N ALA B 772 -36.60 -41.32 28.72
CA ALA B 772 -37.27 -41.20 27.44
C ALA B 772 -36.32 -41.42 26.26
N VAL B 773 -35.12 -40.88 26.35
CA VAL B 773 -34.14 -41.02 25.29
C VAL B 773 -33.65 -42.46 25.22
N GLU B 774 -33.36 -43.04 26.37
CA GLU B 774 -32.99 -44.45 26.40
C GLU B 774 -34.09 -45.33 25.84
N ASP B 775 -35.33 -45.00 26.15
CA ASP B 775 -36.45 -45.76 25.61
C ASP B 775 -36.55 -45.65 24.11
N PHE B 776 -36.35 -44.45 23.57
CA PHE B 776 -36.35 -44.25 22.13
C PHE B 776 -35.25 -45.05 21.46
N LEU B 777 -34.05 -45.00 22.03
CA LEU B 777 -32.92 -45.68 21.39
C LEU B 777 -33.10 -47.20 21.40
N ARG B 778 -33.79 -47.73 22.40
CA ARG B 778 -34.03 -49.17 22.48
C ARG B 778 -35.17 -49.58 21.55
N SER B 779 -35.92 -48.60 21.05
CA SER B 779 -37.06 -48.89 20.22
C SER B 779 -36.73 -48.93 18.73
N ILE B 780 -35.54 -48.47 18.36
CA ILE B 780 -35.17 -48.46 16.95
C ILE B 780 -34.28 -49.64 16.59
N GLY B 781 -34.24 -49.98 15.31
CA GLY B 781 -33.58 -51.19 14.86
C GLY B 781 -32.07 -51.19 15.04
N ARG B 782 -31.50 -52.40 15.03
CA ARG B 782 -30.06 -52.59 15.10
C ARG B 782 -29.64 -53.64 14.07
N SER B 783 -28.34 -53.93 14.00
CA SER B 783 -27.79 -54.83 12.99
C SER B 783 -28.11 -54.33 11.57
N PRO B 789 -18.99 -50.10 5.44
CA PRO B 789 -19.02 -48.83 4.72
C PRO B 789 -18.56 -48.95 3.28
N VAL B 790 -19.14 -48.14 2.42
CA VAL B 790 -18.78 -48.16 1.00
C VAL B 790 -17.36 -47.63 0.80
N ARG B 791 -17.00 -46.61 1.58
CA ARG B 791 -15.68 -46.01 1.48
C ARG B 791 -14.81 -46.38 2.67
N THR B 794 -12.42 -45.15 5.61
CA THR B 794 -12.93 -44.55 6.83
C THR B 794 -11.94 -44.70 7.98
N VAL B 795 -11.93 -43.72 8.88
CA VAL B 795 -11.00 -43.71 10.01
C VAL B 795 -11.75 -43.53 11.33
N GLU B 796 -11.28 -44.20 12.38
CA GLU B 796 -11.87 -44.05 13.70
C GLU B 796 -11.18 -42.94 14.49
N LYS B 797 -11.95 -41.94 14.91
CA LYS B 797 -11.39 -40.84 15.71
C LYS B 797 -12.17 -40.66 17.01
N PRO B 798 -11.51 -40.96 18.14
CA PRO B 798 -12.17 -40.85 19.44
C PRO B 798 -12.51 -39.40 19.79
N VAL B 815 -16.75 -42.32 22.96
CA VAL B 815 -17.44 -41.72 21.82
C VAL B 815 -16.50 -41.65 20.60
N ILE B 816 -16.65 -42.64 19.72
CA ILE B 816 -15.80 -42.79 18.54
C ILE B 816 -16.52 -42.49 17.22
N ARG B 817 -16.11 -41.42 16.54
CA ARG B 817 -16.72 -41.12 15.25
C ARG B 817 -15.99 -41.84 14.11
N LYS B 818 -16.76 -42.37 13.17
CA LYS B 818 -16.20 -43.02 12.00
C LYS B 818 -16.33 -42.12 10.78
N LEU B 819 -15.22 -41.49 10.41
CA LEU B 819 -15.19 -40.51 9.33
C LEU B 819 -14.68 -41.13 8.03
N VAL B 820 -15.05 -40.49 6.92
CA VAL B 820 -14.57 -40.89 5.59
C VAL B 820 -13.29 -40.18 5.26
N MET B 821 -12.33 -40.92 4.72
CA MET B 821 -11.10 -40.31 4.24
C MET B 821 -10.83 -40.62 2.77
N GLU B 822 -10.39 -39.62 2.03
CA GLU B 822 -10.00 -39.82 0.63
C GLU B 822 -8.58 -39.31 0.42
N PRO B 823 -7.60 -40.16 0.73
CA PRO B 823 -6.18 -39.76 0.69
C PRO B 823 -5.67 -39.61 -0.74
N THR B 824 -6.47 -40.04 -1.72
CA THR B 824 -6.09 -39.89 -3.12
C THR B 824 -6.86 -38.76 -3.76
N PHE B 825 -7.49 -37.93 -2.95
CA PHE B 825 -8.25 -36.84 -3.51
C PHE B 825 -7.31 -35.87 -4.20
N LYS B 826 -7.67 -35.49 -5.42
CA LYS B 826 -6.90 -34.48 -6.15
C LYS B 826 -7.74 -33.25 -6.35
N PRO B 827 -7.34 -32.15 -5.71
CA PRO B 827 -8.05 -30.91 -5.99
C PRO B 827 -7.73 -30.44 -7.39
N TRP B 828 -8.68 -29.84 -8.08
CA TRP B 828 -8.44 -29.34 -9.42
C TRP B 828 -9.17 -28.02 -9.62
N GLN B 829 -8.67 -27.22 -10.54
CA GLN B 829 -9.18 -25.89 -10.74
C GLN B 829 -10.36 -25.85 -11.70
N MET B 830 -11.38 -25.08 -11.34
CA MET B 830 -12.58 -24.95 -12.14
C MET B 830 -13.12 -23.54 -12.05
N MLZ B 831 -13.67 -23.03 -13.13
CA MLZ B 831 -14.19 -21.71 -13.17
CB MLZ B 831 -13.37 -20.79 -14.04
CG MLZ B 831 -11.91 -20.78 -13.62
CD MLZ B 831 -11.18 -19.74 -14.43
CE MLZ B 831 -9.73 -19.66 -13.99
NZ MLZ B 831 -8.90 -19.30 -15.10
CM MLZ B 831 -9.02 -17.90 -15.37
C MLZ B 831 -15.53 -21.80 -13.81
O MLZ B 831 -15.61 -22.14 -15.01
N THR B 832 -16.59 -21.49 -13.06
CA THR B 832 -17.94 -21.68 -13.55
C THR B 832 -18.74 -20.38 -13.58
N HIS B 833 -19.32 -20.07 -14.72
CA HIS B 833 -20.24 -18.95 -14.81
C HIS B 833 -21.66 -19.46 -15.00
N PHE B 834 -22.46 -19.31 -13.96
CA PHE B 834 -23.89 -19.59 -14.06
C PHE B 834 -24.57 -18.41 -14.72
N LEU B 835 -25.09 -18.62 -15.92
CA LEU B 835 -25.88 -17.60 -16.61
C LEU B 835 -27.23 -17.40 -15.95
N MET B 836 -27.40 -16.23 -15.33
CA MET B 836 -28.65 -15.89 -14.64
C MET B 836 -29.19 -14.57 -15.15
N PRO B 837 -30.52 -14.44 -15.20
CA PRO B 837 -31.13 -13.20 -15.64
C PRO B 837 -31.09 -12.16 -14.53
N PHE B 838 -29.90 -11.80 -14.06
CA PHE B 838 -29.74 -10.86 -12.96
C PHE B 838 -29.22 -9.52 -13.47
N PRO B 839 -29.61 -8.43 -12.81
CA PRO B 839 -29.01 -7.14 -13.11
C PRO B 839 -27.72 -6.89 -12.31
N VAL B 840 -27.35 -7.80 -11.42
CA VAL B 840 -26.13 -7.68 -10.61
C VAL B 840 -25.42 -9.04 -10.54
N ASN B 841 -24.25 -9.07 -9.91
CA ASN B 841 -23.47 -10.31 -9.85
C ASN B 841 -23.16 -10.82 -8.45
N TYR B 842 -22.78 -12.09 -8.40
CA TYR B 842 -22.37 -12.78 -7.19
C TYR B 842 -21.12 -13.57 -7.51
N VAL B 843 -20.05 -13.25 -6.81
CA VAL B 843 -18.74 -13.76 -7.14
C VAL B 843 -18.14 -14.51 -5.98
N GLY B 844 -17.47 -15.62 -6.27
CA GLY B 844 -16.80 -16.42 -5.27
C GLY B 844 -15.49 -17.00 -5.75
N GLU B 845 -14.44 -16.86 -4.95
CA GLU B 845 -13.18 -17.54 -5.20
C GLU B 845 -12.69 -18.26 -3.96
N CYS B 846 -12.47 -19.55 -4.08
CA CYS B 846 -12.06 -20.39 -2.96
C CYS B 846 -10.64 -20.90 -3.14
N ILE B 847 -9.93 -20.99 -2.02
CA ILE B 847 -8.57 -21.44 -2.03
C ILE B 847 -8.37 -22.46 -0.94
N ARG B 848 -7.79 -23.59 -1.30
CA ARG B 848 -7.53 -24.66 -0.37
C ARG B 848 -6.30 -24.35 0.45
N THR B 849 -6.46 -24.26 1.77
CA THR B 849 -5.32 -23.95 2.63
C THR B 849 -5.57 -24.89 3.79
N VAL B 850 -4.78 -24.84 4.85
CA VAL B 850 -4.84 -25.85 5.94
C VAL B 850 -6.10 -25.90 6.82
N PRO B 851 -6.22 -26.97 7.63
CA PRO B 851 -7.30 -27.14 8.59
C PRO B 851 -7.09 -26.47 9.94
N TYR B 852 -8.14 -26.52 10.75
CA TYR B 852 -8.26 -25.84 12.02
C TYR B 852 -7.09 -25.99 12.99
N THR B 853 -6.63 -27.21 13.19
CA THR B 853 -5.56 -27.46 14.15
C THR B 853 -4.18 -27.12 13.61
N ASP B 854 -4.08 -26.91 12.32
CA ASP B 854 -2.82 -26.49 11.72
C ASP B 854 -2.51 -25.10 12.27
N PRO B 855 -1.31 -24.93 12.85
CA PRO B 855 -0.95 -23.65 13.48
C PRO B 855 -1.11 -22.45 12.54
N ASP B 856 -0.97 -22.66 11.24
CA ASP B 856 -1.12 -21.56 10.28
C ASP B 856 -2.56 -21.09 10.13
N HIS B 857 -3.51 -21.89 10.60
CA HIS B 857 -4.93 -21.60 10.44
C HIS B 857 -5.31 -20.32 11.16
N ALA B 858 -4.78 -20.13 12.36
CA ALA B 858 -5.07 -18.93 13.13
C ALA B 858 -4.61 -17.68 12.38
N SER B 859 -3.45 -17.75 11.75
CA SER B 859 -2.92 -16.63 10.97
C SER B 859 -3.81 -16.30 9.77
N LEU B 860 -4.26 -17.32 9.06
CA LEU B 860 -5.11 -17.10 7.90
C LEU B 860 -6.45 -16.49 8.29
N MLZ B 861 -6.93 -16.87 9.46
CA MLZ B 861 -8.16 -16.36 9.98
CB MLZ B 861 -8.49 -17.12 11.25
CG MLZ B 861 -9.78 -16.61 11.87
CD MLZ B 861 -10.94 -17.24 11.14
CE MLZ B 861 -12.25 -16.89 11.80
NZ MLZ B 861 -13.28 -17.71 11.23
CM MLZ B 861 -14.55 -17.08 11.47
C MLZ B 861 -8.01 -14.89 10.27
O MLZ B 861 -8.89 -14.08 9.90
N ILE B 862 -6.92 -14.52 10.93
CA ILE B 862 -6.63 -13.11 11.15
C ILE B 862 -6.46 -12.39 9.82
N LEU B 863 -5.78 -13.05 8.89
CA LEU B 863 -5.51 -12.48 7.58
C LEU B 863 -6.78 -12.18 6.79
N ALA B 864 -7.77 -13.06 6.87
CA ALA B 864 -9.01 -12.87 6.16
C ALA B 864 -9.72 -11.58 6.60
N ARG B 865 -9.78 -11.39 7.92
CA ARG B 865 -10.46 -10.23 8.47
C ARG B 865 -9.71 -8.94 8.11
N LEU B 866 -8.39 -9.01 8.17
CA LEU B 866 -7.50 -7.92 7.79
C LEU B 866 -7.67 -7.51 6.32
N MET B 867 -7.68 -8.48 5.42
CA MET B 867 -7.91 -8.22 4.00
C MET B 867 -9.29 -7.59 3.75
N THR B 868 -10.27 -8.00 4.53
CA THR B 868 -11.61 -7.47 4.41
C THR B 868 -11.68 -6.00 4.84
N ALA B 869 -11.21 -5.73 6.05
CA ALA B 869 -11.32 -4.39 6.62
C ALA B 869 -10.45 -3.37 5.88
N LYS B 870 -9.25 -3.78 5.49
CA LYS B 870 -8.29 -2.81 4.97
C LYS B 870 -8.37 -2.73 3.45
N PHE B 871 -8.56 -3.86 2.77
CA PHE B 871 -8.53 -3.84 1.30
C PHE B 871 -9.85 -4.05 0.52
N LEU B 872 -10.57 -5.13 0.82
CA LEU B 872 -11.61 -5.66 -0.05
C LEU B 872 -12.83 -4.77 0.10
N HIS B 873 -13.10 -4.32 1.32
CA HIS B 873 -14.26 -3.49 1.55
C HIS B 873 -14.17 -2.24 0.70
N THR B 874 -13.00 -1.61 0.69
CA THR B 874 -12.79 -0.41 -0.09
C THR B 874 -12.83 -0.67 -1.59
N GLU B 875 -12.13 -1.68 -2.07
CA GLU B 875 -12.09 -1.94 -3.50
C GLU B 875 -13.44 -2.33 -4.05
N ILE B 876 -14.08 -3.29 -3.41
CA ILE B 876 -15.25 -3.90 -4.00
C ILE B 876 -16.53 -3.12 -3.67
N ARG B 877 -16.66 -2.66 -2.44
CA ARG B 877 -17.88 -1.96 -2.08
C ARG B 877 -17.79 -0.44 -2.28
N GLU B 878 -16.80 0.19 -1.65
CA GLU B 878 -16.75 1.65 -1.64
C GLU B 878 -16.51 2.24 -3.03
N MLZ B 879 -15.47 1.76 -3.73
CA MLZ B 879 -15.13 2.25 -5.03
CB MLZ B 879 -13.72 1.87 -5.43
CG MLZ B 879 -12.65 2.51 -4.57
CD MLZ B 879 -11.29 2.06 -5.07
CE MLZ B 879 -10.20 2.58 -4.15
NZ MLZ B 879 -8.93 2.26 -4.70
CM MLZ B 879 -7.92 2.39 -3.69
C MLZ B 879 -16.05 1.60 -6.04
O MLZ B 879 -16.64 2.29 -6.92
N GLY B 880 -16.16 0.28 -5.97
CA GLY B 880 -16.93 -0.46 -6.95
C GLY B 880 -18.43 -0.27 -6.87
N GLY B 881 -18.95 -0.10 -5.66
CA GLY B 881 -20.37 0.04 -5.49
C GLY B 881 -21.14 -1.26 -5.23
N ALA B 882 -20.42 -2.36 -5.02
CA ALA B 882 -21.06 -3.62 -4.64
C ALA B 882 -21.60 -3.52 -3.21
N TYR B 883 -22.66 -4.27 -2.93
CA TYR B 883 -23.28 -4.24 -1.61
C TYR B 883 -22.37 -4.89 -0.57
N GLY B 884 -21.59 -5.88 -0.96
CA GLY B 884 -20.70 -6.52 -0.03
C GLY B 884 -19.51 -7.13 -0.74
N GLY B 885 -18.39 -7.21 -0.02
CA GLY B 885 -17.16 -7.77 -0.55
C GLY B 885 -16.19 -8.05 0.57
N GLY B 886 -15.65 -9.27 0.63
CA GLY B 886 -14.74 -9.60 1.70
C GLY B 886 -14.08 -10.95 1.58
N ALA B 887 -13.49 -11.40 2.68
CA ALA B 887 -12.81 -12.67 2.73
C ALA B 887 -13.17 -13.41 4.02
N MLY B 888 -13.11 -14.74 4.00
CA MLY B 888 -13.42 -15.55 5.18
CB MLY B 888 -14.93 -15.77 5.32
CG MLY B 888 -15.58 -16.26 4.06
CD MLY B 888 -17.08 -16.34 4.17
CE MLY B 888 -17.67 -16.93 2.89
NZ MLY B 888 -19.15 -16.90 2.80
CH1 MLY B 888 -19.57 -15.50 2.64
CH2 MLY B 888 -19.49 -17.56 1.53
C MLY B 888 -12.69 -16.88 5.14
O MLY B 888 -12.27 -17.33 4.07
N LEU B 889 -12.54 -17.50 6.30
CA LEU B 889 -11.90 -18.81 6.39
C LEU B 889 -12.81 -19.75 7.15
N SER B 890 -13.19 -20.85 6.52
CA SER B 890 -14.05 -21.83 7.17
C SER B 890 -13.26 -22.82 8.01
N HIS B 891 -13.97 -23.60 8.81
CA HIS B 891 -13.38 -24.63 9.67
C HIS B 891 -12.58 -25.64 8.84
N ASN B 892 -13.05 -25.92 7.63
CA ASN B 892 -12.41 -26.91 6.77
C ASN B 892 -11.08 -26.47 6.15
N GLY B 893 -10.76 -25.19 6.24
CA GLY B 893 -9.54 -24.66 5.65
C GLY B 893 -9.70 -24.01 4.29
N ILE B 894 -10.93 -23.74 3.87
CA ILE B 894 -11.13 -23.03 2.61
C ILE B 894 -11.18 -21.52 2.81
N PHE B 895 -10.21 -20.85 2.21
CA PHE B 895 -10.12 -19.40 2.21
C PHE B 895 -11.00 -18.89 1.08
N THR B 896 -12.00 -18.08 1.42
CA THR B 896 -12.96 -17.64 0.40
C THR B 896 -12.99 -16.12 0.23
N LEU B 897 -12.85 -15.67 -1.00
CA LEU B 897 -13.10 -14.28 -1.35
C LEU B 897 -14.42 -14.21 -2.10
N TYR B 898 -15.25 -13.23 -1.75
CA TYR B 898 -16.60 -13.18 -2.31
C TYR B 898 -17.05 -11.75 -2.53
N SER B 899 -18.02 -11.57 -3.43
CA SER B 899 -18.74 -10.31 -3.52
C SER B 899 -20.24 -10.58 -3.69
N TYR B 900 -21.04 -9.59 -3.35
CA TYR B 900 -22.48 -9.73 -3.25
C TYR B 900 -23.18 -8.49 -3.84
N ARG B 901 -24.11 -8.71 -4.77
CA ARG B 901 -24.78 -7.60 -5.49
C ARG B 901 -23.73 -6.66 -6.09
N ASP B 902 -22.92 -7.26 -6.95
CA ASP B 902 -21.75 -6.65 -7.52
C ASP B 902 -22.05 -6.24 -8.94
N PRO B 903 -21.81 -4.96 -9.26
CA PRO B 903 -21.97 -4.53 -10.66
C PRO B 903 -20.84 -5.08 -11.53
N ASN B 904 -19.76 -5.56 -10.92
CA ASN B 904 -18.60 -6.00 -11.69
C ASN B 904 -18.06 -7.39 -11.38
N THR B 905 -17.81 -8.15 -12.44
CA THR B 905 -17.11 -9.43 -12.37
C THR B 905 -15.62 -9.64 -12.59
N ILE B 906 -15.09 -8.97 -13.60
CA ILE B 906 -13.69 -9.09 -13.97
C ILE B 906 -12.88 -8.23 -13.01
N GLU B 907 -13.36 -7.01 -12.77
CA GLU B 907 -12.64 -6.10 -11.89
C GLU B 907 -12.57 -6.69 -10.48
N THR B 908 -13.63 -7.39 -10.07
CA THR B 908 -13.67 -8.01 -8.75
C THR B 908 -12.67 -9.14 -8.61
N LEU B 909 -12.61 -10.01 -9.61
CA LEU B 909 -11.61 -11.06 -9.63
C LEU B 909 -10.19 -10.49 -9.63
N GLN B 910 -9.98 -9.40 -10.34
CA GLN B 910 -8.69 -8.70 -10.32
C GLN B 910 -8.36 -8.18 -8.92
N SER B 911 -9.35 -7.59 -8.27
CA SER B 911 -9.16 -7.07 -6.93
C SER B 911 -8.89 -8.18 -5.94
N PHE B 912 -9.44 -9.37 -6.18
CA PHE B 912 -9.10 -10.52 -5.37
C PHE B 912 -7.59 -10.76 -5.44
N GLY B 913 -7.04 -10.68 -6.64
CA GLY B 913 -5.61 -10.89 -6.84
C GLY B 913 -4.78 -9.79 -6.19
N MLZ B 914 -5.23 -8.55 -6.33
CA MLZ B 914 -4.56 -7.42 -5.76
CB MLZ B 914 -5.27 -6.15 -6.20
CG MLZ B 914 -4.86 -5.78 -7.61
CD MLZ B 914 -5.51 -4.46 -7.98
CE MLZ B 914 -5.77 -4.36 -9.47
NZ MLZ B 914 -6.89 -3.52 -9.75
CM MLZ B 914 -6.60 -2.16 -9.43
C MLZ B 914 -4.53 -7.51 -4.26
O MLZ B 914 -3.52 -7.12 -3.63
N ALA B 915 -5.61 -8.03 -3.66
CA ALA B 915 -5.72 -8.17 -2.21
C ALA B 915 -4.65 -9.11 -1.66
N VAL B 916 -4.36 -10.15 -2.42
CA VAL B 916 -3.34 -11.12 -2.05
C VAL B 916 -1.93 -10.51 -2.19
N ASP B 917 -1.74 -9.70 -3.23
CA ASP B 917 -0.48 -8.97 -3.40
C ASP B 917 -0.27 -8.03 -2.23
N TRP B 918 -1.31 -7.32 -1.84
CA TRP B 918 -1.23 -6.39 -0.72
C TRP B 918 -0.87 -7.12 0.57
N ALA B 919 -1.48 -8.29 0.79
CA ALA B 919 -1.20 -9.06 1.98
C ALA B 919 0.26 -9.49 2.03
N MLY B 920 0.79 -9.94 0.88
CA MLY B 920 2.19 -10.36 0.81
CB MLY B 920 2.50 -11.07 -0.52
CG MLY B 920 1.80 -12.40 -0.73
CD MLY B 920 1.96 -12.89 -2.17
CE MLY B 920 3.40 -13.30 -2.49
NZ MLY B 920 3.60 -13.80 -3.90
CH1 MLY B 920 3.52 -15.26 -3.87
CH2 MLY B 920 2.47 -13.34 -4.71
C MLY B 920 3.16 -9.18 1.00
O MLY B 920 4.25 -9.36 1.54
N SER B 921 2.76 -8.00 0.57
CA SER B 921 3.61 -6.83 0.70
C SER B 921 3.80 -6.48 2.17
N GLY B 922 2.87 -6.91 3.00
CA GLY B 922 2.94 -6.66 4.43
C GLY B 922 2.73 -5.21 4.82
N MLY B 923 2.06 -4.44 3.98
CA MLY B 923 1.92 -3.00 4.23
CB MLY B 923 1.82 -2.20 2.92
CG MLY B 923 3.11 -2.11 2.15
CD MLY B 923 4.10 -1.21 2.84
CE MLY B 923 5.38 -1.10 2.02
NZ MLY B 923 5.06 -0.71 0.62
CH1 MLY B 923 4.70 0.71 0.66
CH2 MLY B 923 6.32 -0.82 -0.13
C MLY B 923 0.74 -2.69 5.12
O MLY B 923 -0.14 -1.90 4.78
N PHE B 924 0.72 -3.33 6.28
CA PHE B 924 -0.31 -3.11 7.28
C PHE B 924 0.38 -3.04 8.64
N THR B 925 -0.24 -2.34 9.58
CA THR B 925 0.38 -2.06 10.86
C THR B 925 0.01 -3.04 11.97
N GLN B 926 0.68 -2.86 13.11
CA GLN B 926 0.38 -3.61 14.31
C GLN B 926 -1.02 -3.30 14.79
N GLN B 927 -1.46 -2.05 14.60
CA GLN B 927 -2.81 -1.67 15.01
C GLN B 927 -3.82 -2.35 14.09
N ASP B 928 -3.52 -2.42 12.80
CA ASP B 928 -4.37 -3.16 11.86
C ASP B 928 -4.55 -4.60 12.34
N ILE B 929 -3.46 -5.19 12.84
CA ILE B 929 -3.47 -6.57 13.30
C ILE B 929 -4.29 -6.74 14.59
N ASP B 930 -4.07 -5.84 15.53
CA ASP B 930 -4.83 -5.86 16.76
C ASP B 930 -6.33 -5.72 16.49
N GLU B 931 -6.69 -4.89 15.52
CA GLU B 931 -8.09 -4.65 15.22
C GLU B 931 -8.76 -5.84 14.53
N ALA B 932 -8.01 -6.56 13.72
CA ALA B 932 -8.51 -7.79 13.13
C ALA B 932 -8.71 -8.86 14.22
N MLZ B 933 -7.88 -8.82 15.25
CA MLZ B 933 -8.01 -9.72 16.35
CB MLZ B 933 -6.89 -9.54 17.37
CG MLZ B 933 -5.70 -10.43 17.06
CD MLZ B 933 -4.58 -10.15 18.04
CE MLZ B 933 -3.27 -10.68 17.47
NZ MLZ B 933 -2.21 -10.51 18.40
CM MLZ B 933 -1.90 -9.12 18.61
C MLZ B 933 -9.31 -9.43 17.06
O MLZ B 933 -10.08 -10.37 17.37
N LEU B 934 -9.57 -8.16 17.35
CA LEU B 934 -10.81 -7.75 18.00
C LEU B 934 -12.01 -8.22 17.20
N SER B 935 -11.93 -8.04 15.89
CA SER B 935 -13.01 -8.43 15.00
C SER B 935 -13.25 -9.92 15.07
N VAL B 936 -12.17 -10.69 14.98
CA VAL B 936 -12.26 -12.13 14.99
C VAL B 936 -12.80 -12.66 16.32
N PHE B 937 -12.30 -12.15 17.43
CA PHE B 937 -12.78 -12.61 18.73
C PHE B 937 -14.21 -12.19 19.04
N SER B 938 -14.66 -11.09 18.46
CA SER B 938 -16.03 -10.67 18.69
C SER B 938 -16.98 -11.66 18.01
N THR B 939 -16.49 -12.29 16.96
CA THR B 939 -17.23 -13.34 16.25
C THR B 939 -17.22 -14.68 16.99
N VAL B 940 -16.02 -15.15 17.34
CA VAL B 940 -15.89 -16.48 17.95
C VAL B 940 -16.29 -16.52 19.41
N ASP B 941 -16.34 -15.36 20.07
CA ASP B 941 -16.79 -15.29 21.46
C ASP B 941 -18.23 -14.86 21.59
N ALA B 942 -18.98 -14.92 20.49
CA ALA B 942 -20.40 -14.60 20.54
C ALA B 942 -21.13 -15.56 21.46
N PRO B 943 -22.15 -15.07 22.17
CA PRO B 943 -22.86 -15.88 23.16
C PRO B 943 -23.55 -17.10 22.54
N VAL B 944 -23.52 -18.20 23.26
CA VAL B 944 -24.15 -19.44 22.85
C VAL B 944 -25.42 -19.66 23.66
N ALA B 945 -26.51 -19.99 22.98
CA ALA B 945 -27.77 -20.27 23.68
C ALA B 945 -27.66 -21.52 24.54
N PRO B 946 -28.47 -21.61 25.61
CA PRO B 946 -28.52 -22.83 26.42
C PRO B 946 -28.80 -24.06 25.57
N SER B 947 -29.64 -23.93 24.57
CA SER B 947 -29.97 -25.05 23.69
C SER B 947 -28.80 -25.51 22.83
N ASP B 948 -27.81 -24.65 22.66
CA ASP B 948 -26.69 -24.96 21.77
C ASP B 948 -25.37 -25.24 22.46
N MLY B 949 -25.31 -25.13 23.77
CA MLY B 949 -24.11 -25.51 24.49
CB MLY B 949 -24.26 -25.32 25.99
CG MLY B 949 -23.28 -24.35 26.60
CD MLY B 949 -23.66 -22.92 26.26
CE MLY B 949 -22.49 -21.98 26.48
NZ MLY B 949 -22.03 -21.91 27.91
CH1 MLY B 949 -20.56 -22.00 27.89
CH2 MLY B 949 -22.39 -20.58 28.40
C MLY B 949 -23.73 -26.96 24.19
O MLY B 949 -24.61 -27.83 24.12
N GLY B 950 -22.45 -27.21 23.97
CA GLY B 950 -21.95 -28.55 23.73
C GLY B 950 -22.05 -29.03 22.30
N MET B 951 -22.52 -28.17 21.40
CA MET B 951 -22.69 -28.59 20.01
C MET B 951 -21.40 -28.64 19.22
N ASP B 952 -20.43 -27.81 19.58
CA ASP B 952 -19.11 -27.88 18.96
C ASP B 952 -18.50 -29.23 19.28
N HIS B 953 -18.75 -29.69 20.49
CA HIS B 953 -18.25 -30.98 20.91
C HIS B 953 -19.03 -32.10 20.23
N PHE B 954 -20.35 -31.95 20.13
CA PHE B 954 -21.20 -33.00 19.58
C PHE B 954 -20.99 -33.17 18.08
N LEU B 955 -20.98 -32.07 17.33
CA LEU B 955 -20.87 -32.14 15.88
C LEU B 955 -19.46 -32.31 15.35
N TYR B 956 -18.56 -31.41 15.77
CA TYR B 956 -17.23 -31.35 15.19
C TYR B 956 -16.13 -31.99 16.03
N GLY B 957 -16.49 -32.49 17.21
CA GLY B 957 -15.50 -33.10 18.07
C GLY B 957 -14.50 -32.09 18.62
N LEU B 958 -14.94 -30.84 18.76
CA LEU B 958 -14.10 -29.78 19.30
C LEU B 958 -14.11 -29.76 20.82
N SER B 959 -13.01 -30.17 21.42
CA SER B 959 -12.91 -30.09 22.88
C SER B 959 -12.61 -28.67 23.30
N ASP B 960 -12.69 -28.40 24.61
CA ASP B 960 -12.38 -27.07 25.09
C ASP B 960 -10.88 -26.83 24.98
N GLU B 961 -10.10 -27.90 25.16
CA GLU B 961 -8.65 -27.77 25.08
C GLU B 961 -8.21 -27.43 23.66
N MET B 962 -8.97 -27.90 22.67
CA MET B 962 -8.68 -27.58 21.29
C MET B 962 -9.04 -26.14 20.97
N MLY B 963 -10.19 -25.69 21.48
CA MLY B 963 -10.63 -24.31 21.25
CB MLY B 963 -12.07 -24.10 21.74
CG MLY B 963 -13.10 -24.94 21.01
CD MLY B 963 -14.50 -24.35 21.12
CE MLY B 963 -14.85 -23.99 22.55
NZ MLY B 963 -16.30 -23.76 22.73
CH1 MLY B 963 -16.74 -22.81 21.70
CH2 MLY B 963 -16.96 -25.05 22.46
C MLY B 963 -9.70 -23.31 21.93
O MLY B 963 -9.48 -22.22 21.40
N GLN B 964 -9.18 -23.68 23.10
CA GLN B 964 -8.29 -22.80 23.83
C GLN B 964 -6.92 -22.72 23.16
N ALA B 965 -6.44 -23.84 22.62
CA ALA B 965 -5.19 -23.85 21.88
C ALA B 965 -5.29 -22.93 20.66
N HIS B 966 -6.41 -23.00 19.96
CA HIS B 966 -6.64 -22.19 18.78
C HIS B 966 -6.74 -20.74 19.21
N ARG B 967 -7.31 -20.53 20.39
CA ARG B 967 -7.46 -19.21 20.96
C ARG B 967 -6.11 -18.55 21.21
N GLU B 968 -5.21 -19.31 21.81
CA GLU B 968 -3.87 -18.83 22.10
C GLU B 968 -3.04 -18.63 20.84
N GLN B 969 -3.33 -19.40 19.80
CA GLN B 969 -2.65 -19.22 18.54
C GLN B 969 -3.08 -17.92 17.86
N LEU B 970 -4.36 -17.58 18.00
CA LEU B 970 -4.86 -16.34 17.46
C LEU B 970 -4.24 -15.15 18.20
N PHE B 971 -4.08 -15.27 19.51
CA PHE B 971 -3.44 -14.22 20.28
C PHE B 971 -2.02 -14.00 19.79
N ALA B 972 -1.34 -15.09 19.42
CA ALA B 972 0.07 -15.03 19.05
C ALA B 972 0.34 -14.62 17.61
N VAL B 973 -0.71 -14.49 16.79
CA VAL B 973 -0.51 -14.16 15.39
C VAL B 973 0.28 -12.86 15.27
N SER B 974 1.36 -12.88 14.49
CA SER B 974 2.23 -11.72 14.37
C SER B 974 2.35 -11.26 12.94
N HIS B 975 2.99 -10.12 12.76
CA HIS B 975 3.15 -9.52 11.44
C HIS B 975 3.93 -10.46 10.54
N ASP B 976 5.00 -11.03 11.04
CA ASP B 976 5.84 -11.87 10.20
C ASP B 976 5.12 -13.15 9.79
N MLZ B 977 4.29 -13.70 10.68
CA MLZ B 977 3.52 -14.87 10.40
CB MLZ B 977 2.74 -15.29 11.61
CG MLZ B 977 3.54 -16.21 12.49
CD MLZ B 977 2.75 -16.46 13.76
CE MLZ B 977 3.23 -17.73 14.42
NZ MLZ B 977 4.21 -17.42 15.41
CM MLZ B 977 3.96 -16.12 15.95
C MLZ B 977 2.49 -14.60 9.31
O MLZ B 977 2.25 -15.46 8.43
N LEU B 978 1.88 -13.42 9.36
CA LEU B 978 0.89 -13.05 8.36
C LEU B 978 1.52 -12.96 6.98
N LEU B 979 2.74 -12.44 6.92
CA LEU B 979 3.47 -12.33 5.67
C LEU B 979 3.85 -13.67 5.09
N ALA B 980 4.24 -14.60 5.96
CA ALA B 980 4.62 -15.93 5.54
C ALA B 980 3.43 -16.71 4.98
N VAL B 981 2.32 -16.72 5.71
CA VAL B 981 1.18 -17.54 5.28
C VAL B 981 0.54 -16.97 4.03
N SER B 982 0.68 -15.67 3.80
CA SER B 982 0.18 -15.06 2.57
C SER B 982 0.91 -15.62 1.38
N ASP B 983 2.22 -15.69 1.51
CA ASP B 983 3.05 -16.20 0.44
C ASP B 983 2.85 -17.70 0.30
N ARG B 984 2.76 -18.39 1.43
CA ARG B 984 2.72 -19.84 1.43
C ARG B 984 1.47 -20.43 0.80
N TYR B 985 0.31 -19.80 1.02
CA TYR B 985 -0.96 -20.39 0.60
C TYR B 985 -1.73 -19.60 -0.47
N LEU B 986 -1.61 -18.29 -0.45
CA LEU B 986 -2.48 -17.46 -1.28
C LEU B 986 -1.84 -16.96 -2.58
N GLY B 987 -0.52 -17.00 -2.66
CA GLY B 987 0.15 -16.60 -3.89
C GLY B 987 -0.26 -17.49 -5.07
N THR B 988 -0.02 -17.00 -6.28
CA THR B 988 -0.38 -17.72 -7.49
C THR B 988 0.37 -19.04 -7.63
N GLY B 989 -0.37 -20.10 -7.95
CA GLY B 989 0.22 -21.41 -8.19
C GLY B 989 0.59 -22.15 -6.92
N MLZ B 990 0.29 -21.55 -5.77
CA MLZ B 990 0.70 -22.09 -4.52
CB MLZ B 990 0.88 -20.98 -3.51
CG MLZ B 990 2.28 -21.08 -2.94
CD MLZ B 990 3.26 -20.33 -3.81
CE MLZ B 990 4.68 -20.77 -3.48
NZ MLZ B 990 4.77 -21.11 -2.10
CM MLZ B 990 5.31 -22.42 -1.93
C MLZ B 990 -0.32 -23.10 -4.03
O MLZ B 990 0.06 -24.13 -3.43
N SER B 991 -1.60 -22.81 -4.26
CA SER B 991 -2.66 -23.74 -3.86
C SER B 991 -3.69 -23.85 -4.96
N THR B 992 -4.57 -24.84 -4.87
CA THR B 992 -5.65 -24.96 -5.84
C THR B 992 -6.78 -23.98 -5.54
N HIS B 993 -7.22 -23.27 -6.59
CA HIS B 993 -8.32 -22.32 -6.52
C HIS B 993 -9.54 -22.83 -7.24
N GLY B 994 -10.70 -22.32 -6.86
CA GLY B 994 -11.91 -22.54 -7.62
C GLY B 994 -12.63 -21.22 -7.73
N LEU B 995 -13.30 -20.99 -8.85
CA LEU B 995 -14.00 -19.74 -9.07
C LEU B 995 -15.40 -19.99 -9.59
N ALA B 996 -16.35 -19.17 -9.16
CA ALA B 996 -17.71 -19.24 -9.71
C ALA B 996 -18.40 -17.88 -9.66
N ILE B 997 -19.26 -17.67 -10.64
CA ILE B 997 -20.00 -16.42 -10.78
C ILE B 997 -21.45 -16.71 -11.10
N LEU B 998 -22.34 -16.06 -10.37
CA LEU B 998 -23.73 -16.02 -10.78
C LEU B 998 -23.99 -14.62 -11.32
N GLY B 999 -24.44 -14.54 -12.57
CA GLY B 999 -24.71 -13.25 -13.17
C GLY B 999 -25.06 -13.39 -14.62
N PRO B 1000 -25.40 -12.26 -15.27
CA PRO B 1000 -25.81 -12.23 -16.68
C PRO B 1000 -24.65 -12.48 -17.62
N GLU B 1001 -24.92 -12.55 -18.92
CA GLU B 1001 -23.88 -12.82 -19.92
C GLU B 1001 -22.71 -11.86 -19.81
N ASN B 1002 -21.51 -12.43 -19.78
CA ASN B 1002 -20.30 -11.66 -19.83
C ASN B 1002 -19.50 -12.10 -21.05
N PRO B 1003 -19.41 -11.24 -22.05
CA PRO B 1003 -18.67 -11.51 -23.29
C PRO B 1003 -17.21 -11.91 -23.07
N LYS B 1004 -16.48 -11.19 -22.21
CA LYS B 1004 -15.07 -11.53 -21.95
C LYS B 1004 -14.89 -12.94 -21.39
N ILE B 1005 -15.72 -13.29 -20.42
CA ILE B 1005 -15.63 -14.60 -19.79
C ILE B 1005 -16.02 -15.68 -20.79
N ALA B 1006 -16.97 -15.36 -21.65
CA ALA B 1006 -17.45 -16.30 -22.67
C ALA B 1006 -16.33 -16.68 -23.65
N LYS B 1007 -15.37 -15.79 -23.85
CA LYS B 1007 -14.29 -16.08 -24.78
C LYS B 1007 -13.07 -16.69 -24.09
N ASP B 1008 -13.18 -16.89 -22.78
CA ASP B 1008 -12.12 -17.55 -22.04
C ASP B 1008 -12.39 -19.04 -21.94
N PRO B 1009 -11.52 -19.85 -22.56
CA PRO B 1009 -11.71 -21.30 -22.58
C PRO B 1009 -11.55 -21.93 -21.19
N SER B 1010 -10.97 -21.21 -20.24
CA SER B 1010 -10.88 -21.73 -18.89
C SER B 1010 -12.17 -21.53 -18.10
N TRP B 1011 -13.17 -20.93 -18.74
CA TRP B 1011 -14.48 -20.74 -18.12
C TRP B 1011 -15.54 -21.65 -18.71
N ILE B 1012 -16.22 -22.37 -17.82
CA ILE B 1012 -17.37 -23.19 -18.16
C ILE B 1012 -18.66 -22.41 -17.96
N ILE B 1013 -19.53 -22.39 -18.97
CA ILE B 1013 -20.82 -21.71 -18.82
C ILE B 1013 -21.90 -22.70 -18.45
N ARG B 1014 -22.60 -22.44 -17.34
CA ARG B 1014 -23.61 -23.35 -16.85
C ARG B 1014 -24.95 -22.64 -16.66
ZN ZN C . 28.48 2.83 1.80
O01 3UE D . 39.98 18.68 -0.49
C02 3UE D . 40.96 18.89 -1.13
C03 3UE D . 41.98 17.86 -1.12
C04 3UE D . 42.39 17.29 -2.28
C05 3UE D . 43.39 16.30 -2.28
C06 3UE D . 43.95 15.88 -1.08
N07 3UE D . 44.98 14.86 -1.17
O08 3UE D . 45.89 14.65 -0.12
O09 3UE D . 45.08 14.23 -2.14
C10 3UE D . 43.52 16.45 0.13
C11 3UE D . 44.11 16.03 1.50
C12 3UE D . 42.54 17.43 0.11
N13 3UE D . 41.10 20.15 -1.92
C14 3UE D . 40.13 21.08 -1.88
C15 3UE D . 40.67 22.40 -1.38
C16 3UE D . 42.18 20.44 -2.62
C17 3UE D . 42.81 21.72 -2.08
N18 3UE D . 41.91 22.83 -1.95
C19 3UE D . 42.44 23.75 -1.24
C20 3UE D . 43.81 24.28 -1.81
C21 3UE D . 44.85 24.49 -0.96
C22 3UE D . 46.06 24.96 -1.45
C23 3UE D . 46.22 25.23 -2.78
C24 3UE D . 45.17 25.03 -3.64
C25 3UE D . 43.97 24.56 -3.15
C26 3UE D . 41.52 25.00 -1.07
C27 3UE D . 41.39 25.61 0.17
C28 3UE D . 40.56 26.75 0.33
C29 3UE D . 39.85 27.30 -0.82
C30 3UE D . 39.99 26.70 -2.03
C31 3UE D . 40.84 25.54 -2.18
H1 3UE D . 42.01 17.59 -3.12
H2 3UE D . 43.68 15.92 -3.08
H3 3UE D . 44.72 16.74 1.85
H4 3UE D . 44.65 15.15 1.39
H5 3UE D . 43.29 15.87 2.23
H6 3UE D . 42.25 17.82 0.93
H7 3UE D . 39.38 20.74 -1.24
H8 3UE D . 39.76 21.20 -2.79
H9 3UE D . 40.80 22.32 -0.36
H10 3UE D . 39.98 23.11 -1.56
H11 3UE D . 41.96 20.56 -3.51
H12 3UE D . 42.87 19.66 -2.53
H13 3UE D . 43.54 21.98 -2.68
H14 3UE D . 43.14 21.56 -1.31
H16 3UE D . 42.62 23.34 -0.28
H17 3UE D . 44.74 24.29 0.01
H18 3UE D . 46.81 25.10 -0.84
H19 3UE D . 47.11 25.59 -3.13
H20 3UE D . 45.28 25.24 -4.65
H21 3UE D . 43.26 24.44 -3.73
H22 3UE D . 41.87 25.24 0.95
H23 3UE D . 40.46 27.20 1.27
H24 3UE D . 39.28 28.07 -0.72
H25 3UE D . 39.49 27.08 -2.83
H26 3UE D . 40.94 25.09 -3.11
O01 3UE E . 44.99 19.11 -4.05
C02 3UE E . 45.57 20.10 -3.73
C03 3UE E . 45.77 21.10 -4.77
C04 3UE E . 44.69 21.68 -5.36
C05 3UE E . 44.87 22.65 -6.38
C06 3UE E . 46.15 22.99 -6.79
N07 3UE E . 46.30 23.97 -7.84
O08 3UE E . 47.03 23.66 -9.01
O09 3UE E . 45.81 25.00 -7.72
C10 3UE E . 47.26 22.38 -6.21
C11 3UE E . 48.69 22.76 -6.68
C12 3UE E . 47.07 21.43 -5.21
N13 3UE E . 46.08 20.27 -2.34
C14 3UE E . 45.85 19.27 -1.50
C15 3UE E . 46.95 19.17 -0.46
C16 3UE E . 46.69 21.39 -2.01
C17 3UE E . 47.65 21.27 -0.84
N18 3UE E . 47.23 20.41 0.19
C19 3UE E . 48.12 20.33 1.10
C20 3UE E . 48.30 21.64 1.98
C21 3UE E . 49.35 21.71 2.83
C22 3UE E . 49.54 22.81 3.64
C23 3UE E . 48.67 23.84 3.57
C24 3UE E . 47.60 23.79 2.71
C25 3UE E . 47.40 22.69 1.93
C26 3UE E . 47.80 19.15 2.07
C27 3UE E . 48.70 18.09 2.21
C28 3UE E . 48.41 17.01 3.08
C29 3UE E . 47.15 16.99 3.82
C30 3UE E . 46.28 18.02 3.68
C31 3UE E . 46.57 19.13 2.78
H1 3UE E . 43.78 21.45 -5.06
H2 3UE E . 44.14 23.05 -6.77
H3 3UE E . 48.87 22.35 -7.57
H4 3UE E . 49.38 22.40 -6.00
H5 3UE E . 48.78 23.87 -6.76
H6 3UE E . 47.83 21.02 -4.81
H7 3UE E . 45.81 18.38 -2.03
H8 3UE E . 44.98 19.41 -1.04
H9 3UE E . 47.82 18.85 -0.93
H10 3UE E . 46.68 18.48 0.22
H11 3UE E . 46.05 22.02 -1.79
H12 3UE E . 47.23 21.73 -2.83
H13 3UE E . 47.79 22.16 -0.47
H14 3UE E . 48.40 20.99 -1.13
H16 3UE E . 49.04 20.13 0.62
H17 3UE E . 50.00 20.93 2.88
H18 3UE E . 50.31 22.85 4.24
H19 3UE E . 48.81 24.68 4.17
H20 3UE E . 46.93 24.57 2.67
H21 3UE E . 46.69 22.66 1.36
H22 3UE E . 49.56 18.11 1.71
H23 3UE E . 49.09 16.23 3.19
H24 3UE E . 46.95 16.26 4.42
H25 3UE E . 45.40 18.01 4.20
H26 3UE E . 45.90 19.91 2.68
C1 GOL F . 48.08 16.75 -7.39
O1 GOL F . 49.38 16.23 -7.42
C2 GOL F . 48.20 18.25 -7.17
O2 GOL F . 46.92 18.86 -7.27
C3 GOL F . 48.80 18.48 -5.79
O3 GOL F . 47.99 17.90 -4.79
C1 GOL G . 40.96 -7.50 -5.13
O1 GOL G . 40.91 -8.87 -4.76
C2 GOL G . 39.96 -6.70 -4.30
O2 GOL G . 40.67 -5.83 -3.46
C3 GOL G . 39.07 -5.90 -5.24
O3 GOL G . 38.50 -6.75 -6.21
C1 GOL H . 23.41 6.50 3.59
O1 GOL H . 24.40 7.23 2.90
C2 GOL H . 24.04 5.23 4.16
O2 GOL H . 25.43 5.45 4.27
C3 GOL H . 23.44 4.92 5.53
O3 GOL H . 22.76 3.69 5.50
C1 GOL I . 56.40 26.37 -22.77
O1 GOL I . 55.25 26.74 -23.50
C2 GOL I . 56.62 27.36 -21.62
O2 GOL I . 56.94 26.67 -20.44
C3 GOL I . 57.74 28.32 -21.98
O3 GOL I . 58.88 27.61 -22.43
C1 GOL J . 11.09 -10.75 -19.39
O1 GOL J . 12.27 -11.09 -20.08
C2 GOL J . 11.31 -9.43 -18.67
O2 GOL J . 12.27 -8.70 -19.37
C3 GOL J . 10.01 -8.62 -18.68
O3 GOL J . 10.16 -7.49 -17.84
C1 GOL K . 35.09 23.40 -17.34
O1 GOL K . 36.15 22.59 -17.81
C2 GOL K . 35.56 24.82 -17.08
O2 GOL K . 36.63 25.19 -17.93
C3 GOL K . 34.40 25.77 -17.32
O3 GOL K . 34.92 27.07 -17.41
C1 GOL L . 40.80 -1.92 15.14
O1 GOL L . 39.92 -2.91 15.66
C2 GOL L . 41.89 -1.63 16.16
O2 GOL L . 43.18 -1.88 15.62
C3 GOL L . 41.82 -0.17 16.61
O3 GOL L . 42.72 0.02 17.67
C1 GOL M . 29.75 32.83 14.24
O1 GOL M . 29.31 31.88 13.27
C2 GOL M . 28.88 32.77 15.49
O2 GOL M . 29.66 32.55 16.65
C3 GOL M . 28.11 34.08 15.64
O3 GOL M . 27.67 34.21 16.98
C1 GOL N . 33.14 3.66 -0.70
O1 GOL N . 34.14 2.68 -0.84
C2 GOL N . 32.80 3.79 0.77
O2 GOL N . 33.84 3.18 1.51
C3 GOL N . 32.67 5.27 1.16
O3 GOL N . 31.98 5.42 2.38
C1 GOL O . 29.19 10.41 -18.44
O1 GOL O . 29.58 11.05 -17.24
C2 GOL O . 27.73 10.02 -18.35
O2 GOL O . 27.08 10.90 -17.47
C3 GOL O . 27.07 10.15 -19.72
O3 GOL O . 26.62 11.47 -19.88
C1 GOL P . 25.90 46.18 -17.59
O1 GOL P . 24.57 46.21 -18.02
C2 GOL P . 26.74 47.11 -18.47
O2 GOL P . 27.44 46.36 -19.43
C3 GOL P . 25.82 48.11 -19.18
O3 GOL P . 25.54 49.19 -18.32
C ACT Q . 32.34 36.90 0.35
O ACT Q . 31.26 36.62 0.90
OXT ACT Q . 33.34 36.87 1.09
CH3 ACT Q . 32.45 37.26 -1.11
C ACT R . 43.54 8.90 -14.36
O ACT R . 42.86 8.02 -13.78
OXT ACT R . 43.23 9.14 -15.54
CH3 ACT R . 44.67 9.61 -13.67
C ACT S . 28.23 5.38 1.73
O ACT S . 27.42 4.57 1.23
OXT ACT S . 29.09 4.91 2.51
CH3 ACT S . 28.20 6.84 1.40
ZN ZN T . -28.64 -0.42 2.76
O01 3UE U . -40.42 -9.81 15.25
C02 3UE U . -41.40 -10.47 15.15
C03 3UE U . -42.41 -10.04 14.19
C04 3UE U . -42.87 -10.87 13.20
C05 3UE U . -43.90 -10.40 12.32
C06 3UE U . -44.40 -9.11 12.44
N07 3UE U . -45.44 -8.68 11.53
O08 3UE U . -46.38 -7.74 11.98
O09 3UE U . -45.58 -9.13 10.46
C10 3UE U . -43.92 -8.27 13.45
C11 3UE U . -44.44 -6.83 13.66
C12 3UE U . -42.94 -8.73 14.32
N13 3UE U . -41.62 -11.65 16.04
C14 3UE U . -40.69 -11.98 16.95
C15 3UE U . -41.34 -11.99 18.33
C16 3UE U . -42.72 -12.37 15.98
C17 3UE U . -43.40 -12.43 17.34
N18 3UE U . -42.54 -12.78 18.43
C19 3UE U . -43.14 -12.57 19.54
C20 3UE U . -44.52 -13.31 19.71
C21 3UE U . -45.57 -12.62 20.20
C22 3UE U . -46.80 -13.23 20.35
C23 3UE U . -46.96 -14.53 20.01
C24 3UE U . -45.90 -15.25 19.50
C25 3UE U . -44.68 -14.64 19.36
C26 3UE U . -42.28 -12.97 20.76
C27 3UE U . -42.13 -12.06 21.81
C28 3UE U . -41.34 -12.40 22.93
C29 3UE U . -40.69 -13.70 22.98
C30 3UE U . -40.83 -14.59 21.96
C31 3UE U . -41.65 -14.24 20.81
H1 3UE U . -42.53 -11.77 13.12
H2 3UE U . -44.22 -10.96 11.65
H3 3UE U . -45.02 -6.79 14.47
H4 3UE U . -44.98 -6.53 12.84
H5 3UE U . -43.57 -6.13 13.81
H6 3UE U . -42.61 -8.16 15.00
H7 3UE U . -39.93 -11.29 16.93
H8 3UE U . -40.33 -12.88 16.74
H9 3UE U . -41.57 -11.02 18.58
H10 3UE U . -40.67 -12.35 18.99
H11 3UE U . -42.51 -13.23 15.71
H12 3UE U . -43.37 -11.93 15.30
H13 3UE U . -44.11 -13.08 17.30
H14 3UE U . -43.73 -11.68 17.52
H16 3UE U . -43.33 -11.54 19.60
H17 3UE U . -45.46 -11.66 20.45
H18 3UE U . -47.55 -12.73 20.71
H19 3UE U . -47.88 -14.99 20.12
H20 3UE U . -46.02 -16.24 19.24
H21 3UE U . -43.97 -15.11 19.02
H22 3UE U . -42.58 -11.18 21.77
H23 3UE U . -41.23 -11.73 23.72
H24 3UE U . -40.15 -13.94 23.75
H25 3UE U . -40.37 -15.49 22.01
H26 3UE U . -41.76 -14.90 20.03
O01 3UE V . -45.52 -13.05 13.91
C02 3UE V . -46.07 -13.24 14.96
C03 3UE V . -46.27 -14.63 15.35
C04 3UE V . -45.22 -15.46 15.59
C05 3UE V . -45.46 -16.80 15.98
C06 3UE V . -46.76 -17.29 16.11
N07 3UE V . -46.91 -18.68 16.50
O08 3UE V . -48.03 -19.45 16.14
O09 3UE V . -46.08 -19.16 17.14
C10 3UE V . -47.85 -16.44 15.85
C11 3UE V . -49.33 -16.89 15.96
C12 3UE V . -47.61 -15.13 15.47
N13 3UE V . -46.51 -12.08 15.79
C14 3UE V . -46.28 -10.86 15.28
C15 3UE V . -47.48 -9.96 15.48
C16 3UE V . -47.12 -12.25 16.94
C17 3UE V . -48.29 -11.29 17.10
N18 3UE V . -47.91 -9.96 16.85
C19 3UE V . -48.85 -9.15 17.13
C20 3UE V . -49.03 -8.90 18.68
C21 3UE V . -50.10 -8.20 19.10
C22 3UE V . -50.30 -7.96 20.45
C23 3UE V . -49.39 -8.41 21.34
C24 3UE V . -48.29 -9.11 20.91
C25 3UE V . -48.10 -9.36 19.59
C26 3UE V . -48.50 -7.75 16.54
C27 3UE V . -49.27 -7.17 15.52
C28 3UE V . -48.89 -5.92 15.00
C29 3UE V . -47.70 -5.25 15.51
C30 3UE V . -46.94 -5.83 16.47
C31 3UE V . -47.33 -7.11 17.02
H1 3UE V . -44.31 -15.13 15.51
H2 3UE V . -44.74 -17.37 16.15
H3 3UE V . -49.74 -16.52 16.78
H4 3UE V . -49.37 -17.91 16.01
H5 3UE V . -49.90 -16.55 15.07
H6 3UE V . -48.34 -14.55 15.31
H7 3UE V . -46.08 -10.94 14.27
H8 3UE V . -45.49 -10.46 15.74
H9 3UE V . -48.26 -10.28 14.88
H10 3UE V . -47.23 -9.01 15.22
H11 3UE V . -46.51 -12.10 17.62
H12 3UE V . -47.46 -13.23 17.01
H13 3UE V . -48.63 -11.37 18.01
H14 3UE V . -48.90 -11.52 16.55
H16 3UE V . -49.75 -9.49 16.71
H17 3UE V . -50.77 -7.86 18.43
H18 3UE V . -51.07 -7.46 20.75
H19 3UE V . -49.53 -8.22 22.35
H20 3UE V . -47.60 -9.46 21.61
H21 3UE V . -47.37 -9.84 19.31
H22 3UE V . -50.08 -7.63 15.20
H23 3UE V . -49.47 -5.47 14.25
H24 3UE V . -47.44 -4.39 15.15
H25 3UE V . -46.12 -5.35 16.81
H26 3UE V . -46.76 -7.56 17.75
C1 GOL W . -39.27 -3.62 -9.29
O1 GOL W . -38.05 -3.66 -9.98
C2 GOL W . -39.26 -2.49 -8.27
O2 GOL W . -38.36 -1.49 -8.70
C3 GOL W . -40.65 -1.88 -8.18
O3 GOL W . -40.55 -0.59 -7.66
C1 GOL X . -48.90 -15.27 10.00
O1 GOL X . -50.01 -14.90 9.24
C2 GOL X . -49.13 -14.78 11.42
O2 GOL X . -48.47 -15.67 12.29
C3 GOL X . -48.48 -13.41 11.54
O3 GOL X . -48.66 -12.92 12.85
C1 GOL Y . -23.78 -1.24 5.93
O1 GOL Y . -25.05 -1.77 5.59
C2 GOL Y . -23.96 -0.03 6.85
O2 GOL Y . -24.19 1.13 6.07
C3 GOL Y . -25.16 -0.27 7.75
O3 GOL Y . -26.31 -0.39 6.95
C1 GOL Z . -47.79 -10.97 33.41
O1 GOL Z . -48.99 -10.74 34.11
C2 GOL Z . -47.83 -10.22 32.08
O2 GOL Z . -48.81 -10.81 31.23
C3 GOL Z . -48.22 -8.78 32.36
O3 GOL Z . -47.16 -8.11 33.01
C1 GOL AA . -28.59 -23.19 0.87
O1 GOL AA . -27.36 -23.80 0.63
C2 GOL AA . -28.34 -21.95 1.71
O2 GOL AA . -27.03 -21.53 1.46
C3 GOL AA . -29.32 -20.86 1.33
O3 GOL AA . -29.31 -19.86 2.33
C1 GOL BA . -34.27 -1.14 2.55
O1 GOL BA . -34.92 -2.13 1.78
C2 GOL BA . -33.44 -1.82 3.63
O2 GOL BA . -32.67 -2.84 3.04
C3 GOL BA . -32.51 -0.80 4.27
O3 GOL BA . -31.91 -1.36 5.42
C1 GOL CA . -30.33 -2.58 34.81
O1 GOL CA . -31.10 -3.05 33.74
C2 GOL CA . -31.20 -2.32 36.03
O2 GOL CA . -30.36 -2.16 37.16
C3 GOL CA . -31.99 -1.04 35.83
O3 GOL CA . -31.11 0.05 35.84
C ACT DA . -32.12 12.12 -24.75
O ACT DA . -32.69 11.00 -24.60
OXT ACT DA . -32.42 13.01 -23.94
CH3 ACT DA . -31.13 12.40 -25.84
C ACT EA . -44.73 -11.99 6.48
O ACT EA . -45.76 -12.66 6.26
OXT ACT EA . -43.94 -11.85 5.51
CH3 ACT EA . -44.46 -11.38 7.83
C ACT FA . -43.31 -18.29 0.36
O ACT FA . -44.19 -18.54 1.21
OXT ACT FA . -43.11 -17.07 0.12
CH3 ACT FA . -42.52 -19.38 -0.31
C ACT GA . -20.77 -25.12 22.10
O ACT GA . -20.13 -26.10 21.65
OXT ACT GA . -21.53 -24.56 21.29
CH3 ACT GA . -20.61 -24.65 23.52
C ACT HA . -28.28 -1.67 4.94
O ACT HA . -29.26 -0.90 4.84
OXT ACT HA . -27.47 -1.68 3.98
CH3 ACT HA . -28.10 -2.54 6.16
CA CA IA . -44.51 -51.65 11.13
CA CA JA . -55.19 -42.02 11.39
#